data_8Q3R
#
_entry.id   8Q3R
#
_cell.length_a   1.00
_cell.length_b   1.00
_cell.length_c   1.00
_cell.angle_alpha   90.00
_cell.angle_beta   90.00
_cell.angle_gamma   90.00
#
_symmetry.space_group_name_H-M   'P 1'
#
loop_
_entity.id
_entity.type
_entity.pdbx_description
1 polymer 'Uracil-DNA glycosylase'
2 polymer 'DNA polymerase processivity factor component OPG148'
3 polymer 'DNA polymerase'
#
loop_
_entity_poly.entity_id
_entity_poly.type
_entity_poly.pdbx_seq_one_letter_code
_entity_poly.pdbx_strand_id
1 'polypeptide(L)'
;MASWSHPQFEKSGGGGGLVPRGSAMNSVTVSHAPYTITYHDDWEPVMSQLVEFYNEVASWLLRDETSPIPDKFFIQLKQP
LRNKRVCVCGIDPYPKDGTGVPFESPNFTKKSIKEIASSISRLTGVIDYKGYNLNIIDGVIPWNYYLSCKLGETKSHAIY
WDKISKLLLQHITKHVSVLYCLGKTDFSNIRAKLESPVTTIVGYHPAARDRQFEKDRSFEIINVLLELDNKAPINWAQGF
IY
;
D
2 'polypeptide(L)'
;MTSSADLTNLKELLSLYKSLRFSDSAAIEKYNSLVEWGTSTYWKIGVQKVANVETSISDYYDEVKNKPFNIDPGYYIFLP
VYFGSVFIYSKGKNMVELGSGNSFQIPDDMRSACNKVLDSDNGIDFLRFVLLNNRWIMEDAISKYQSPVNIFKLASEYGL
NIPKYLEIEIEEDTLFDDELYSIIERSFDDKFPKISISYIKLGELRRQVVDFFKFSFMYIESIKVDRIGDNIFIPSVITK
SGKKILVKDVDHLIRSKVREHTFVKVKKKNTFSILYDYDGNGTETRGEVIKRIIDTIGRDYYVNGKYFSKVGSAGLKQLT
NKLDINECATVDELVDEINKSGTVKRKIKNQSAFDLSRECLGYPEADFITLVNNMRFKIENCKVVNFNIENTNCLNNPSI
ETIYRNFNQFVSIFNVVTDVKKRLFE
;
A
3 'polypeptide(L)'
;MSYYHHHHHHDYDIPTTENLYFQGAMDPDVRCINWFESHGENRFLYLKSRCRNGETVFIRFPHYFYYVVTDEIYQSLSPP
PFNARPLGKMRTIDIDETISYNLDIKDRKCSVADMWLIEEPKKRSIQNATMDEFLNISWFYISNGISPDGCYSLDEQYLT
KINNGCYHCDDPRNCFAKKIPRFDIPRSYLFLDIECHFDKKFPSVFINPISHTSYCYIDLSGKRLLFTLINEEMLTEQEI
QEAVDRGCLRIQSLMEMDYERELVLCSEIVLLRIAKQLLELTFDYVVTFNGHNFDLRYITNRLELLTGEKIIFRSPDKKE
AVHLCIYERNQSSHKGVGGMANTTFHVNNNNGTIFFDLYSFIQKSEKLDSYKLDSISKNAFSCMGKVLNRGVREMTFIGD
DTTDAKGKAAAFAKVLTTGNYVTVDEDIICKVIRKDIWENGFKVVLLCPTLPNDTYKLSFGKDDVDLAQMYKDYNLNIAL
DMARYCIHDACLCQYLWEYYGVETKTDAGASTYVLPQSMVFEYRASTVIKGPLLKLLLETKTILVRSETKQKFPYEGGKV
FAPKQKMFSNNVLIFDYNSLYPNVCIFGNLSPETLVGVVVSTNRLEEEINNQLLLQKYPPPRYITVHCEPRLPNLISEIA
IFDRSIEGTIPRLLRTFLAERARYKKMLKQATSSTEKAIYDSMQYTYKIVANSVYGLMGFRNSALYSYASAKSCTSIGRR
MILYLESVLNGAELSNGMLRFANPLSNPFYMDDRDINPIVKTSLPIDYRFRFRSVYGDTDSVFTEIDSQDVDKSIEIAKE
LERLINNRVLFNNFKIEFEAVYKNLIMQSKKKYTTMKYSASSNSKSVPERINKGTSETRRDVSKFHKNMIKTYKTRLSEM
LSEGRMNSNQVCIDILRSLETDLRSEFDSRSSPLELFMLSRMHHSNYKSADNPNMYLVTEYNKNNPETIELGERYYFAYI
CPANVPWTKKLVNIKTYETIIDRSFKLGSDQRIFYEVYFKRLTSEIVNLLDNKVLCISFFERMFGSKPTFYEA
;
E
#
# COMPACT_ATOMS: atom_id res chain seq x y z
N MET A 25 -20.74 40.53 7.58
CA MET A 25 -19.81 40.43 8.69
C MET A 25 -20.53 40.21 10.02
N ASN A 26 -19.97 39.34 10.85
CA ASN A 26 -20.50 39.07 12.18
C ASN A 26 -19.34 39.13 13.18
N SER A 27 -19.65 39.50 14.41
CA SER A 27 -18.66 39.61 15.46
C SER A 27 -19.07 38.78 16.66
N VAL A 28 -18.08 38.26 17.38
CA VAL A 28 -18.31 37.38 18.53
C VAL A 28 -17.36 37.78 19.64
N THR A 29 -17.84 37.70 20.87
CA THR A 29 -17.09 38.12 22.04
C THR A 29 -16.35 36.94 22.65
N VAL A 30 -15.07 37.13 22.93
CA VAL A 30 -14.26 36.14 23.61
C VAL A 30 -14.09 36.56 25.07
N SER A 31 -13.57 35.65 25.89
CA SER A 31 -13.34 35.95 27.29
C SER A 31 -12.22 36.95 27.51
N HIS A 32 -11.43 37.26 26.48
CA HIS A 32 -10.28 38.15 26.63
C HIS A 32 -10.19 39.01 25.38
N ALA A 33 -9.05 39.69 25.23
CA ALA A 33 -8.86 40.54 24.06
C ALA A 33 -8.95 39.68 22.79
N PRO A 34 -9.64 40.15 21.75
CA PRO A 34 -10.24 41.49 21.60
C PRO A 34 -11.64 41.60 22.15
N TYR A 35 -12.20 40.57 22.77
CA TYR A 35 -13.59 40.54 23.23
C TYR A 35 -14.58 40.77 22.11
N THR A 36 -14.11 40.79 20.87
CA THR A 36 -14.97 41.02 19.71
C THR A 36 -14.20 40.58 18.48
N ILE A 37 -14.70 39.55 17.79
CA ILE A 37 -13.98 38.94 16.69
C ILE A 37 -14.90 38.96 15.47
N THR A 38 -14.58 39.81 14.50
CA THR A 38 -15.40 39.96 13.30
C THR A 38 -14.98 38.93 12.26
N TYR A 39 -15.98 38.34 11.61
CA TYR A 39 -15.75 37.30 10.62
C TYR A 39 -16.83 37.38 9.55
N HIS A 40 -16.50 36.85 8.37
CA HIS A 40 -17.49 36.71 7.32
C HIS A 40 -18.33 35.47 7.55
N ASP A 41 -19.52 35.45 6.93
CA ASP A 41 -20.46 34.36 7.16
C ASP A 41 -19.90 33.00 6.74
N ASP A 42 -18.85 32.97 5.91
CA ASP A 42 -18.22 31.70 5.57
C ASP A 42 -17.62 31.03 6.81
N TRP A 43 -17.04 31.82 7.70
CA TRP A 43 -16.36 31.32 8.89
C TRP A 43 -17.33 30.93 10.00
N GLU A 44 -18.63 31.07 9.76
CA GLU A 44 -19.64 30.85 10.80
C GLU A 44 -19.54 29.52 11.52
N PRO A 45 -19.41 28.36 10.85
CA PRO A 45 -19.36 27.09 11.59
C PRO A 45 -18.11 26.90 12.43
N VAL A 46 -17.17 27.85 12.43
CA VAL A 46 -15.93 27.70 13.19
C VAL A 46 -15.99 28.43 14.54
N MET A 47 -16.92 29.38 14.69
CA MET A 47 -16.80 30.40 15.73
C MET A 47 -16.89 29.80 17.13
N SER A 48 -17.78 28.82 17.35
CA SER A 48 -17.96 28.29 18.69
C SER A 48 -16.68 27.65 19.22
N GLN A 49 -16.11 26.73 18.45
CA GLN A 49 -14.89 26.06 18.88
C GLN A 49 -13.73 27.03 18.94
N LEU A 50 -13.69 27.99 18.01
CA LEU A 50 -12.65 29.01 18.07
C LEU A 50 -12.74 29.79 19.38
N VAL A 51 -13.95 30.17 19.77
CA VAL A 51 -14.14 30.93 21.01
C VAL A 51 -13.69 30.11 22.19
N GLU A 52 -14.08 28.83 22.23
CA GLU A 52 -13.68 27.98 23.34
C GLU A 52 -12.17 27.90 23.45
N PHE A 53 -11.50 27.61 22.34
CA PHE A 53 -10.05 27.43 22.38
C PHE A 53 -9.35 28.72 22.81
N TYR A 54 -9.79 29.87 22.28
CA TYR A 54 -9.12 31.11 22.64
C TYR A 54 -9.38 31.47 24.10
N ASN A 55 -10.61 31.29 24.56
CA ASN A 55 -10.88 31.53 25.98
C ASN A 55 -9.98 30.66 26.84
N GLU A 56 -9.66 29.46 26.38
CA GLU A 56 -8.72 28.63 27.12
C GLU A 56 -7.32 29.20 27.10
N VAL A 57 -6.83 29.59 25.92
CA VAL A 57 -5.39 29.83 25.76
C VAL A 57 -5.01 31.30 25.94
N ALA A 58 -5.97 32.18 26.18
CA ALA A 58 -5.74 33.61 25.94
C ALA A 58 -4.70 34.21 26.88
N SER A 59 -4.81 33.98 28.19
CA SER A 59 -3.92 34.66 29.12
C SER A 59 -2.47 34.19 28.95
N TRP A 60 -2.28 32.88 28.89
CA TRP A 60 -0.93 32.36 28.67
C TRP A 60 -0.38 32.79 27.32
N LEU A 61 -1.27 33.04 26.35
CA LEU A 61 -0.82 33.68 25.12
C LEU A 61 -0.39 35.12 25.39
N LEU A 62 -1.16 35.84 26.20
CA LEU A 62 -0.91 37.23 26.52
C LEU A 62 0.41 37.40 27.26
N ARG A 63 0.96 36.32 27.80
CA ARG A 63 2.20 36.42 28.58
C ARG A 63 3.35 37.00 27.78
N ASP A 64 3.26 37.03 26.46
CA ASP A 64 4.30 37.65 25.63
C ASP A 64 3.69 38.70 24.72
N GLU A 65 4.55 39.55 24.18
CA GLU A 65 4.16 40.55 23.20
C GLU A 65 4.22 39.96 21.81
N THR A 66 3.22 40.27 21.00
CA THR A 66 3.01 39.60 19.72
C THR A 66 3.11 40.59 18.58
N SER A 67 3.57 40.08 17.44
CA SER A 67 3.60 40.82 16.18
C SER A 67 2.76 40.05 15.18
N PRO A 68 1.51 40.47 14.91
CA PRO A 68 0.84 41.70 15.34
C PRO A 68 0.34 41.66 16.77
N ILE A 69 -0.22 42.77 17.21
CA ILE A 69 -0.75 42.92 18.56
C ILE A 69 -1.94 42.00 18.73
N PRO A 70 -2.34 41.67 19.96
CA PRO A 70 -3.54 40.84 20.15
C PRO A 70 -4.77 41.42 19.48
N ASP A 71 -4.89 42.74 19.41
CA ASP A 71 -6.06 43.36 18.81
C ASP A 71 -6.19 43.01 17.34
N LYS A 72 -5.08 42.69 16.67
CA LYS A 72 -5.09 42.37 15.25
C LYS A 72 -5.30 40.89 14.98
N PHE A 73 -5.46 40.07 16.03
CA PHE A 73 -5.43 38.63 15.84
C PHE A 73 -6.59 38.10 15.02
N PHE A 74 -7.55 38.93 14.64
CA PHE A 74 -8.72 38.43 13.95
C PHE A 74 -9.16 39.36 12.83
N ILE A 75 -8.20 39.88 12.07
CA ILE A 75 -8.54 40.53 10.81
C ILE A 75 -8.52 39.56 9.65
N GLN A 76 -8.02 38.34 9.86
CA GLN A 76 -8.07 37.31 8.84
C GLN A 76 -9.31 36.45 8.94
N LEU A 77 -10.31 36.87 9.72
CA LEU A 77 -11.58 36.16 9.76
C LEU A 77 -12.67 36.87 8.98
N LYS A 78 -12.53 38.17 8.74
CA LYS A 78 -13.51 38.92 7.96
C LYS A 78 -13.42 38.65 6.46
N GLN A 79 -12.32 38.06 6.00
CA GLN A 79 -12.16 37.86 4.56
C GLN A 79 -13.04 36.71 4.09
N PRO A 80 -13.90 36.93 3.11
CA PRO A 80 -14.74 35.84 2.59
C PRO A 80 -13.91 34.82 1.84
N LEU A 81 -14.45 33.60 1.76
CA LEU A 81 -13.76 32.50 1.11
C LEU A 81 -14.49 31.92 -0.08
N ARG A 82 -15.79 32.19 -0.22
CA ARG A 82 -16.55 31.60 -1.32
C ARG A 82 -15.99 32.02 -2.68
N ASN A 83 -15.34 33.17 -2.75
CA ASN A 83 -14.64 33.59 -3.96
C ASN A 83 -13.15 33.36 -3.88
N LYS A 84 -12.69 32.59 -2.90
CA LYS A 84 -11.28 32.28 -2.73
C LYS A 84 -11.03 30.82 -3.07
N ARG A 85 -10.04 30.57 -3.91
CA ARG A 85 -9.78 29.22 -4.39
C ARG A 85 -8.37 28.72 -4.08
N VAL A 86 -7.36 29.56 -4.20
CA VAL A 86 -5.98 29.17 -3.94
C VAL A 86 -5.54 29.81 -2.63
N CYS A 87 -5.27 29.00 -1.63
CA CYS A 87 -4.87 29.49 -0.31
C CYS A 87 -3.36 29.39 -0.20
N VAL A 88 -2.70 30.54 -0.10
CA VAL A 88 -1.26 30.60 0.10
C VAL A 88 -1.02 30.63 1.60
N CYS A 89 -0.51 29.53 2.14
CA CYS A 89 -0.43 29.33 3.58
C CYS A 89 0.94 29.77 4.09
N GLY A 90 0.95 30.72 5.01
CA GLY A 90 2.16 31.15 5.70
C GLY A 90 2.16 30.61 7.12
N ILE A 91 3.31 30.11 7.56
CA ILE A 91 3.33 29.33 8.80
C ILE A 91 3.11 30.21 10.01
N ASP A 92 3.55 31.47 9.97
CA ASP A 92 3.47 32.33 11.15
C ASP A 92 3.53 33.78 10.68
N PRO A 93 3.05 34.71 11.50
CA PRO A 93 3.32 36.13 11.23
C PRO A 93 4.78 36.45 11.52
N TYR A 94 5.22 37.58 11.00
CA TYR A 94 6.60 37.99 11.17
C TYR A 94 6.88 38.26 12.65
N PRO A 95 8.12 38.01 13.10
CA PRO A 95 8.49 38.40 14.46
C PRO A 95 8.38 39.89 14.71
N LYS A 96 8.55 40.71 13.66
CA LYS A 96 8.41 42.14 13.76
C LYS A 96 7.58 42.64 12.59
N ASP A 97 6.98 43.82 12.76
CA ASP A 97 6.09 44.41 11.77
C ASP A 97 4.87 43.52 11.53
N GLY A 98 4.46 42.78 12.56
CA GLY A 98 3.23 42.03 12.47
C GLY A 98 2.04 42.95 12.31
N THR A 99 1.26 42.74 11.25
CA THR A 99 0.10 43.57 10.99
C THR A 99 -1.17 42.76 10.86
N GLY A 100 -1.09 41.44 10.98
CA GLY A 100 -2.24 40.58 10.84
C GLY A 100 -2.53 40.14 9.43
N VAL A 101 -1.99 40.83 8.43
CA VAL A 101 -2.13 40.44 7.04
C VAL A 101 -0.94 39.54 6.70
N PRO A 102 -1.16 38.30 6.26
CA PRO A 102 -0.04 37.39 6.04
C PRO A 102 0.96 37.96 5.05
N PHE A 103 2.24 37.77 5.35
CA PHE A 103 3.34 38.14 4.48
C PHE A 103 3.44 39.65 4.24
N GLU A 104 2.56 40.43 4.83
CA GLU A 104 2.44 41.83 4.44
C GLU A 104 3.45 42.70 5.16
N SER A 105 4.00 43.68 4.43
CA SER A 105 4.85 44.72 4.98
C SER A 105 4.26 46.06 4.56
N PRO A 106 3.91 46.94 5.49
CA PRO A 106 3.30 48.23 5.10
C PRO A 106 4.15 49.03 4.14
N ASN A 107 5.46 48.95 4.25
CA ASN A 107 6.36 49.65 3.35
C ASN A 107 6.98 48.72 2.31
N PHE A 108 6.50 47.49 2.21
CA PHE A 108 7.08 46.47 1.33
C PHE A 108 8.58 46.31 1.61
N THR A 109 8.91 46.03 2.86
CA THR A 109 10.29 45.84 3.27
C THR A 109 10.62 44.41 3.66
N LYS A 110 9.64 43.53 3.74
CA LYS A 110 9.90 42.16 4.13
C LYS A 110 10.58 41.39 3.00
N LYS A 111 11.64 40.65 3.35
CA LYS A 111 12.38 39.90 2.35
C LYS A 111 11.49 38.88 1.65
N SER A 112 10.59 38.24 2.40
CA SER A 112 9.74 37.20 1.82
C SER A 112 8.86 37.76 0.71
N ILE A 113 8.16 38.85 0.99
CA ILE A 113 7.29 39.42 -0.03
C ILE A 113 8.11 40.03 -1.16
N LYS A 114 9.34 40.47 -0.87
CA LYS A 114 10.20 40.93 -1.95
C LYS A 114 10.53 39.79 -2.92
N GLU A 115 10.84 38.61 -2.39
CA GLU A 115 11.06 37.46 -3.25
C GLU A 115 9.79 37.06 -3.97
N ILE A 116 8.65 37.17 -3.30
CA ILE A 116 7.36 36.87 -3.93
C ILE A 116 7.15 37.79 -5.13
N ALA A 117 7.38 39.08 -4.94
CA ALA A 117 7.22 40.04 -6.02
C ALA A 117 8.23 39.78 -7.12
N SER A 118 9.45 39.37 -6.76
CA SER A 118 10.45 39.04 -7.77
C SER A 118 9.99 37.88 -8.65
N SER A 119 9.52 36.80 -8.03
CA SER A 119 9.10 35.64 -8.80
C SER A 119 7.85 35.94 -9.64
N ILE A 120 6.89 36.69 -9.07
CA ILE A 120 5.70 37.03 -9.83
C ILE A 120 6.05 37.96 -10.98
N SER A 121 7.02 38.85 -10.77
CA SER A 121 7.49 39.70 -11.86
C SER A 121 8.14 38.86 -12.96
N ARG A 122 8.98 37.89 -12.57
CA ARG A 122 9.63 37.05 -13.56
C ARG A 122 8.61 36.25 -14.36
N LEU A 123 7.59 35.73 -13.68
CA LEU A 123 6.51 35.04 -14.40
C LEU A 123 5.76 36.00 -15.31
N THR A 124 5.47 37.21 -14.83
CA THR A 124 4.59 38.14 -15.53
C THR A 124 5.32 39.23 -16.29
N GLY A 125 6.62 39.39 -16.07
CA GLY A 125 7.39 40.38 -16.80
C GLY A 125 7.32 41.79 -16.25
N VAL A 126 6.65 42.00 -15.11
CA VAL A 126 6.48 43.34 -14.57
C VAL A 126 7.83 43.85 -14.08
N ILE A 127 8.46 44.72 -14.86
CA ILE A 127 9.79 45.20 -14.53
C ILE A 127 9.74 46.18 -13.37
N ASP A 128 8.80 47.12 -13.41
CA ASP A 128 8.73 48.20 -12.44
C ASP A 128 7.48 48.02 -11.59
N TYR A 129 7.67 48.02 -10.27
CA TYR A 129 6.55 47.99 -9.34
C TYR A 129 7.02 48.52 -8.00
N LYS A 130 6.06 48.85 -7.15
CA LYS A 130 6.33 49.42 -5.84
C LYS A 130 6.00 48.49 -4.68
N GLY A 131 5.04 47.60 -4.84
CA GLY A 131 4.66 46.71 -3.76
C GLY A 131 3.81 45.56 -4.27
N TYR A 132 3.57 44.61 -3.37
CA TYR A 132 2.81 43.41 -3.72
C TYR A 132 2.02 42.95 -2.51
N ASN A 133 0.70 42.95 -2.62
CA ASN A 133 -0.18 42.48 -1.56
C ASN A 133 -0.90 41.23 -2.04
N LEU A 134 -0.71 40.13 -1.31
CA LEU A 134 -1.40 38.89 -1.65
C LEU A 134 -2.88 38.94 -1.31
N ASN A 135 -3.32 39.96 -0.59
CA ASN A 135 -4.70 40.03 -0.16
C ASN A 135 -5.61 40.73 -1.15
N ILE A 136 -5.08 41.23 -2.26
CA ILE A 136 -5.89 41.95 -3.23
C ILE A 136 -6.00 41.16 -4.52
N ILE A 137 -6.00 39.84 -4.43
CA ILE A 137 -6.19 38.95 -5.58
C ILE A 137 -7.39 38.06 -5.30
N ASP A 138 -8.39 38.13 -6.18
CA ASP A 138 -9.55 37.26 -6.06
C ASP A 138 -9.14 35.80 -6.26
N GLY A 139 -9.67 34.93 -5.40
CA GLY A 139 -9.31 33.53 -5.41
C GLY A 139 -8.14 33.18 -4.53
N VAL A 140 -7.34 34.16 -4.11
CA VAL A 140 -6.16 33.94 -3.29
C VAL A 140 -6.42 34.52 -1.91
N ILE A 141 -6.29 33.68 -0.88
CA ILE A 141 -6.34 34.15 0.49
C ILE A 141 -4.98 33.89 1.14
N PRO A 142 -4.19 34.92 1.38
CA PRO A 142 -3.03 34.75 2.25
C PRO A 142 -3.48 34.30 3.62
N TRP A 143 -2.74 33.36 4.21
CA TRP A 143 -3.20 32.77 5.45
C TRP A 143 -2.06 32.48 6.41
N ASN A 144 -2.39 32.49 7.70
CA ASN A 144 -1.46 32.21 8.77
C ASN A 144 -1.87 30.93 9.46
N TYR A 145 -0.92 30.04 9.69
CA TYR A 145 -1.22 28.83 10.44
C TYR A 145 -1.31 29.14 11.93
N TYR A 146 -0.20 29.56 12.52
CA TYR A 146 -0.17 29.99 13.91
C TYR A 146 -0.44 31.49 13.97
N LEU A 147 -1.46 31.88 14.73
CA LEU A 147 -1.93 33.26 14.70
C LEU A 147 -0.90 34.26 15.22
N SER A 148 0.08 33.82 16.02
CA SER A 148 1.01 34.76 16.61
C SER A 148 2.34 34.08 16.88
N CYS A 149 3.35 34.92 17.13
CA CYS A 149 4.66 34.46 17.52
C CYS A 149 5.23 35.48 18.49
N LYS A 150 6.14 35.02 19.34
CA LYS A 150 6.77 35.92 20.30
C LYS A 150 7.76 36.85 19.60
N LEU A 151 7.97 38.01 20.21
CA LEU A 151 8.85 39.02 19.63
C LEU A 151 10.23 38.44 19.34
N GLY A 152 10.59 38.42 18.06
CA GLY A 152 11.91 37.98 17.66
C GLY A 152 12.14 36.49 17.70
N GLU A 153 11.10 35.69 17.94
CA GLU A 153 11.27 34.24 18.00
C GLU A 153 10.14 33.58 17.22
N THR A 154 10.49 32.59 16.40
CA THR A 154 9.54 31.96 15.50
C THR A 154 8.98 30.67 16.11
N LYS A 155 7.67 30.50 16.00
CA LYS A 155 6.95 29.29 16.36
C LYS A 155 7.05 28.94 17.84
N SER A 156 7.53 29.87 18.67
CA SER A 156 7.53 29.63 20.11
C SER A 156 6.11 29.63 20.66
N HIS A 157 5.22 30.40 20.07
CA HIS A 157 3.84 30.48 20.53
C HIS A 157 2.95 29.43 19.90
N ALA A 158 3.51 28.54 19.08
CA ALA A 158 2.70 27.52 18.42
C ALA A 158 1.95 26.66 19.44
N ILE A 159 2.52 26.52 20.63
CA ILE A 159 1.98 25.60 21.63
C ILE A 159 0.60 26.03 22.07
N TYR A 160 0.42 27.33 22.36
CA TYR A 160 -0.90 27.82 22.71
C TYR A 160 -1.84 27.82 21.52
N TRP A 161 -1.32 27.66 20.31
CA TRP A 161 -2.09 27.92 19.11
C TRP A 161 -2.59 26.68 18.40
N ASP A 162 -1.96 25.52 18.64
CA ASP A 162 -2.26 24.30 17.87
C ASP A 162 -3.73 24.10 17.54
N LYS A 163 -4.59 24.14 18.55
CA LYS A 163 -6.00 23.86 18.32
C LYS A 163 -6.62 24.89 17.38
N ILE A 164 -6.37 26.17 17.64
CA ILE A 164 -6.93 27.21 16.79
C ILE A 164 -6.39 27.08 15.37
N SER A 165 -5.09 26.84 15.25
CA SER A 165 -4.47 26.71 13.93
C SER A 165 -5.11 25.59 13.12
N LYS A 166 -5.20 24.40 13.72
CA LYS A 166 -5.79 23.27 13.00
C LYS A 166 -7.24 23.55 12.66
N LEU A 167 -7.98 24.13 13.59
CA LEU A 167 -9.39 24.46 13.33
C LEU A 167 -9.51 25.36 12.11
N LEU A 168 -8.74 26.43 12.09
CA LEU A 168 -8.84 27.37 10.98
C LEU A 168 -8.43 26.72 9.67
N LEU A 169 -7.35 25.94 9.69
CA LEU A 169 -6.88 25.36 8.44
C LEU A 169 -7.88 24.37 7.88
N GLN A 170 -8.53 23.58 8.74
CA GLN A 170 -9.53 22.63 8.25
C GLN A 170 -10.75 23.37 7.70
N HIS A 171 -11.23 24.39 8.43
CA HIS A 171 -12.36 25.14 7.92
C HIS A 171 -12.02 25.79 6.58
N ILE A 172 -10.76 26.21 6.40
CA ILE A 172 -10.36 26.82 5.15
C ILE A 172 -10.34 25.80 4.02
N THR A 173 -9.68 24.67 4.24
CA THR A 173 -9.57 23.66 3.20
C THR A 173 -10.90 22.99 2.91
N LYS A 174 -11.92 23.24 3.72
CA LYS A 174 -13.27 22.87 3.31
C LYS A 174 -13.65 23.51 1.97
N HIS A 175 -13.06 24.67 1.66
CA HIS A 175 -13.45 25.43 0.47
C HIS A 175 -12.31 25.63 -0.53
N VAL A 176 -11.12 26.01 -0.07
CA VAL A 176 -10.07 26.42 -1.00
C VAL A 176 -9.64 25.24 -1.86
N SER A 177 -9.44 25.51 -3.16
CA SER A 177 -9.05 24.45 -4.07
C SER A 177 -7.60 24.03 -3.84
N VAL A 178 -6.69 25.00 -3.71
CA VAL A 178 -5.27 24.74 -3.71
C VAL A 178 -4.66 25.27 -2.42
N LEU A 179 -3.87 24.44 -1.76
CA LEU A 179 -3.15 24.81 -0.55
C LEU A 179 -1.66 24.89 -0.88
N TYR A 180 -1.08 26.08 -0.76
CA TYR A 180 0.35 26.28 -0.97
C TYR A 180 0.99 26.67 0.34
N CYS A 181 2.14 26.07 0.62
CA CYS A 181 2.85 26.26 1.89
C CYS A 181 4.28 26.70 1.59
N LEU A 182 4.71 27.78 2.26
CA LEU A 182 6.04 28.35 2.06
C LEU A 182 6.95 27.82 3.17
N GLY A 183 7.85 26.92 2.81
CA GLY A 183 8.73 26.28 3.77
C GLY A 183 8.43 24.81 3.90
N LYS A 184 9.22 23.98 3.23
CA LYS A 184 8.99 22.53 3.28
C LYS A 184 9.12 22.01 4.70
N THR A 185 10.12 22.48 5.45
CA THR A 185 10.37 21.97 6.79
C THR A 185 9.24 22.32 7.75
N ASP A 186 8.85 23.59 7.79
CA ASP A 186 7.81 24.02 8.72
C ASP A 186 6.46 23.41 8.40
N PHE A 187 6.28 22.91 7.19
CA PHE A 187 5.05 22.25 6.76
C PHE A 187 5.29 20.78 6.49
N SER A 188 6.07 20.14 7.37
CA SER A 188 6.46 18.75 7.14
C SER A 188 5.25 17.82 7.13
N ASN A 189 4.31 18.02 8.05
CA ASN A 189 3.19 17.11 8.20
C ASN A 189 1.87 17.85 8.23
N ILE A 190 1.72 18.86 7.37
CA ILE A 190 0.43 19.53 7.27
C ILE A 190 -0.65 18.61 6.72
N ARG A 191 -0.26 17.53 6.03
CA ARG A 191 -1.25 16.62 5.47
C ARG A 191 -2.03 15.91 6.57
N ALA A 192 -1.35 15.51 7.65
CA ALA A 192 -2.01 14.72 8.68
C ALA A 192 -3.07 15.54 9.41
N LYS A 193 -2.75 16.78 9.77
CA LYS A 193 -3.67 17.61 10.54
C LYS A 193 -4.91 17.99 9.75
N LEU A 194 -4.88 17.87 8.43
CA LEU A 194 -5.99 18.21 7.58
C LEU A 194 -6.56 16.92 7.00
N GLU A 195 -7.85 16.67 7.24
CA GLU A 195 -8.41 15.36 6.98
C GLU A 195 -8.80 15.19 5.52
N SER A 196 -9.63 16.08 5.01
CA SER A 196 -10.07 15.96 3.62
C SER A 196 -8.89 16.20 2.68
N PRO A 197 -8.55 15.25 1.81
CA PRO A 197 -7.49 15.51 0.85
C PRO A 197 -7.84 16.69 -0.04
N VAL A 198 -6.84 17.51 -0.33
CA VAL A 198 -7.02 18.72 -1.12
C VAL A 198 -5.78 18.93 -1.97
N THR A 199 -5.94 19.70 -3.04
CA THR A 199 -4.80 20.02 -3.90
C THR A 199 -3.77 20.79 -3.09
N THR A 200 -2.63 20.13 -2.82
CA THR A 200 -1.63 20.66 -1.91
C THR A 200 -0.31 20.78 -2.65
N ILE A 201 0.25 21.99 -2.65
CA ILE A 201 1.57 22.25 -3.20
C ILE A 201 2.44 22.77 -2.07
N VAL A 202 3.50 22.05 -1.77
CA VAL A 202 4.44 22.42 -0.71
C VAL A 202 5.67 22.99 -1.38
N GLY A 203 5.92 24.28 -1.15
CA GLY A 203 7.01 24.98 -1.80
C GLY A 203 8.00 25.53 -0.79
N TYR A 204 9.10 26.07 -1.33
CA TYR A 204 10.12 26.68 -0.50
C TYR A 204 9.57 27.90 0.21
N HIS A 205 10.10 28.16 1.39
CA HIS A 205 9.88 29.46 1.98
C HIS A 205 10.79 30.47 1.29
N PRO A 206 10.39 31.74 1.22
CA PRO A 206 11.25 32.74 0.57
C PRO A 206 12.60 32.90 1.25
N ALA A 207 12.72 32.50 2.52
CA ALA A 207 14.00 32.51 3.22
C ALA A 207 14.84 31.29 2.91
N ALA A 208 14.56 30.60 1.80
CA ALA A 208 15.33 29.42 1.44
C ALA A 208 16.74 29.80 0.99
N ARG A 209 17.67 28.88 1.21
CA ARG A 209 19.05 29.11 0.83
C ARG A 209 19.23 29.03 -0.68
N ASP A 210 20.30 29.67 -1.16
CA ASP A 210 20.76 29.56 -2.54
C ASP A 210 19.67 29.94 -3.54
N ARG A 211 18.73 30.79 -3.12
CA ARG A 211 17.68 31.30 -3.99
C ARG A 211 16.88 30.16 -4.63
N GLN A 212 16.60 29.12 -3.85
CA GLN A 212 15.78 28.02 -4.36
C GLN A 212 14.33 28.43 -4.53
N PHE A 213 13.87 29.46 -3.80
CA PHE A 213 12.53 29.99 -4.02
C PHE A 213 12.44 30.73 -5.35
N GLU A 214 13.55 31.29 -5.83
CA GLU A 214 13.57 31.82 -7.19
C GLU A 214 13.35 30.71 -8.20
N LYS A 215 13.97 29.55 -7.98
CA LYS A 215 13.78 28.40 -8.84
C LYS A 215 12.38 27.81 -8.73
N ASP A 216 11.61 28.23 -7.72
CA ASP A 216 10.29 27.66 -7.51
C ASP A 216 9.35 28.09 -8.63
N ARG A 217 8.68 27.11 -9.24
CA ARG A 217 7.66 27.35 -10.26
C ARG A 217 6.27 27.22 -9.66
N SER A 218 6.10 27.66 -8.42
CA SER A 218 4.90 27.35 -7.67
C SER A 218 3.66 27.96 -8.32
N PHE A 219 3.74 29.22 -8.74
CA PHE A 219 2.55 29.93 -9.19
C PHE A 219 2.04 29.40 -10.52
N GLU A 220 2.97 29.10 -11.45
CA GLU A 220 2.57 28.52 -12.73
C GLU A 220 1.92 27.16 -12.52
N ILE A 221 2.51 26.34 -11.64
CA ILE A 221 1.92 25.06 -11.30
C ILE A 221 0.54 25.26 -10.67
N ILE A 222 0.41 26.31 -9.87
CA ILE A 222 -0.87 26.61 -9.22
C ILE A 222 -1.94 26.90 -10.27
N ASN A 223 -1.59 27.74 -11.24
CA ASN A 223 -2.54 28.05 -12.31
C ASN A 223 -2.88 26.81 -13.11
N VAL A 224 -1.88 25.98 -13.40
CA VAL A 224 -2.12 24.75 -14.16
C VAL A 224 -3.07 23.83 -13.41
N LEU A 225 -2.84 23.67 -12.10
CA LEU A 225 -3.71 22.81 -11.31
C LEU A 225 -5.11 23.39 -11.20
N LEU A 226 -5.22 24.72 -11.13
CA LEU A 226 -6.53 25.35 -11.17
C LEU A 226 -7.28 24.98 -12.44
N GLU A 227 -6.61 25.10 -13.58
CA GLU A 227 -7.23 24.72 -14.84
C GLU A 227 -7.56 23.23 -14.86
N LEU A 228 -6.68 22.41 -14.28
CA LEU A 228 -6.98 20.99 -14.14
C LEU A 228 -8.22 20.76 -13.29
N ASP A 229 -8.50 21.68 -12.38
CA ASP A 229 -9.70 21.66 -11.57
C ASP A 229 -10.84 22.42 -12.22
N ASN A 230 -10.69 22.81 -13.49
CA ASN A 230 -11.65 23.64 -14.19
C ASN A 230 -11.87 24.95 -13.43
N LYS A 231 -10.79 25.51 -12.89
CA LYS A 231 -10.86 26.68 -12.04
C LYS A 231 -10.10 27.84 -12.67
N ALA A 232 -10.53 29.04 -12.31
CA ALA A 232 -9.89 30.23 -12.83
C ALA A 232 -8.45 30.32 -12.34
N PRO A 233 -7.48 30.47 -13.23
CA PRO A 233 -6.11 30.69 -12.79
C PRO A 233 -5.95 32.02 -12.08
N ILE A 234 -4.95 32.10 -11.20
CA ILE A 234 -4.73 33.28 -10.40
C ILE A 234 -4.03 34.35 -11.23
N ASN A 235 -4.58 35.55 -11.25
CA ASN A 235 -3.89 36.70 -11.81
C ASN A 235 -3.10 37.35 -10.70
N TRP A 236 -1.90 36.82 -10.48
CA TRP A 236 -1.03 37.32 -9.42
C TRP A 236 -0.67 38.78 -9.63
N ALA A 237 -0.78 39.29 -10.86
CA ALA A 237 -0.44 40.69 -11.11
C ALA A 237 -1.37 41.64 -10.36
N GLN A 238 -2.59 41.19 -10.05
CA GLN A 238 -3.51 42.04 -9.31
C GLN A 238 -3.00 42.38 -7.93
N GLY A 239 -2.12 41.55 -7.36
CA GLY A 239 -1.52 41.87 -6.08
C GLY A 239 -0.51 42.99 -6.16
N PHE A 240 0.06 43.23 -7.34
CA PHE A 240 1.00 44.33 -7.50
C PHE A 240 0.29 45.67 -7.37
N ILE A 241 0.93 46.60 -6.67
CA ILE A 241 0.48 47.98 -6.59
C ILE A 241 1.61 48.87 -7.08
N TYR A 242 1.31 49.72 -8.05
CA TYR A 242 2.32 50.55 -8.69
C TYR A 242 2.38 51.93 -8.06
N THR B 2 6.59 21.17 -8.04
CA THR B 2 7.57 22.18 -7.67
C THR B 2 8.57 22.41 -8.79
N SER B 3 8.97 21.32 -9.44
CA SER B 3 9.94 21.40 -10.51
C SER B 3 9.27 21.79 -11.83
N SER B 4 10.06 22.40 -12.72
CA SER B 4 9.57 22.69 -14.05
C SER B 4 9.27 21.41 -14.83
N ALA B 5 9.95 20.31 -14.49
CA ALA B 5 9.58 19.02 -15.07
C ALA B 5 8.18 18.62 -14.65
N ASP B 6 7.83 18.85 -13.38
CA ASP B 6 6.46 18.62 -12.94
C ASP B 6 5.50 19.53 -13.68
N LEU B 7 5.92 20.78 -13.94
CA LEU B 7 5.10 21.69 -14.72
C LEU B 7 4.84 21.15 -16.12
N THR B 8 5.88 20.62 -16.77
CA THR B 8 5.71 20.05 -18.11
C THR B 8 4.82 18.82 -18.06
N ASN B 9 4.96 17.99 -17.03
CA ASN B 9 4.07 16.85 -16.88
C ASN B 9 2.62 17.29 -16.76
N LEU B 10 2.38 18.33 -15.96
CA LEU B 10 1.03 18.85 -15.80
C LEU B 10 0.50 19.42 -17.11
N LYS B 11 1.34 20.14 -17.85
CA LYS B 11 0.92 20.68 -19.13
C LYS B 11 0.56 19.57 -20.11
N GLU B 12 1.38 18.52 -20.17
CA GLU B 12 1.09 17.40 -21.04
C GLU B 12 -0.20 16.71 -20.65
N LEU B 13 -0.42 16.51 -19.34
CA LEU B 13 -1.64 15.87 -18.88
C LEU B 13 -2.87 16.71 -19.19
N LEU B 14 -2.76 18.03 -19.01
CA LEU B 14 -3.87 18.91 -19.35
C LEU B 14 -4.15 18.87 -20.85
N SER B 15 -3.10 18.85 -21.67
CA SER B 15 -3.29 18.74 -23.11
C SER B 15 -3.97 17.43 -23.48
N LEU B 16 -3.57 16.33 -22.83
CA LEU B 16 -4.23 15.05 -23.06
C LEU B 16 -5.69 15.10 -22.64
N TYR B 17 -5.98 15.78 -21.53
CA TYR B 17 -7.36 15.94 -21.10
C TYR B 17 -8.15 16.74 -22.13
N LYS B 18 -7.51 17.74 -22.74
CA LYS B 18 -8.16 18.48 -23.82
C LYS B 18 -8.41 17.59 -25.03
N SER B 19 -7.43 16.77 -25.40
CA SER B 19 -7.54 15.86 -26.53
C SER B 19 -7.76 14.45 -25.98
N LEU B 20 -9.00 14.16 -25.60
CA LEU B 20 -9.37 12.86 -25.05
C LEU B 20 -10.41 12.14 -25.86
N ARG B 21 -11.30 12.86 -26.54
CA ARG B 21 -12.17 12.24 -27.53
C ARG B 21 -11.35 11.74 -28.72
N PHE B 22 -10.36 12.53 -29.14
CA PHE B 22 -9.44 12.10 -30.20
C PHE B 22 -8.23 11.40 -29.60
N SER B 23 -8.50 10.29 -28.91
CA SER B 23 -7.47 9.55 -28.19
C SER B 23 -7.52 8.08 -28.58
N ASP B 24 -6.52 7.34 -28.10
CA ASP B 24 -6.43 5.91 -28.30
C ASP B 24 -6.03 5.27 -26.97
N SER B 25 -5.75 3.97 -27.00
CA SER B 25 -5.38 3.26 -25.78
C SER B 25 -4.08 3.81 -25.21
N ALA B 26 -3.13 4.15 -26.08
CA ALA B 26 -1.86 4.72 -25.61
C ALA B 26 -2.07 6.07 -24.93
N ALA B 27 -2.88 6.93 -25.54
CA ALA B 27 -3.16 8.23 -24.95
C ALA B 27 -3.89 8.08 -23.63
N ILE B 28 -4.86 7.17 -23.56
CA ILE B 28 -5.60 6.96 -22.33
C ILE B 28 -4.68 6.41 -21.24
N GLU B 29 -3.78 5.50 -21.60
CA GLU B 29 -2.83 4.96 -20.63
C GLU B 29 -1.92 6.05 -20.08
N LYS B 30 -1.38 6.89 -20.98
CA LYS B 30 -0.49 7.96 -20.53
C LYS B 30 -1.25 8.97 -19.67
N TYR B 31 -2.49 9.30 -20.05
CA TYR B 31 -3.30 10.20 -19.26
C TYR B 31 -3.56 9.61 -17.87
N ASN B 32 -3.89 8.33 -17.80
CA ASN B 32 -4.13 7.70 -16.51
C ASN B 32 -2.87 7.69 -15.66
N SER B 33 -1.71 7.41 -16.27
CA SER B 33 -0.47 7.39 -15.51
C SER B 33 -0.14 8.77 -14.96
N LEU B 34 -0.30 9.82 -15.78
CA LEU B 34 -0.04 11.16 -15.28
C LEU B 34 -1.05 11.58 -14.23
N VAL B 35 -2.31 11.14 -14.37
CA VAL B 35 -3.32 11.43 -13.35
C VAL B 35 -2.93 10.75 -12.03
N GLU B 36 -2.47 9.50 -12.10
CA GLU B 36 -2.01 8.81 -10.90
C GLU B 36 -0.86 9.56 -10.24
N TRP B 37 0.14 9.96 -11.03
CA TRP B 37 1.27 10.67 -10.46
C TRP B 37 0.83 11.99 -9.84
N GLY B 38 -0.04 12.73 -10.51
CA GLY B 38 -0.49 14.01 -9.98
C GLY B 38 -1.29 13.86 -8.71
N THR B 39 -2.21 12.89 -8.66
CA THR B 39 -3.05 12.72 -7.48
C THR B 39 -2.28 12.13 -6.31
N SER B 40 -1.20 11.39 -6.58
CA SER B 40 -0.34 10.96 -5.48
C SER B 40 0.53 12.10 -4.98
N THR B 41 1.09 12.90 -5.89
CA THR B 41 1.99 13.97 -5.48
C THR B 41 1.26 15.08 -4.75
N TYR B 42 0.15 15.55 -5.32
CA TYR B 42 -0.55 16.72 -4.80
C TYR B 42 -1.85 16.36 -4.09
N TRP B 43 -2.07 15.08 -3.81
CA TRP B 43 -3.11 14.63 -2.88
C TRP B 43 -4.52 14.84 -3.42
N LYS B 44 -4.64 15.49 -4.57
CA LYS B 44 -5.94 15.70 -5.19
C LYS B 44 -5.74 16.25 -6.60
N ILE B 45 -6.55 15.79 -7.54
CA ILE B 45 -6.51 16.25 -8.92
C ILE B 45 -7.94 16.41 -9.42
N GLY B 46 -8.19 17.48 -10.17
CA GLY B 46 -9.52 17.75 -10.68
C GLY B 46 -10.03 16.73 -11.68
N VAL B 47 -9.13 15.93 -12.25
CA VAL B 47 -9.52 14.91 -13.23
C VAL B 47 -9.21 13.53 -12.67
N GLN B 48 -10.05 12.57 -13.05
CA GLN B 48 -9.96 11.19 -12.59
C GLN B 48 -9.72 10.29 -13.81
N LYS B 49 -9.79 8.97 -13.57
CA LYS B 49 -9.53 8.00 -14.62
C LYS B 49 -10.83 7.58 -15.30
N VAL B 50 -10.72 7.29 -16.60
CA VAL B 50 -11.83 6.79 -17.40
C VAL B 50 -11.34 5.60 -18.22
N ALA B 51 -12.29 4.78 -18.67
CA ALA B 51 -11.93 3.61 -19.47
C ALA B 51 -12.74 3.50 -20.76
N ASN B 52 -14.00 3.94 -20.74
CA ASN B 52 -14.83 3.83 -21.93
C ASN B 52 -14.33 4.74 -23.05
N VAL B 53 -13.94 5.96 -22.70
CA VAL B 53 -13.37 6.94 -23.63
C VAL B 53 -14.40 7.30 -24.70
N GLU B 54 -15.24 8.29 -24.38
CA GLU B 54 -16.19 8.79 -25.37
C GLU B 54 -15.45 9.62 -26.40
N THR B 55 -15.59 9.25 -27.67
CA THR B 55 -14.92 9.93 -28.77
C THR B 55 -15.93 10.77 -29.53
N SER B 56 -15.60 12.03 -29.76
CA SER B 56 -16.51 12.94 -30.44
C SER B 56 -15.72 14.07 -31.09
N ILE B 57 -16.27 14.57 -32.20
CA ILE B 57 -15.76 15.76 -32.88
C ILE B 57 -16.74 16.91 -32.83
N SER B 58 -17.76 16.82 -31.96
CA SER B 58 -18.82 17.81 -31.93
C SER B 58 -18.31 19.21 -31.58
N ASP B 59 -17.11 19.30 -31.01
CA ASP B 59 -16.53 20.61 -30.73
C ASP B 59 -16.29 21.40 -32.00
N TYR B 60 -16.00 20.73 -33.11
CA TYR B 60 -15.76 21.40 -34.38
C TYR B 60 -17.01 21.53 -35.24
N TYR B 61 -18.16 21.09 -34.75
CA TYR B 61 -19.39 21.11 -35.52
C TYR B 61 -20.52 21.68 -34.67
N ASP B 62 -21.67 21.88 -35.30
CA ASP B 62 -22.82 22.46 -34.62
C ASP B 62 -24.05 21.57 -34.79
N GLU B 63 -25.21 22.07 -34.38
CA GLU B 63 -26.44 21.32 -34.59
C GLU B 63 -26.82 21.33 -36.06
N VAL B 64 -27.35 20.20 -36.53
CA VAL B 64 -27.61 20.00 -37.96
C VAL B 64 -28.85 20.77 -38.38
N LYS B 65 -28.81 21.29 -39.61
CA LYS B 65 -29.93 22.05 -40.16
C LYS B 65 -30.99 21.08 -40.66
N ASN B 66 -32.16 21.12 -40.01
CA ASN B 66 -33.29 20.29 -40.41
C ASN B 66 -34.30 21.05 -41.26
N LYS B 67 -33.96 22.25 -41.69
CA LYS B 67 -34.85 23.09 -42.48
C LYS B 67 -34.01 24.12 -43.22
N PRO B 68 -34.55 24.74 -44.27
CA PRO B 68 -33.77 25.75 -45.00
C PRO B 68 -33.36 26.90 -44.09
N PHE B 69 -32.17 27.42 -44.34
CA PHE B 69 -31.61 28.52 -43.55
C PHE B 69 -30.95 29.50 -44.51
N ASN B 70 -30.24 30.49 -43.97
CA ASN B 70 -29.67 31.57 -44.76
C ASN B 70 -28.15 31.60 -44.62
N ILE B 71 -27.49 31.99 -45.70
CA ILE B 71 -26.05 32.21 -45.72
C ILE B 71 -25.78 33.54 -46.41
N ASP B 72 -24.58 34.07 -46.20
CA ASP B 72 -24.23 35.35 -46.78
C ASP B 72 -22.74 35.61 -46.85
N PRO B 73 -22.02 35.66 -45.72
CA PRO B 73 -20.67 36.26 -45.75
C PRO B 73 -19.57 35.29 -46.16
N GLY B 74 -18.61 35.84 -46.88
CA GLY B 74 -17.36 35.14 -47.15
C GLY B 74 -17.47 34.01 -48.15
N TYR B 75 -16.35 33.30 -48.29
CA TYR B 75 -16.23 32.20 -49.22
C TYR B 75 -16.41 30.88 -48.50
N TYR B 76 -16.99 29.90 -49.21
CA TYR B 76 -17.35 28.61 -48.62
C TYR B 76 -16.68 27.48 -49.38
N ILE B 77 -16.21 26.47 -48.65
CA ILE B 77 -15.62 25.27 -49.22
C ILE B 77 -16.57 24.11 -48.95
N PHE B 78 -17.03 23.46 -50.01
CA PHE B 78 -18.04 22.42 -49.92
C PHE B 78 -17.38 21.04 -49.90
N LEU B 79 -17.77 20.22 -48.93
CA LEU B 79 -17.32 18.85 -48.82
C LEU B 79 -18.51 17.96 -48.46
N PRO B 80 -18.61 16.78 -49.06
CA PRO B 80 -19.78 15.92 -48.86
C PRO B 80 -19.68 15.03 -47.63
N VAL B 81 -20.82 14.49 -47.25
CA VAL B 81 -20.94 13.52 -46.15
C VAL B 81 -21.46 12.22 -46.72
N TYR B 82 -20.72 11.14 -46.51
CA TYR B 82 -20.99 9.86 -47.13
C TYR B 82 -21.68 8.92 -46.15
N PHE B 83 -21.79 7.65 -46.54
CA PHE B 83 -22.44 6.60 -45.77
C PHE B 83 -21.42 5.54 -45.41
N GLY B 84 -21.54 4.97 -44.21
CA GLY B 84 -20.68 3.90 -43.77
C GLY B 84 -20.01 4.22 -42.46
N SER B 85 -19.16 3.28 -42.03
CA SER B 85 -18.46 3.43 -40.76
C SER B 85 -17.48 4.60 -40.80
N VAL B 86 -17.43 5.35 -39.73
CA VAL B 86 -16.62 6.57 -39.63
C VAL B 86 -15.46 6.32 -38.68
N PHE B 87 -14.27 6.72 -39.10
CA PHE B 87 -13.06 6.54 -38.32
C PHE B 87 -12.26 7.83 -38.35
N ILE B 88 -11.40 8.00 -37.34
CA ILE B 88 -10.58 9.18 -37.21
C ILE B 88 -9.14 8.75 -36.94
N TYR B 89 -8.20 9.33 -37.68
CA TYR B 89 -6.78 9.02 -37.56
C TYR B 89 -6.04 10.23 -37.02
N SER B 90 -5.31 10.05 -35.95
CA SER B 90 -4.65 11.14 -35.23
C SER B 90 -3.13 10.96 -35.26
N LYS B 91 -2.44 11.83 -34.52
CA LYS B 91 -0.98 11.85 -34.51
C LYS B 91 -0.47 10.70 -33.66
N GLY B 92 0.29 9.80 -34.28
CA GLY B 92 0.80 8.64 -33.56
C GLY B 92 -0.27 7.67 -33.12
N LYS B 93 -1.48 7.78 -33.67
CA LYS B 93 -2.60 6.94 -33.30
C LYS B 93 -3.14 6.25 -34.55
N ASN B 94 -4.08 5.34 -34.34
CA ASN B 94 -4.62 4.51 -35.40
C ASN B 94 -6.07 4.87 -35.66
N MET B 95 -6.67 4.19 -36.63
CA MET B 95 -8.08 4.37 -36.92
C MET B 95 -8.93 3.87 -35.76
N VAL B 96 -9.87 4.70 -35.32
CA VAL B 96 -10.75 4.36 -34.21
C VAL B 96 -12.19 4.65 -34.63
N GLU B 97 -13.07 3.69 -34.42
CA GLU B 97 -14.48 3.87 -34.74
C GLU B 97 -15.08 4.93 -33.84
N LEU B 98 -15.85 5.84 -34.43
CA LEU B 98 -16.47 6.91 -33.66
C LEU B 98 -17.56 6.34 -32.75
N GLY B 99 -17.60 6.83 -31.51
CA GLY B 99 -18.58 6.42 -30.52
C GLY B 99 -18.21 5.17 -29.74
N SER B 100 -17.65 4.18 -30.42
CA SER B 100 -17.24 2.92 -29.82
C SER B 100 -15.80 2.60 -30.21
N GLY B 101 -14.91 3.56 -29.98
CA GLY B 101 -13.52 3.48 -30.39
C GLY B 101 -12.83 2.17 -30.12
N ASN B 102 -12.46 1.47 -31.19
CA ASN B 102 -11.74 0.21 -31.12
C ASN B 102 -10.51 0.31 -32.00
N SER B 103 -9.68 -0.72 -31.96
CA SER B 103 -8.46 -0.79 -32.76
C SER B 103 -8.78 -1.56 -34.04
N PHE B 104 -9.28 -0.83 -35.04
CA PHE B 104 -9.64 -1.45 -36.31
C PHE B 104 -8.39 -1.82 -37.10
N GLN B 105 -8.53 -2.82 -37.97
CA GLN B 105 -7.44 -3.29 -38.80
C GLN B 105 -7.52 -2.62 -40.18
N ILE B 106 -6.42 -2.02 -40.61
CA ILE B 106 -6.40 -1.26 -41.86
C ILE B 106 -5.23 -1.76 -42.69
N PRO B 107 -5.30 -1.58 -44.01
CA PRO B 107 -4.18 -2.00 -44.87
C PRO B 107 -2.94 -1.14 -44.61
N ASP B 108 -1.84 -1.46 -45.30
CA ASP B 108 -0.62 -0.69 -45.14
C ASP B 108 -0.54 0.49 -46.08
N ASP B 109 -1.20 0.41 -47.24
CA ASP B 109 -1.22 1.53 -48.18
C ASP B 109 -1.90 2.74 -47.56
N MET B 110 -3.11 2.55 -47.02
CA MET B 110 -3.80 3.63 -46.33
C MET B 110 -3.04 4.07 -45.10
N ARG B 111 -2.51 3.10 -44.34
CA ARG B 111 -1.75 3.43 -43.14
C ARG B 111 -0.51 4.26 -43.46
N SER B 112 0.25 3.83 -44.48
CA SER B 112 1.46 4.57 -44.84
C SER B 112 1.12 5.94 -45.41
N ALA B 113 0.04 6.04 -46.18
CA ALA B 113 -0.38 7.33 -46.70
C ALA B 113 -0.74 8.29 -45.57
N CYS B 114 -1.47 7.80 -44.57
CA CYS B 114 -1.78 8.62 -43.40
C CYS B 114 -0.50 9.01 -42.66
N ASN B 115 0.43 8.06 -42.51
CA ASN B 115 1.67 8.35 -41.80
C ASN B 115 2.46 9.45 -42.48
N LYS B 116 2.58 9.39 -43.81
CA LYS B 116 3.34 10.41 -44.52
C LYS B 116 2.61 11.75 -44.53
N VAL B 117 1.28 11.73 -44.72
CA VAL B 117 0.54 12.99 -44.74
C VAL B 117 0.50 13.64 -43.37
N LEU B 118 0.73 12.87 -42.30
CA LEU B 118 0.86 13.46 -40.97
C LEU B 118 2.30 13.86 -40.65
N ASP B 119 3.29 13.15 -41.21
CA ASP B 119 4.69 13.52 -41.01
C ASP B 119 5.10 14.74 -41.83
N SER B 120 4.30 15.13 -42.83
CA SER B 120 4.66 16.26 -43.66
C SER B 120 4.78 17.55 -42.85
N ASP B 121 3.85 17.78 -41.93
CA ASP B 121 3.86 18.99 -41.12
C ASP B 121 3.25 18.69 -39.76
N ASN B 122 3.49 19.59 -38.81
CA ASN B 122 3.00 19.42 -37.45
C ASN B 122 1.57 19.92 -37.27
N GLY B 123 1.03 20.68 -38.22
CA GLY B 123 -0.28 21.30 -38.04
C GLY B 123 -1.47 20.56 -38.62
N ILE B 124 -1.73 19.34 -38.15
CA ILE B 124 -2.94 18.59 -38.55
C ILE B 124 -3.58 18.05 -37.28
N ASP B 125 -4.84 18.41 -37.04
CA ASP B 125 -5.52 17.91 -35.86
C ASP B 125 -5.77 16.41 -35.96
N PHE B 126 -6.36 15.96 -37.07
CA PHE B 126 -6.59 14.54 -37.31
C PHE B 126 -7.01 14.36 -38.77
N LEU B 127 -7.13 13.09 -39.17
CA LEU B 127 -7.60 12.72 -40.50
C LEU B 127 -8.92 11.96 -40.34
N ARG B 128 -9.94 12.40 -41.07
CA ARG B 128 -11.26 11.79 -40.99
C ARG B 128 -11.48 10.85 -42.16
N PHE B 129 -11.93 9.63 -41.88
CA PHE B 129 -12.09 8.59 -42.87
C PHE B 129 -13.45 7.94 -42.73
N VAL B 130 -13.94 7.38 -43.84
CA VAL B 130 -15.21 6.67 -43.87
C VAL B 130 -15.02 5.35 -44.61
N LEU B 131 -15.54 4.28 -44.04
CA LEU B 131 -15.50 2.96 -44.66
C LEU B 131 -16.87 2.65 -45.24
N LEU B 132 -16.92 2.32 -46.53
CA LEU B 132 -18.17 1.98 -47.21
C LEU B 132 -17.88 0.89 -48.22
N ASN B 133 -18.45 -0.31 -47.99
CA ASN B 133 -18.24 -1.47 -48.84
C ASN B 133 -16.74 -1.74 -49.03
N ASN B 134 -16.00 -1.63 -47.93
CA ASN B 134 -14.55 -1.83 -47.90
C ASN B 134 -13.84 -0.94 -48.92
N ARG B 135 -14.31 0.30 -49.03
CA ARG B 135 -13.69 1.31 -49.88
C ARG B 135 -13.29 2.48 -48.99
N TRP B 136 -12.00 2.56 -48.65
CA TRP B 136 -11.52 3.63 -47.80
C TRP B 136 -11.65 4.97 -48.51
N ILE B 137 -12.26 5.93 -47.84
CA ILE B 137 -12.47 7.28 -48.36
C ILE B 137 -12.10 8.26 -47.25
N MET B 138 -11.02 9.02 -47.45
CA MET B 138 -10.71 10.13 -46.56
C MET B 138 -11.63 11.29 -46.90
N GLU B 139 -12.55 11.61 -46.00
CA GLU B 139 -13.57 12.61 -46.30
C GLU B 139 -13.11 14.04 -46.02
N ASP B 140 -12.41 14.26 -44.91
CA ASP B 140 -12.01 15.62 -44.55
C ASP B 140 -10.86 15.55 -43.55
N ALA B 141 -10.19 16.69 -43.40
CA ALA B 141 -9.14 16.83 -42.38
C ALA B 141 -9.13 18.28 -41.93
N ILE B 142 -9.09 18.48 -40.61
CA ILE B 142 -9.21 19.82 -40.03
C ILE B 142 -7.84 20.27 -39.54
N SER B 143 -7.64 21.59 -39.55
CA SER B 143 -6.43 22.20 -39.04
C SER B 143 -6.74 23.65 -38.71
N LYS B 144 -5.86 24.26 -37.92
CA LYS B 144 -6.02 25.64 -37.50
C LYS B 144 -5.29 26.63 -38.41
N TYR B 145 -4.41 26.15 -39.30
CA TYR B 145 -3.64 27.02 -40.16
C TYR B 145 -4.05 26.91 -41.62
N GLN B 146 -4.03 25.70 -42.18
CA GLN B 146 -4.35 25.48 -43.58
C GLN B 146 -5.82 25.10 -43.72
N SER B 147 -6.20 24.66 -44.91
CA SER B 147 -7.56 24.31 -45.29
C SER B 147 -7.57 22.92 -45.89
N PRO B 148 -8.72 22.23 -45.86
CA PRO B 148 -8.80 20.91 -46.50
C PRO B 148 -8.74 20.99 -48.02
N VAL B 149 -7.70 21.65 -48.54
CA VAL B 149 -7.43 21.71 -49.97
C VAL B 149 -5.99 21.29 -50.20
N ASN B 150 -5.05 21.97 -49.52
CA ASN B 150 -3.65 21.59 -49.63
C ASN B 150 -3.41 20.18 -49.13
N ILE B 151 -4.01 19.84 -47.98
CA ILE B 151 -3.91 18.46 -47.51
C ILE B 151 -4.68 17.53 -48.44
N PHE B 152 -5.76 18.01 -49.05
CA PHE B 152 -6.49 17.19 -50.02
C PHE B 152 -5.64 16.90 -51.25
N LYS B 153 -4.92 17.90 -51.76
CA LYS B 153 -4.02 17.66 -52.88
C LYS B 153 -2.87 16.73 -52.46
N LEU B 154 -2.36 16.92 -51.25
CA LEU B 154 -1.30 16.05 -50.74
C LEU B 154 -1.77 14.60 -50.69
N ALA B 155 -2.99 14.38 -50.21
CA ALA B 155 -3.53 13.03 -50.13
C ALA B 155 -3.81 12.46 -51.52
N SER B 156 -4.30 13.30 -52.44
CA SER B 156 -4.54 12.83 -53.81
C SER B 156 -3.26 12.39 -54.48
N GLU B 157 -2.18 13.15 -54.30
CA GLU B 157 -0.89 12.74 -54.83
C GLU B 157 -0.21 11.66 -54.00
N TYR B 158 -0.72 11.37 -52.80
CA TYR B 158 -0.21 10.28 -52.00
C TYR B 158 -0.86 8.95 -52.31
N GLY B 159 -1.97 8.93 -53.06
CA GLY B 159 -2.59 7.70 -53.53
C GLY B 159 -3.94 7.39 -52.93
N LEU B 160 -4.30 8.01 -51.80
CA LEU B 160 -5.60 7.76 -51.22
C LEU B 160 -6.62 8.75 -51.76
N ASN B 161 -7.86 8.30 -51.88
CA ASN B 161 -8.91 9.09 -52.49
C ASN B 161 -9.29 10.29 -51.63
N ILE B 162 -9.69 11.37 -52.29
CA ILE B 162 -10.23 12.54 -51.61
C ILE B 162 -11.55 12.91 -52.29
N PRO B 163 -12.47 13.57 -51.59
CA PRO B 163 -13.64 14.12 -52.26
C PRO B 163 -13.30 15.42 -52.96
N LYS B 164 -14.02 15.69 -54.04
CA LYS B 164 -13.83 16.92 -54.79
C LYS B 164 -14.32 18.10 -53.96
N TYR B 165 -13.39 18.86 -53.40
CA TYR B 165 -13.74 20.02 -52.60
C TYR B 165 -14.20 21.15 -53.51
N LEU B 166 -15.36 21.73 -53.19
CA LEU B 166 -15.94 22.81 -53.97
C LEU B 166 -15.72 24.13 -53.24
N GLU B 167 -15.11 25.09 -53.93
CA GLU B 167 -14.87 26.42 -53.39
C GLU B 167 -15.81 27.40 -54.09
N ILE B 168 -16.67 28.06 -53.31
CA ILE B 168 -17.68 28.96 -53.84
C ILE B 168 -17.73 30.21 -52.99
N GLU B 169 -18.14 31.32 -53.60
CA GLU B 169 -18.26 32.60 -52.94
C GLU B 169 -19.73 33.05 -52.95
N ILE B 170 -20.20 33.53 -51.81
CA ILE B 170 -21.58 33.97 -51.65
C ILE B 170 -21.57 35.43 -51.26
N GLU B 171 -22.39 36.23 -51.95
CA GLU B 171 -22.46 37.67 -51.73
C GLU B 171 -23.83 38.12 -51.24
N GLU B 172 -24.90 37.67 -51.87
CA GLU B 172 -26.25 38.10 -51.53
C GLU B 172 -26.84 37.20 -50.44
N ASP B 173 -27.99 37.62 -49.92
CA ASP B 173 -28.72 36.86 -48.91
C ASP B 173 -29.66 35.89 -49.62
N THR B 174 -29.31 34.61 -49.58
CA THR B 174 -30.12 33.56 -50.18
C THR B 174 -30.47 32.52 -49.14
N LEU B 175 -31.66 31.93 -49.30
CA LEU B 175 -32.17 30.92 -48.37
C LEU B 175 -31.73 29.55 -48.88
N PHE B 176 -30.74 28.96 -48.21
CA PHE B 176 -30.25 27.65 -48.60
C PHE B 176 -31.34 26.60 -48.46
N ASP B 177 -31.82 26.06 -49.57
CA ASP B 177 -32.96 25.17 -49.56
C ASP B 177 -32.66 23.85 -50.26
N ASP B 178 -33.70 23.05 -50.48
CA ASP B 178 -33.51 21.74 -51.11
C ASP B 178 -32.96 21.88 -52.52
N GLU B 179 -33.38 22.91 -53.24
CA GLU B 179 -32.94 23.08 -54.62
C GLU B 179 -31.43 23.35 -54.70
N LEU B 180 -30.95 24.31 -53.90
CA LEU B 180 -29.52 24.61 -53.90
C LEU B 180 -28.72 23.46 -53.30
N TYR B 181 -29.27 22.77 -52.31
CA TYR B 181 -28.62 21.58 -51.76
C TYR B 181 -28.43 20.52 -52.84
N SER B 182 -29.47 20.28 -53.64
CA SER B 182 -29.36 19.33 -54.74
C SER B 182 -28.36 19.81 -55.78
N ILE B 183 -28.34 21.12 -56.03
CA ILE B 183 -27.42 21.68 -57.02
C ILE B 183 -25.97 21.42 -56.61
N ILE B 184 -25.63 21.71 -55.35
CA ILE B 184 -24.25 21.50 -54.91
C ILE B 184 -23.93 20.01 -54.87
N GLU B 185 -24.89 19.19 -54.43
CA GLU B 185 -24.70 17.74 -54.44
C GLU B 185 -24.33 17.25 -55.83
N ARG B 186 -25.08 17.69 -56.84
CA ARG B 186 -24.75 17.34 -58.22
C ARG B 186 -23.41 17.94 -58.64
N SER B 187 -23.07 19.11 -58.10
CA SER B 187 -21.79 19.73 -58.41
C SER B 187 -20.61 18.87 -58.00
N PHE B 188 -20.80 18.01 -56.99
CA PHE B 188 -19.72 17.07 -56.68
C PHE B 188 -19.55 15.98 -57.74
N ASP B 189 -20.64 15.52 -58.36
CA ASP B 189 -20.61 14.52 -59.43
C ASP B 189 -20.00 13.19 -58.95
N ASP B 190 -20.70 12.54 -58.01
CA ASP B 190 -20.29 11.23 -57.52
C ASP B 190 -21.52 10.34 -57.38
N LYS B 191 -21.31 9.04 -57.54
CA LYS B 191 -22.37 8.05 -57.37
C LYS B 191 -22.47 7.52 -55.96
N PHE B 192 -21.54 7.87 -55.08
CA PHE B 192 -21.60 7.42 -53.70
C PHE B 192 -22.76 8.07 -52.98
N PRO B 193 -23.22 7.49 -51.89
CA PRO B 193 -24.31 8.11 -51.11
C PRO B 193 -23.83 9.40 -50.44
N LYS B 194 -24.64 10.44 -50.56
CA LYS B 194 -24.38 11.72 -49.91
C LYS B 194 -25.53 12.03 -48.95
N ILE B 195 -25.22 12.08 -47.67
CA ILE B 195 -26.23 12.28 -46.64
C ILE B 195 -26.29 13.73 -46.19
N SER B 196 -25.14 14.38 -46.07
CA SER B 196 -25.09 15.76 -45.60
C SER B 196 -23.99 16.48 -46.37
N ILE B 197 -23.84 17.77 -46.08
CA ILE B 197 -22.84 18.62 -46.72
C ILE B 197 -22.07 19.36 -45.64
N SER B 198 -20.74 19.34 -45.75
CA SER B 198 -19.86 20.06 -44.83
C SER B 198 -19.28 21.26 -45.59
N TYR B 199 -19.70 22.46 -45.20
CA TYR B 199 -19.22 23.69 -45.79
C TYR B 199 -18.49 24.52 -44.75
N ILE B 200 -17.32 25.04 -45.13
CA ILE B 200 -16.46 25.77 -44.20
C ILE B 200 -16.20 27.17 -44.75
N LYS B 201 -15.87 28.07 -43.84
CA LYS B 201 -15.52 29.44 -44.17
C LYS B 201 -14.07 29.69 -43.79
N LEU B 202 -13.38 30.49 -44.60
CA LEU B 202 -11.96 30.78 -44.38
C LEU B 202 -11.75 31.54 -43.08
N GLY B 203 -11.16 30.89 -42.09
CA GLY B 203 -10.89 31.49 -40.79
C GLY B 203 -11.65 30.83 -39.65
N GLU B 204 -12.84 30.32 -39.93
CA GLU B 204 -13.67 29.70 -38.90
C GLU B 204 -13.22 28.26 -38.68
N LEU B 205 -12.86 27.93 -37.44
CA LEU B 205 -12.47 26.56 -37.12
C LEU B 205 -13.67 25.64 -37.04
N ARG B 206 -14.80 26.14 -36.53
CA ARG B 206 -16.01 25.34 -36.47
C ARG B 206 -16.57 25.09 -37.86
N ARG B 207 -17.03 23.86 -38.10
CA ARG B 207 -17.57 23.46 -39.39
C ARG B 207 -18.96 22.89 -39.16
N GLN B 208 -19.96 23.50 -39.78
CA GLN B 208 -21.36 23.13 -39.57
C GLN B 208 -21.92 22.44 -40.81
N VAL B 209 -22.83 21.50 -40.59
CA VAL B 209 -23.36 20.67 -41.66
C VAL B 209 -24.88 20.77 -41.67
N VAL B 210 -25.44 20.47 -42.84
CA VAL B 210 -26.88 20.49 -43.04
C VAL B 210 -27.31 19.15 -43.61
N ASP B 211 -28.57 18.80 -43.38
CA ASP B 211 -29.13 17.55 -43.90
C ASP B 211 -30.63 17.72 -44.07
N PHE B 212 -31.09 17.66 -45.31
CA PHE B 212 -32.51 17.74 -45.63
C PHE B 212 -33.03 16.33 -45.87
N PHE B 213 -34.18 16.01 -45.28
CA PHE B 213 -34.71 14.67 -45.38
C PHE B 213 -36.21 14.71 -45.12
N LYS B 214 -36.85 13.55 -45.33
CA LYS B 214 -38.27 13.37 -45.05
C LYS B 214 -38.50 11.89 -44.78
N PHE B 215 -39.58 11.60 -44.08
CA PHE B 215 -39.87 10.24 -43.69
C PHE B 215 -40.58 9.48 -44.81
N SER B 216 -40.30 8.19 -44.90
CA SER B 216 -40.92 7.31 -45.87
C SER B 216 -40.98 5.91 -45.31
N PHE B 217 -42.01 5.17 -45.68
CA PHE B 217 -42.22 3.81 -45.20
C PHE B 217 -42.43 2.89 -46.39
N MET B 218 -41.87 1.69 -46.29
CA MET B 218 -41.91 0.74 -47.40
C MET B 218 -41.86 -0.67 -46.86
N TYR B 219 -42.19 -1.62 -47.73
CA TYR B 219 -42.20 -3.03 -47.39
C TYR B 219 -40.83 -3.65 -47.60
N ILE B 220 -40.47 -4.59 -46.73
CA ILE B 220 -39.21 -5.32 -46.82
C ILE B 220 -39.53 -6.72 -47.33
N GLU B 221 -38.88 -7.11 -48.42
CA GLU B 221 -39.19 -8.37 -49.09
C GLU B 221 -38.16 -9.46 -48.81
N SER B 222 -36.91 -9.09 -48.56
CA SER B 222 -35.86 -10.06 -48.30
C SER B 222 -34.61 -9.32 -47.84
N ILE B 223 -33.79 -10.02 -47.05
CA ILE B 223 -32.47 -9.55 -46.66
C ILE B 223 -31.46 -10.52 -47.26
N LYS B 224 -30.56 -10.02 -48.11
CA LYS B 224 -29.62 -10.87 -48.81
C LYS B 224 -28.24 -10.21 -48.84
N VAL B 225 -27.22 -11.05 -48.79
CA VAL B 225 -25.83 -10.58 -48.81
C VAL B 225 -25.37 -10.45 -50.25
N ASP B 226 -24.48 -9.49 -50.47
CA ASP B 226 -23.93 -9.22 -51.80
C ASP B 226 -22.41 -9.37 -51.75
N ARG B 227 -21.86 -10.07 -52.73
CA ARG B 227 -20.43 -10.34 -52.78
C ARG B 227 -19.68 -9.04 -53.01
N ILE B 228 -18.96 -8.57 -51.97
CA ILE B 228 -18.10 -7.40 -52.13
C ILE B 228 -16.71 -7.70 -51.61
N GLY B 229 -16.27 -8.95 -51.73
CA GLY B 229 -14.91 -9.27 -51.38
C GLY B 229 -14.71 -10.77 -51.30
N ASP B 230 -13.44 -11.14 -51.12
CA ASP B 230 -13.08 -12.55 -50.92
C ASP B 230 -13.52 -12.97 -49.53
N ASN B 231 -14.50 -13.88 -49.47
CA ASN B 231 -15.14 -14.33 -48.24
C ASN B 231 -15.91 -13.20 -47.55
N ILE B 232 -16.21 -12.12 -48.27
CA ILE B 232 -16.86 -10.93 -47.71
C ILE B 232 -18.13 -10.66 -48.53
N PHE B 233 -19.28 -10.68 -47.86
CA PHE B 233 -20.57 -10.46 -48.49
C PHE B 233 -21.36 -9.43 -47.68
N ILE B 234 -21.90 -8.43 -48.35
CA ILE B 234 -22.63 -7.35 -47.69
C ILE B 234 -24.12 -7.66 -47.73
N PRO B 235 -24.77 -7.86 -46.59
CA PRO B 235 -26.22 -8.02 -46.59
C PRO B 235 -26.94 -6.78 -47.09
N SER B 236 -28.09 -7.00 -47.73
CA SER B 236 -28.86 -5.91 -48.31
C SER B 236 -30.30 -6.36 -48.48
N VAL B 237 -31.19 -5.37 -48.66
CA VAL B 237 -32.61 -5.60 -48.82
C VAL B 237 -33.10 -4.85 -50.05
N ILE B 238 -34.25 -5.28 -50.57
CA ILE B 238 -34.86 -4.62 -51.71
C ILE B 238 -36.28 -4.20 -51.37
N THR B 239 -36.99 -3.63 -52.34
CA THR B 239 -38.38 -3.24 -52.19
C THR B 239 -39.22 -3.91 -53.28
N LYS B 240 -40.52 -3.66 -53.24
CA LYS B 240 -41.40 -4.17 -54.29
C LYS B 240 -41.06 -3.56 -55.64
N SER B 241 -40.74 -2.28 -55.66
CA SER B 241 -40.28 -1.62 -56.88
C SER B 241 -38.80 -1.86 -57.16
N GLY B 242 -38.10 -2.53 -56.25
CA GLY B 242 -36.70 -2.81 -56.43
C GLY B 242 -35.75 -1.77 -55.86
N LYS B 243 -36.24 -0.86 -55.03
CA LYS B 243 -35.39 0.17 -54.46
C LYS B 243 -34.35 -0.46 -53.54
N LYS B 244 -33.16 0.12 -53.54
CA LYS B 244 -32.03 -0.39 -52.78
C LYS B 244 -31.88 0.44 -51.51
N ILE B 245 -32.02 -0.22 -50.36
CA ILE B 245 -31.88 0.43 -49.06
C ILE B 245 -30.45 0.19 -48.56
N LEU B 246 -29.78 1.26 -48.16
CA LEU B 246 -28.36 1.21 -47.87
C LEU B 246 -28.11 0.96 -46.39
N VAL B 247 -27.03 0.24 -46.11
CA VAL B 247 -26.68 -0.20 -44.76
C VAL B 247 -25.20 0.04 -44.52
N LYS B 248 -24.86 0.53 -43.33
CA LYS B 248 -23.47 0.74 -42.95
C LYS B 248 -22.81 -0.58 -42.56
N ASP B 249 -23.32 -1.23 -41.52
CA ASP B 249 -22.71 -2.42 -40.94
C ASP B 249 -23.78 -3.43 -40.57
N VAL B 250 -23.38 -4.69 -40.46
CA VAL B 250 -24.28 -5.70 -39.95
C VAL B 250 -24.65 -5.41 -38.51
N ASP B 251 -23.79 -4.68 -37.79
CA ASP B 251 -24.15 -4.19 -36.47
C ASP B 251 -25.38 -3.31 -36.55
N HIS B 252 -25.45 -2.46 -37.57
CA HIS B 252 -26.64 -1.63 -37.76
C HIS B 252 -27.87 -2.48 -38.04
N LEU B 253 -27.71 -3.54 -38.84
CA LEU B 253 -28.84 -4.41 -39.12
C LEU B 253 -29.37 -5.08 -37.85
N ILE B 254 -28.46 -5.56 -37.01
CA ILE B 254 -28.89 -6.14 -35.73
C ILE B 254 -29.54 -5.08 -34.86
N ARG B 255 -28.96 -3.88 -34.83
CA ARG B 255 -29.47 -2.80 -34.01
C ARG B 255 -30.82 -2.28 -34.51
N SER B 256 -31.18 -2.57 -35.76
CA SER B 256 -32.43 -2.09 -36.33
C SER B 256 -33.58 -3.07 -36.15
N LYS B 257 -33.31 -4.30 -35.73
CA LYS B 257 -34.33 -5.33 -35.53
C LYS B 257 -35.18 -5.51 -36.78
N VAL B 258 -34.49 -5.66 -37.92
CA VAL B 258 -35.19 -5.83 -39.20
C VAL B 258 -35.94 -7.15 -39.17
N ARG B 259 -37.21 -7.11 -39.59
CA ARG B 259 -38.08 -8.28 -39.62
C ARG B 259 -38.40 -8.64 -41.06
N GLU B 260 -38.26 -9.92 -41.40
CA GLU B 260 -38.56 -10.39 -42.74
C GLU B 260 -40.05 -10.25 -43.05
N HIS B 261 -40.35 -9.76 -44.26
CA HIS B 261 -41.73 -9.60 -44.72
C HIS B 261 -42.52 -8.68 -43.81
N THR B 262 -41.98 -7.48 -43.58
CA THR B 262 -42.63 -6.48 -42.73
C THR B 262 -42.47 -5.12 -43.40
N PHE B 263 -42.84 -4.07 -42.66
CA PHE B 263 -42.72 -2.69 -43.11
C PHE B 263 -41.71 -1.96 -42.24
N VAL B 264 -40.92 -1.07 -42.86
CA VAL B 264 -39.88 -0.35 -42.16
C VAL B 264 -39.97 1.13 -42.48
N LYS B 265 -39.36 1.94 -41.63
CA LYS B 265 -39.24 3.37 -41.84
C LYS B 265 -37.88 3.69 -42.44
N VAL B 266 -37.87 4.66 -43.35
CA VAL B 266 -36.65 5.01 -44.07
C VAL B 266 -36.73 6.46 -44.51
N LYS B 267 -35.68 7.22 -44.22
CA LYS B 267 -35.54 8.59 -44.70
C LYS B 267 -34.88 8.56 -46.07
N LYS B 268 -35.64 8.90 -47.11
CA LYS B 268 -35.19 8.75 -48.49
C LYS B 268 -34.62 10.06 -48.99
N LYS B 269 -33.46 9.98 -49.65
CA LYS B 269 -32.81 11.13 -50.27
C LYS B 269 -33.23 11.23 -51.73
N ASN B 270 -32.68 12.23 -52.42
CA ASN B 270 -32.99 12.39 -53.84
C ASN B 270 -32.48 11.18 -54.64
N THR B 271 -31.31 10.67 -54.29
CA THR B 271 -30.68 9.57 -55.02
C THR B 271 -30.84 8.23 -54.34
N PHE B 272 -30.68 8.17 -53.02
CA PHE B 272 -30.68 6.92 -52.28
C PHE B 272 -31.62 7.03 -51.09
N SER B 273 -31.77 5.91 -50.39
CA SER B 273 -32.55 5.86 -49.15
C SER B 273 -31.85 4.94 -48.18
N ILE B 274 -31.93 5.28 -46.89
CA ILE B 274 -31.25 4.54 -45.84
C ILE B 274 -32.24 4.23 -44.72
N LEU B 275 -32.29 2.97 -44.32
CA LEU B 275 -33.13 2.59 -43.19
C LEU B 275 -32.61 3.22 -41.91
N TYR B 276 -33.52 3.49 -40.99
CA TYR B 276 -33.20 4.22 -39.77
C TYR B 276 -33.00 3.27 -38.60
N ASP B 277 -31.96 3.53 -37.81
CA ASP B 277 -31.65 2.76 -36.62
C ASP B 277 -32.55 3.22 -35.47
N TYR B 278 -32.19 2.83 -34.24
CA TYR B 278 -32.95 3.17 -33.03
C TYR B 278 -34.36 2.58 -33.13
N ASP B 279 -34.41 1.26 -33.18
CA ASP B 279 -35.67 0.54 -33.34
C ASP B 279 -36.45 0.51 -32.03
N THR B 285 -33.53 -8.54 -27.53
CA THR B 285 -32.46 -7.57 -27.72
C THR B 285 -31.44 -8.08 -28.74
N ARG B 286 -30.16 -7.77 -28.49
CA ARG B 286 -29.10 -8.16 -29.43
C ARG B 286 -29.00 -9.67 -29.55
N GLY B 287 -29.05 -10.39 -28.42
CA GLY B 287 -29.05 -11.84 -28.47
C GLY B 287 -30.26 -12.39 -29.18
N GLU B 288 -31.42 -11.74 -29.03
CA GLU B 288 -32.61 -12.17 -29.73
C GLU B 288 -32.48 -11.97 -31.24
N VAL B 289 -32.05 -10.78 -31.66
CA VAL B 289 -32.01 -10.45 -33.08
C VAL B 289 -30.91 -11.24 -33.79
N ILE B 290 -29.74 -11.38 -33.16
CA ILE B 290 -28.62 -12.05 -33.81
C ILE B 290 -28.97 -13.49 -34.17
N LYS B 291 -29.87 -14.11 -33.41
CA LYS B 291 -30.31 -15.45 -33.75
C LYS B 291 -31.56 -15.46 -34.63
N ARG B 292 -32.47 -14.50 -34.45
CA ARG B 292 -33.68 -14.48 -35.26
C ARG B 292 -33.36 -14.24 -36.72
N ILE B 293 -32.45 -13.30 -37.01
CA ILE B 293 -32.14 -13.01 -38.41
C ILE B 293 -31.42 -14.18 -39.07
N ILE B 294 -30.54 -14.85 -38.32
CA ILE B 294 -29.86 -16.01 -38.88
C ILE B 294 -30.85 -17.15 -39.13
N ASP B 295 -31.75 -17.40 -38.18
CA ASP B 295 -32.76 -18.43 -38.37
C ASP B 295 -33.67 -18.10 -39.54
N THR B 296 -33.92 -16.82 -39.78
CA THR B 296 -34.67 -16.41 -40.97
C THR B 296 -33.90 -16.70 -42.24
N ILE B 297 -32.61 -16.32 -42.26
CA ILE B 297 -31.82 -16.49 -43.48
C ILE B 297 -31.35 -17.93 -43.63
N GLY B 298 -31.03 -18.59 -42.53
CA GLY B 298 -30.58 -19.97 -42.56
C GLY B 298 -29.48 -20.24 -41.54
N ARG B 299 -29.47 -21.46 -41.01
CA ARG B 299 -28.46 -21.85 -40.03
C ARG B 299 -27.06 -21.81 -40.63
N ASP B 300 -26.95 -22.00 -41.93
CA ASP B 300 -25.66 -21.99 -42.62
C ASP B 300 -25.23 -20.57 -43.00
N TYR B 301 -25.28 -19.67 -42.02
CA TYR B 301 -24.78 -18.30 -42.18
C TYR B 301 -24.05 -17.93 -40.89
N TYR B 302 -22.77 -17.60 -41.00
CA TYR B 302 -21.99 -17.28 -39.82
C TYR B 302 -21.53 -15.83 -39.88
N VAL B 303 -21.41 -15.22 -38.71
CA VAL B 303 -21.04 -13.82 -38.62
C VAL B 303 -19.57 -13.71 -39.01
N ASN B 304 -19.34 -13.38 -40.29
CA ASN B 304 -17.99 -13.26 -40.82
C ASN B 304 -17.53 -11.81 -40.67
N GLY B 305 -17.23 -11.46 -39.41
CA GLY B 305 -16.95 -10.07 -39.10
C GLY B 305 -18.16 -9.21 -39.35
N LYS B 306 -17.97 -8.14 -40.13
CA LYS B 306 -19.07 -7.26 -40.54
C LYS B 306 -19.75 -7.74 -41.81
N TYR B 307 -19.68 -9.04 -42.09
CA TYR B 307 -20.29 -9.63 -43.26
C TYR B 307 -20.88 -10.98 -42.88
N PHE B 308 -21.83 -11.45 -43.70
CA PHE B 308 -22.44 -12.75 -43.53
C PHE B 308 -21.97 -13.67 -44.63
N SER B 309 -21.54 -14.88 -44.26
CA SER B 309 -20.93 -15.80 -45.20
C SER B 309 -21.56 -17.17 -45.07
N LYS B 310 -21.32 -17.97 -46.11
CA LYS B 310 -21.74 -19.38 -46.14
C LYS B 310 -20.75 -20.20 -45.33
N VAL B 311 -20.74 -21.52 -45.54
CA VAL B 311 -19.90 -22.46 -44.81
C VAL B 311 -18.49 -21.91 -44.62
N GLY B 312 -18.01 -21.15 -45.59
CA GLY B 312 -16.68 -20.59 -45.47
C GLY B 312 -15.64 -21.69 -45.40
N SER B 313 -15.76 -22.65 -46.32
CA SER B 313 -14.87 -23.82 -46.32
C SER B 313 -13.40 -23.45 -46.38
N ALA B 314 -13.07 -22.18 -46.62
CA ALA B 314 -11.72 -21.63 -46.49
C ALA B 314 -10.74 -22.51 -47.27
N GLY B 315 -9.59 -22.88 -46.70
CA GLY B 315 -8.58 -23.64 -47.38
C GLY B 315 -7.22 -22.96 -47.22
N LEU B 316 -6.29 -23.36 -48.09
CA LEU B 316 -4.91 -22.86 -48.04
C LEU B 316 -4.80 -21.43 -48.56
N LYS B 317 -5.48 -21.14 -49.67
CA LYS B 317 -5.36 -19.83 -50.27
C LYS B 317 -5.99 -18.75 -49.40
N GLN B 318 -6.90 -19.12 -48.49
CA GLN B 318 -7.38 -18.15 -47.52
C GLN B 318 -6.28 -17.75 -46.56
N LEU B 319 -5.37 -18.69 -46.24
CA LEU B 319 -4.16 -18.31 -45.54
C LEU B 319 -3.32 -17.35 -46.39
N THR B 320 -3.19 -17.64 -47.68
CA THR B 320 -2.34 -16.80 -48.52
C THR B 320 -2.89 -15.38 -48.62
N ASN B 321 -4.21 -15.22 -48.73
CA ASN B 321 -4.78 -13.89 -49.01
C ASN B 321 -4.54 -12.94 -47.85
N LYS B 322 -4.82 -13.37 -46.62
CA LYS B 322 -4.52 -12.54 -45.47
C LYS B 322 -3.02 -12.39 -45.28
N LEU B 323 -2.26 -13.46 -45.55
CA LEU B 323 -0.81 -13.32 -45.61
C LEU B 323 -0.38 -12.43 -46.77
N ASP B 324 -1.29 -12.17 -47.72
CA ASP B 324 -1.00 -11.33 -48.87
C ASP B 324 0.21 -11.85 -49.64
N ILE B 325 0.33 -13.17 -49.70
CA ILE B 325 1.39 -13.84 -50.42
C ILE B 325 0.80 -14.43 -51.70
N ASN B 326 1.69 -14.93 -52.55
CA ASN B 326 1.25 -15.55 -53.80
C ASN B 326 0.30 -16.70 -53.51
N GLU B 327 -0.84 -16.70 -54.19
CA GLU B 327 -1.83 -17.74 -53.99
C GLU B 327 -1.25 -19.10 -54.37
N CYS B 328 -1.45 -20.09 -53.51
CA CYS B 328 -0.94 -21.43 -53.77
C CYS B 328 -1.85 -22.44 -53.12
N ALA B 329 -2.07 -23.55 -53.82
CA ALA B 329 -2.82 -24.69 -53.29
C ALA B 329 -1.93 -25.76 -52.72
N THR B 330 -0.62 -25.55 -52.70
CA THR B 330 0.34 -26.51 -52.18
C THR B 330 0.94 -25.98 -50.89
N VAL B 331 0.99 -26.83 -49.86
CA VAL B 331 1.59 -26.43 -48.60
C VAL B 331 3.08 -26.17 -48.78
N ASP B 332 3.70 -26.82 -49.77
CA ASP B 332 5.13 -26.59 -50.02
C ASP B 332 5.41 -25.16 -50.44
N GLU B 333 4.55 -24.60 -51.31
CA GLU B 333 4.73 -23.22 -51.73
C GLU B 333 4.51 -22.24 -50.60
N LEU B 334 3.84 -22.66 -49.52
CA LEU B 334 3.55 -21.77 -48.40
C LEU B 334 4.79 -21.35 -47.64
N VAL B 335 5.95 -21.95 -47.89
CA VAL B 335 7.18 -21.62 -47.18
C VAL B 335 8.28 -21.10 -48.09
N ASP B 336 8.11 -21.16 -49.41
CA ASP B 336 9.19 -20.79 -50.30
C ASP B 336 9.40 -19.28 -50.32
N GLU B 337 8.37 -18.54 -50.74
CA GLU B 337 8.50 -17.08 -50.84
C GLU B 337 8.61 -16.42 -49.48
N ILE B 338 8.23 -17.11 -48.41
CA ILE B 338 8.33 -16.53 -47.08
C ILE B 338 9.78 -16.20 -46.75
N ASN B 339 10.70 -17.07 -47.18
CA ASN B 339 12.12 -16.78 -47.00
C ASN B 339 12.55 -15.56 -47.80
N LYS B 340 12.07 -15.44 -49.05
CA LYS B 340 12.36 -14.24 -49.83
C LYS B 340 11.62 -13.01 -49.28
N SER B 341 10.53 -13.23 -48.56
CA SER B 341 9.78 -12.12 -47.97
C SER B 341 10.45 -11.69 -46.66
N GLY B 342 10.93 -10.44 -46.63
CA GLY B 342 11.65 -9.96 -45.47
C GLY B 342 10.77 -9.80 -44.24
N THR B 343 9.55 -9.30 -44.43
CA THR B 343 8.67 -8.97 -43.31
C THR B 343 7.46 -9.88 -43.19
N VAL B 344 7.10 -10.63 -44.23
CA VAL B 344 6.00 -11.59 -44.09
C VAL B 344 6.36 -12.65 -43.06
N LYS B 345 7.61 -13.14 -43.12
CA LYS B 345 8.07 -14.06 -42.08
C LYS B 345 8.06 -13.38 -40.71
N ARG B 346 8.39 -12.10 -40.66
CA ARG B 346 8.32 -11.36 -39.41
C ARG B 346 6.90 -11.29 -38.88
N LYS B 347 5.94 -10.99 -39.76
CA LYS B 347 4.54 -10.93 -39.33
C LYS B 347 4.06 -12.27 -38.82
N ILE B 348 4.38 -13.34 -39.54
CA ILE B 348 3.90 -14.66 -39.12
C ILE B 348 4.56 -15.08 -37.81
N LYS B 349 5.87 -14.87 -37.69
CA LYS B 349 6.59 -15.26 -36.49
C LYS B 349 6.11 -14.46 -35.28
N ASN B 350 5.86 -13.16 -35.46
CA ASN B 350 5.52 -12.31 -34.32
C ASN B 350 4.22 -12.75 -33.67
N GLN B 351 3.20 -13.07 -34.48
CA GLN B 351 1.93 -13.46 -33.91
C GLN B 351 1.98 -14.89 -33.41
N SER B 352 0.95 -15.26 -32.65
CA SER B 352 0.80 -16.64 -32.20
C SER B 352 0.20 -17.49 -33.32
N ALA B 353 0.26 -18.80 -33.12
CA ALA B 353 -0.48 -19.68 -34.02
C ALA B 353 -1.97 -19.36 -33.96
N PHE B 354 -2.50 -19.14 -32.76
CA PHE B 354 -3.92 -18.83 -32.64
C PHE B 354 -4.26 -17.48 -33.26
N ASP B 355 -3.31 -16.54 -33.27
CA ASP B 355 -3.54 -15.24 -33.89
C ASP B 355 -3.80 -15.40 -35.39
N LEU B 356 -2.87 -16.03 -36.09
CA LEU B 356 -3.06 -16.28 -37.52
C LEU B 356 -4.31 -17.11 -37.75
N SER B 357 -4.58 -18.07 -36.87
CA SER B 357 -5.75 -18.92 -37.03
C SER B 357 -7.03 -18.09 -37.04
N ARG B 358 -7.19 -17.22 -36.05
CA ARG B 358 -8.40 -16.40 -35.99
C ARG B 358 -8.42 -15.38 -37.12
N GLU B 359 -7.25 -14.88 -37.53
CA GLU B 359 -7.23 -13.86 -38.58
C GLU B 359 -7.61 -14.43 -39.94
N CYS B 360 -7.14 -15.64 -40.26
CA CYS B 360 -7.34 -16.16 -41.60
C CYS B 360 -8.76 -16.59 -41.88
N LEU B 361 -9.59 -16.76 -40.85
CA LEU B 361 -10.93 -17.30 -41.02
C LEU B 361 -12.03 -16.31 -40.67
N GLY B 362 -11.69 -15.04 -40.45
CA GLY B 362 -12.71 -14.04 -40.16
C GLY B 362 -13.53 -14.36 -38.93
N TYR B 363 -12.87 -14.82 -37.88
CA TYR B 363 -13.57 -15.25 -36.69
C TYR B 363 -13.72 -14.10 -35.70
N PRO B 364 -14.94 -13.73 -35.33
CA PRO B 364 -15.10 -12.73 -34.25
C PRO B 364 -14.47 -13.23 -32.97
N GLU B 365 -13.88 -12.30 -32.22
CA GLU B 365 -13.08 -12.67 -31.05
C GLU B 365 -13.95 -13.25 -29.94
N ALA B 366 -14.88 -12.45 -29.43
CA ALA B 366 -15.58 -12.83 -28.20
C ALA B 366 -16.40 -14.10 -28.38
N ASP B 367 -17.13 -14.20 -29.49
CA ASP B 367 -17.95 -15.38 -29.72
C ASP B 367 -17.09 -16.63 -29.77
N PHE B 368 -16.01 -16.58 -30.54
CA PHE B 368 -15.15 -17.75 -30.66
C PHE B 368 -14.52 -18.11 -29.33
N ILE B 369 -14.09 -17.11 -28.56
CA ILE B 369 -13.45 -17.38 -27.29
C ILE B 369 -14.42 -18.04 -26.32
N THR B 370 -15.65 -17.54 -26.25
CA THR B 370 -16.64 -18.15 -25.38
C THR B 370 -16.96 -19.58 -25.82
N LEU B 371 -17.18 -19.76 -27.12
CA LEU B 371 -17.47 -21.09 -27.63
C LEU B 371 -16.36 -22.06 -27.29
N VAL B 372 -15.11 -21.63 -27.43
CA VAL B 372 -13.97 -22.47 -27.08
C VAL B 372 -13.97 -22.75 -25.58
N ASN B 373 -14.26 -21.73 -24.79
CA ASN B 373 -14.35 -21.92 -23.35
C ASN B 373 -15.57 -22.72 -22.95
N ASN B 374 -16.36 -23.20 -23.90
CA ASN B 374 -17.42 -24.16 -23.62
C ASN B 374 -17.20 -25.51 -24.31
N MET B 375 -15.93 -25.93 -24.47
CA MET B 375 -15.60 -27.15 -25.19
C MET B 375 -14.59 -27.97 -24.41
N ARG B 376 -14.20 -29.10 -24.99
CA ARG B 376 -13.10 -29.91 -24.49
C ARG B 376 -12.26 -30.35 -25.68
N PHE B 377 -10.98 -30.62 -25.43
CA PHE B 377 -10.04 -30.80 -26.51
C PHE B 377 -9.05 -31.91 -26.19
N LYS B 378 -8.64 -32.62 -27.23
CA LYS B 378 -7.51 -33.55 -27.16
C LYS B 378 -6.43 -33.07 -28.10
N ILE B 379 -5.21 -32.97 -27.57
CA ILE B 379 -4.11 -32.35 -28.28
C ILE B 379 -2.93 -33.30 -28.28
N GLU B 380 -2.36 -33.54 -29.47
CA GLU B 380 -1.22 -34.41 -29.61
C GLU B 380 -0.19 -33.75 -30.51
N ASN B 381 1.07 -33.73 -30.07
CA ASN B 381 2.18 -33.13 -30.80
C ASN B 381 1.87 -31.69 -31.17
N CYS B 382 1.40 -30.93 -30.19
CA CYS B 382 1.05 -29.52 -30.33
C CYS B 382 -0.10 -29.29 -31.31
N LYS B 383 -0.84 -30.34 -31.64
CA LYS B 383 -1.87 -30.28 -32.66
C LYS B 383 -3.16 -30.90 -32.14
N VAL B 384 -4.28 -30.27 -32.46
CA VAL B 384 -5.58 -30.77 -32.01
C VAL B 384 -5.88 -32.07 -32.74
N VAL B 385 -6.23 -33.11 -31.98
CA VAL B 385 -6.63 -34.38 -32.55
C VAL B 385 -8.10 -34.70 -32.34
N ASN B 386 -8.76 -34.05 -31.39
CA ASN B 386 -10.20 -34.17 -31.25
C ASN B 386 -10.68 -33.05 -30.34
N PHE B 387 -12.00 -32.89 -30.28
CA PHE B 387 -12.62 -31.86 -29.49
C PHE B 387 -14.05 -32.28 -29.18
N ASN B 388 -14.62 -31.65 -28.15
CA ASN B 388 -16.00 -31.92 -27.79
C ASN B 388 -16.55 -30.76 -26.97
N ILE B 389 -17.82 -30.44 -27.21
CA ILE B 389 -18.47 -29.34 -26.51
C ILE B 389 -18.57 -29.67 -25.03
N GLU B 390 -18.16 -28.71 -24.20
CA GLU B 390 -18.32 -28.86 -22.76
C GLU B 390 -19.64 -28.27 -22.27
N ASN B 391 -20.03 -27.13 -22.82
CA ASN B 391 -21.29 -26.50 -22.48
C ASN B 391 -22.11 -26.27 -23.74
N THR B 392 -23.38 -26.67 -23.70
CA THR B 392 -24.31 -26.42 -24.78
C THR B 392 -25.16 -25.18 -24.56
N ASN B 393 -24.96 -24.47 -23.45
CA ASN B 393 -25.67 -23.21 -23.25
C ASN B 393 -25.18 -22.14 -24.22
N CYS B 394 -23.89 -22.18 -24.58
CA CYS B 394 -23.37 -21.27 -25.59
C CYS B 394 -24.03 -21.50 -26.94
N LEU B 395 -24.58 -22.68 -27.17
CA LEU B 395 -25.26 -22.97 -28.44
C LEU B 395 -26.48 -22.07 -28.63
N ASN B 396 -26.97 -21.42 -27.57
CA ASN B 396 -28.05 -20.46 -27.72
C ASN B 396 -27.61 -19.30 -28.62
N ASN B 397 -26.36 -18.89 -28.51
CA ASN B 397 -25.83 -17.83 -29.36
C ASN B 397 -25.58 -18.38 -30.76
N PRO B 398 -26.16 -17.80 -31.80
CA PRO B 398 -25.98 -18.36 -33.15
C PRO B 398 -24.54 -18.34 -33.63
N SER B 399 -23.77 -17.33 -33.25
CA SER B 399 -22.36 -17.29 -33.65
C SER B 399 -21.62 -18.52 -33.15
N ILE B 400 -21.92 -18.95 -31.93
CA ILE B 400 -21.28 -20.13 -31.36
C ILE B 400 -21.48 -21.34 -32.26
N GLU B 401 -22.75 -21.68 -32.51
CA GLU B 401 -23.06 -22.88 -33.27
C GLU B 401 -22.56 -22.77 -34.70
N THR B 402 -22.70 -21.58 -35.31
CA THR B 402 -22.23 -21.42 -36.68
C THR B 402 -20.72 -21.58 -36.77
N ILE B 403 -19.98 -20.98 -35.86
CA ILE B 403 -18.52 -21.17 -35.87
C ILE B 403 -18.19 -22.63 -35.58
N TYR B 404 -19.00 -23.32 -34.79
CA TYR B 404 -18.73 -24.74 -34.55
C TYR B 404 -18.94 -25.57 -35.81
N ARG B 405 -19.95 -25.23 -36.61
CA ARG B 405 -20.23 -25.98 -37.83
C ARG B 405 -18.98 -26.13 -38.67
N ASN B 406 -18.21 -25.05 -38.79
CA ASN B 406 -16.90 -25.07 -39.44
C ASN B 406 -15.77 -24.95 -38.43
N PHE B 407 -16.02 -25.31 -37.18
CA PHE B 407 -14.92 -25.42 -36.24
C PHE B 407 -13.94 -26.46 -36.74
N ASN B 408 -14.42 -27.40 -37.56
CA ASN B 408 -13.52 -28.25 -38.32
C ASN B 408 -12.61 -27.41 -39.21
N GLN B 409 -13.18 -26.40 -39.89
CA GLN B 409 -12.33 -25.51 -40.67
C GLN B 409 -11.30 -24.86 -39.78
N PHE B 410 -11.72 -24.41 -38.60
CA PHE B 410 -10.77 -23.76 -37.70
C PHE B 410 -9.68 -24.72 -37.27
N VAL B 411 -10.03 -25.94 -36.91
CA VAL B 411 -9.01 -26.85 -36.42
C VAL B 411 -8.08 -27.26 -37.54
N SER B 412 -8.63 -27.45 -38.74
CA SER B 412 -7.80 -27.79 -39.89
C SER B 412 -6.81 -26.67 -40.16
N ILE B 413 -7.30 -25.44 -40.27
CA ILE B 413 -6.41 -24.33 -40.55
C ILE B 413 -5.45 -24.12 -39.39
N PHE B 414 -5.87 -24.45 -38.16
CA PHE B 414 -5.02 -24.26 -37.00
C PHE B 414 -3.84 -25.22 -37.03
N ASN B 415 -4.12 -26.49 -37.28
CA ASN B 415 -3.04 -27.46 -37.43
C ASN B 415 -2.13 -27.07 -38.58
N VAL B 416 -2.73 -26.59 -39.67
CA VAL B 416 -1.93 -26.15 -40.81
C VAL B 416 -1.00 -25.01 -40.39
N VAL B 417 -1.52 -24.06 -39.62
CA VAL B 417 -0.70 -22.94 -39.17
C VAL B 417 0.43 -23.43 -38.29
N THR B 418 0.12 -24.35 -37.38
CA THR B 418 1.14 -24.83 -36.46
C THR B 418 2.25 -25.57 -37.18
N ASP B 419 1.89 -26.49 -38.08
CA ASP B 419 2.94 -27.14 -38.86
C ASP B 419 3.62 -26.18 -39.81
N VAL B 420 2.95 -25.07 -40.16
CA VAL B 420 3.62 -24.02 -40.92
C VAL B 420 4.71 -23.38 -40.08
N LYS B 421 4.43 -23.11 -38.80
CA LYS B 421 5.48 -22.61 -37.93
C LYS B 421 6.61 -23.61 -37.82
N LYS B 422 6.25 -24.89 -37.68
CA LYS B 422 7.26 -25.94 -37.56
C LYS B 422 8.16 -25.99 -38.78
N ARG B 423 7.57 -25.91 -39.98
CA ARG B 423 8.36 -25.96 -41.20
C ARG B 423 9.12 -24.66 -41.45
N LEU B 424 8.59 -23.54 -40.95
CA LEU B 424 9.33 -22.29 -41.01
C LEU B 424 10.58 -22.37 -40.15
N PHE B 425 10.54 -23.15 -39.06
CA PHE B 425 11.77 -23.48 -38.37
C PHE B 425 12.72 -24.24 -39.28
N GLU B 426 12.20 -25.20 -40.05
CA GLU B 426 13.01 -25.97 -40.98
C GLU B 426 13.52 -25.09 -42.12
N GLY C 24 38.75 6.80 35.75
CA GLY C 24 40.16 6.56 35.51
C GLY C 24 40.45 6.04 34.12
N ALA C 25 41.04 4.85 34.06
CA ALA C 25 41.36 4.24 32.78
C ALA C 25 40.09 3.74 32.10
N MET C 26 40.24 3.38 30.83
CA MET C 26 39.13 2.87 30.02
C MET C 26 39.17 1.36 30.01
N ASP C 27 38.03 0.73 30.32
CA ASP C 27 37.96 -0.72 30.31
C ASP C 27 37.70 -1.20 28.89
N PRO C 28 38.65 -1.90 28.27
CA PRO C 28 38.46 -2.33 26.87
C PRO C 28 37.30 -3.29 26.69
N ASP C 29 36.88 -4.00 27.72
CA ASP C 29 35.74 -4.90 27.61
C ASP C 29 34.46 -4.11 27.83
N VAL C 30 33.66 -3.99 26.78
CA VAL C 30 32.41 -3.24 26.84
C VAL C 30 31.32 -4.07 26.20
N ARG C 31 30.07 -3.73 26.51
CA ARG C 31 28.93 -4.30 25.81
C ARG C 31 28.01 -3.18 25.37
N CYS C 32 27.54 -3.28 24.13
CA CYS C 32 26.60 -2.30 23.62
C CYS C 32 25.25 -2.42 24.33
N ILE C 33 24.73 -1.28 24.77
CA ILE C 33 23.35 -1.22 25.25
C ILE C 33 22.51 -0.26 24.43
N ASN C 34 23.11 0.62 23.63
CA ASN C 34 22.34 1.52 22.79
C ASN C 34 23.21 2.13 21.70
N TRP C 35 22.66 2.19 20.49
CA TRP C 35 23.21 2.92 19.37
C TRP C 35 22.27 4.07 19.01
N PHE C 36 22.81 5.11 18.39
CA PHE C 36 21.97 6.10 17.74
C PHE C 36 22.81 6.93 16.77
N GLU C 37 22.10 7.67 15.91
CA GLU C 37 22.69 8.52 14.89
C GLU C 37 22.47 9.98 15.23
N SER C 38 23.40 10.82 14.80
CA SER C 38 23.46 12.22 15.22
C SER C 38 22.36 13.04 14.55
N HIS C 39 22.41 14.36 14.76
CA HIS C 39 21.48 15.29 14.13
C HIS C 39 22.15 16.55 13.59
N GLY C 40 23.45 16.73 13.80
CA GLY C 40 24.09 17.98 13.44
C GLY C 40 24.55 18.03 12.00
N GLU C 41 25.15 19.16 11.64
CA GLU C 41 25.73 19.31 10.30
C GLU C 41 26.73 18.21 10.03
N ASN C 42 27.72 18.08 10.91
CA ASN C 42 28.61 16.92 10.89
C ASN C 42 27.92 15.84 11.71
N ARG C 43 27.39 14.84 11.02
CA ARG C 43 26.66 13.77 11.68
C ARG C 43 27.60 12.61 11.96
N PHE C 44 27.33 11.91 13.05
CA PHE C 44 28.21 10.86 13.52
C PHE C 44 27.39 9.72 14.10
N LEU C 45 28.08 8.63 14.39
CA LEU C 45 27.52 7.52 15.16
C LEU C 45 28.15 7.51 16.53
N TYR C 46 27.32 7.70 17.56
CA TYR C 46 27.75 7.63 18.95
C TYR C 46 27.18 6.36 19.56
N LEU C 47 28.06 5.53 20.11
CA LEU C 47 27.68 4.25 20.69
C LEU C 47 27.75 4.36 22.21
N LYS C 48 26.68 3.91 22.86
CA LYS C 48 26.62 3.91 24.32
C LYS C 48 26.83 2.48 24.82
N SER C 49 28.06 2.17 25.20
CA SER C 49 28.44 0.85 25.66
C SER C 49 28.57 0.85 27.17
N ARG C 50 28.65 -0.36 27.73
CA ARG C 50 28.87 -0.54 29.16
C ARG C 50 30.02 -1.50 29.39
N CYS C 51 30.96 -1.10 30.25
CA CYS C 51 31.97 -2.01 30.73
C CYS C 51 31.40 -2.88 31.84
N ARG C 52 32.14 -3.92 32.23
CA ARG C 52 31.66 -4.79 33.29
C ARG C 52 31.72 -4.12 34.65
N ASN C 53 32.81 -3.40 34.93
CA ASN C 53 33.07 -2.90 36.27
C ASN C 53 32.10 -1.81 36.71
N GLY C 54 31.29 -1.26 35.81
CA GLY C 54 30.33 -0.26 36.20
C GLY C 54 30.43 1.05 35.45
N GLU C 55 31.07 1.02 34.29
CA GLU C 55 31.28 2.21 33.46
C GLU C 55 30.28 2.24 32.31
N THR C 56 29.90 3.47 31.93
CA THR C 56 29.08 3.72 30.75
C THR C 56 29.89 4.62 29.83
N VAL C 57 30.36 4.06 28.71
CA VAL C 57 31.33 4.73 27.86
C VAL C 57 30.70 5.05 26.51
N PHE C 58 31.10 6.17 25.93
CA PHE C 58 30.62 6.62 24.62
C PHE C 58 31.76 6.63 23.61
N ILE C 59 31.46 6.19 22.40
CA ILE C 59 32.44 6.13 21.33
C ILE C 59 31.84 6.76 20.08
N ARG C 60 32.55 7.73 19.50
CA ARG C 60 32.10 8.41 18.31
C ARG C 60 32.55 7.65 17.07
N PHE C 61 31.64 7.48 16.13
CA PHE C 61 31.96 6.85 14.85
C PHE C 61 31.52 7.77 13.72
N PRO C 62 32.42 8.21 12.88
CA PRO C 62 32.02 9.08 11.77
C PRO C 62 31.07 8.37 10.83
N HIS C 63 29.83 8.81 10.78
CA HIS C 63 28.85 8.23 9.89
C HIS C 63 29.13 8.65 8.45
N TYR C 64 28.51 7.96 7.51
CA TYR C 64 28.75 8.23 6.10
C TYR C 64 27.46 7.97 5.34
N PHE C 65 27.60 7.81 4.03
CA PHE C 65 26.54 7.26 3.18
C PHE C 65 27.11 6.07 2.41
N TYR C 66 26.22 5.13 2.09
CA TYR C 66 26.62 3.85 1.54
C TYR C 66 25.94 3.60 0.21
N TYR C 67 26.73 3.19 -0.79
CA TYR C 67 26.21 2.89 -2.12
C TYR C 67 27.07 1.83 -2.78
N VAL C 68 26.44 1.02 -3.63
CA VAL C 68 27.12 0.07 -4.49
C VAL C 68 26.75 0.37 -5.93
N VAL C 69 27.75 0.44 -6.80
CA VAL C 69 27.52 0.63 -8.22
C VAL C 69 28.36 -0.38 -8.97
N THR C 70 27.95 -0.64 -10.22
CA THR C 70 28.73 -1.48 -11.10
C THR C 70 30.07 -0.81 -11.39
N ASP C 71 31.10 -1.66 -11.58
CA ASP C 71 32.46 -1.16 -11.65
C ASP C 71 32.64 -0.14 -12.77
N GLU C 72 31.88 -0.26 -13.85
CA GLU C 72 31.95 0.76 -14.90
C GLU C 72 31.52 2.12 -14.39
N ILE C 73 30.44 2.16 -13.61
CA ILE C 73 30.01 3.42 -13.00
C ILE C 73 31.08 3.91 -12.04
N TYR C 74 31.66 3.01 -11.27
CA TYR C 74 32.72 3.38 -10.33
C TYR C 74 33.87 4.05 -11.06
N GLN C 75 34.30 3.48 -12.18
CA GLN C 75 35.40 4.07 -12.93
C GLN C 75 34.98 5.31 -13.71
N SER C 76 33.69 5.51 -13.92
CA SER C 76 33.22 6.61 -14.76
C SER C 76 33.06 7.93 -14.02
N LEU C 77 33.23 7.94 -12.70
CA LEU C 77 33.01 9.15 -11.91
C LEU C 77 34.35 9.83 -11.66
N SER C 78 34.48 11.08 -12.14
CA SER C 78 35.75 11.79 -12.09
C SER C 78 36.06 12.31 -10.69
N PRO C 79 35.19 13.08 -10.04
CA PRO C 79 35.49 13.50 -8.67
C PRO C 79 35.53 12.29 -7.76
N PRO C 80 36.70 11.96 -7.22
CA PRO C 80 36.86 10.68 -6.52
C PRO C 80 35.93 10.58 -5.34
N PRO C 81 35.30 9.42 -5.16
CA PRO C 81 34.54 9.18 -3.93
C PRO C 81 35.48 9.09 -2.74
N PHE C 82 34.96 9.42 -1.56
CA PHE C 82 35.80 9.52 -0.38
C PHE C 82 36.47 8.19 -0.07
N ASN C 83 35.68 7.11 0.01
CA ASN C 83 36.24 5.79 0.19
C ASN C 83 35.34 4.77 -0.49
N ALA C 84 35.97 3.79 -1.13
CA ALA C 84 35.24 2.76 -1.85
C ALA C 84 35.87 1.40 -1.56
N ARG C 85 35.02 0.37 -1.59
CA ARG C 85 35.49 -1.00 -1.39
C ARG C 85 34.71 -1.95 -2.29
N PRO C 86 35.40 -2.72 -3.12
CA PRO C 86 34.70 -3.66 -4.00
C PRO C 86 34.14 -4.84 -3.20
N LEU C 87 33.15 -5.49 -3.79
CA LEU C 87 32.56 -6.68 -3.19
C LEU C 87 32.74 -7.94 -4.04
N GLY C 88 33.44 -7.85 -5.17
CA GLY C 88 33.61 -8.98 -6.07
C GLY C 88 32.62 -8.95 -7.22
N LYS C 89 32.77 -9.92 -8.12
CA LYS C 89 31.91 -10.00 -9.30
C LYS C 89 30.62 -10.71 -8.91
N MET C 90 29.56 -9.94 -8.75
CA MET C 90 28.28 -10.45 -8.29
C MET C 90 27.27 -10.40 -9.44
N ARG C 91 26.63 -11.52 -9.70
CA ARG C 91 25.66 -11.54 -10.79
C ARG C 91 24.48 -10.65 -10.45
N THR C 92 24.01 -9.92 -11.45
CA THR C 92 22.87 -9.02 -11.29
C THR C 92 21.65 -9.71 -11.89
N ILE C 93 20.61 -9.84 -11.09
CA ILE C 93 19.44 -10.64 -11.46
C ILE C 93 18.26 -9.71 -11.60
N ASP C 94 17.67 -9.68 -12.79
CA ASP C 94 16.37 -9.05 -12.94
C ASP C 94 15.29 -9.93 -12.32
N ILE C 95 14.29 -9.30 -11.75
CA ILE C 95 13.23 -10.04 -11.09
C ILE C 95 11.86 -9.58 -11.55
N ASP C 96 11.77 -9.09 -12.79
CA ASP C 96 10.49 -8.69 -13.33
C ASP C 96 9.57 -9.89 -13.49
N GLU C 97 8.28 -9.64 -13.36
CA GLU C 97 7.25 -10.64 -13.70
C GLU C 97 6.70 -10.31 -15.07
N THR C 98 6.77 -11.28 -15.99
CA THR C 98 6.31 -11.07 -17.35
C THR C 98 5.39 -12.22 -17.75
N ILE C 99 4.10 -11.94 -17.86
CA ILE C 99 3.14 -12.97 -18.25
C ILE C 99 3.42 -13.38 -19.68
N SER C 100 3.00 -14.59 -20.04
CA SER C 100 3.19 -15.09 -21.38
C SER C 100 1.99 -15.94 -21.78
N TYR C 101 1.36 -15.59 -22.90
CA TYR C 101 0.22 -16.34 -23.39
C TYR C 101 0.61 -17.65 -24.05
N ASN C 102 1.91 -17.88 -24.24
CA ASN C 102 2.40 -19.10 -24.85
C ASN C 102 3.79 -19.36 -24.29
N LEU C 103 4.52 -20.29 -24.92
CA LEU C 103 5.74 -20.83 -24.35
C LEU C 103 7.00 -20.15 -24.85
N ASP C 104 6.88 -19.03 -25.57
CA ASP C 104 8.05 -18.23 -25.91
C ASP C 104 8.40 -17.37 -24.70
N ILE C 105 8.85 -18.04 -23.64
CA ILE C 105 9.20 -17.38 -22.39
C ILE C 105 10.70 -17.11 -22.41
N LYS C 106 11.05 -15.83 -22.32
CA LYS C 106 12.45 -15.42 -22.38
C LYS C 106 13.18 -15.84 -21.12
N ASP C 107 14.48 -16.09 -21.26
CA ASP C 107 15.31 -16.40 -20.10
C ASP C 107 15.39 -15.18 -19.19
N ARG C 108 15.45 -15.44 -17.89
CA ARG C 108 15.56 -14.36 -16.92
C ARG C 108 16.85 -13.58 -17.12
N LYS C 109 16.75 -12.26 -17.10
CA LYS C 109 17.92 -11.42 -17.34
C LYS C 109 18.95 -11.65 -16.24
N CYS C 110 20.18 -11.89 -16.64
CA CYS C 110 21.24 -12.24 -15.70
C CYS C 110 22.55 -11.67 -16.21
N SER C 111 23.03 -10.62 -15.57
CA SER C 111 24.31 -10.01 -15.91
C SER C 111 25.25 -10.12 -14.72
N VAL C 112 26.42 -10.70 -14.95
CA VAL C 112 27.41 -10.88 -13.89
C VAL C 112 28.43 -9.75 -14.00
N ALA C 113 28.59 -9.00 -12.92
CA ALA C 113 29.49 -7.85 -12.92
C ALA C 113 30.02 -7.63 -11.51
N ASP C 114 31.06 -6.82 -11.42
CA ASP C 114 31.69 -6.52 -10.14
C ASP C 114 31.15 -5.21 -9.60
N MET C 115 30.73 -5.22 -8.34
CA MET C 115 30.21 -4.05 -7.67
C MET C 115 31.26 -3.49 -6.71
N TRP C 116 31.10 -2.24 -6.35
CA TRP C 116 31.97 -1.59 -5.38
C TRP C 116 31.13 -0.85 -4.35
N LEU C 117 31.52 -0.97 -3.09
CA LEU C 117 30.84 -0.30 -1.97
C LEU C 117 31.60 0.96 -1.61
N ILE C 118 30.94 2.10 -1.74
CA ILE C 118 31.57 3.39 -1.52
C ILE C 118 31.12 3.96 -0.19
N GLU C 119 32.07 4.45 0.59
CA GLU C 119 31.79 5.17 1.82
C GLU C 119 31.89 6.66 1.50
N GLU C 120 30.75 7.32 1.43
CA GLU C 120 30.71 8.70 0.99
C GLU C 120 30.05 9.57 2.06
N PRO C 121 30.63 10.73 2.39
CA PRO C 121 30.08 11.54 3.47
C PRO C 121 28.87 12.37 3.08
N LYS C 122 28.81 12.79 1.82
CA LYS C 122 27.75 13.68 1.34
C LYS C 122 26.81 12.92 0.42
N LYS C 123 25.58 13.40 0.33
CA LYS C 123 24.57 12.71 -0.46
C LYS C 123 24.88 12.84 -1.94
N ARG C 124 25.96 12.20 -2.39
CA ARG C 124 26.37 12.28 -3.78
C ARG C 124 25.41 11.46 -4.62
N SER C 125 24.18 11.95 -4.78
CA SER C 125 23.14 11.19 -5.44
C SER C 125 23.57 10.83 -6.85
N ILE C 126 23.39 9.57 -7.20
CA ILE C 126 23.81 9.03 -8.49
C ILE C 126 22.60 8.49 -9.22
N GLN C 127 22.53 8.77 -10.52
CA GLN C 127 21.39 8.35 -11.34
C GLN C 127 21.27 6.84 -11.39
N ASN C 128 22.40 6.13 -11.46
CA ASN C 128 22.43 4.67 -11.53
C ASN C 128 23.30 4.16 -10.40
N ALA C 129 22.68 3.94 -9.25
CA ALA C 129 23.30 3.28 -8.11
C ALA C 129 22.37 2.18 -7.64
N THR C 130 22.96 1.08 -7.18
CA THR C 130 22.17 -0.09 -6.89
C THR C 130 22.16 -0.36 -5.39
N MET C 131 21.18 -1.14 -4.95
CA MET C 131 20.93 -1.41 -3.54
C MET C 131 20.62 -0.11 -2.79
N ASP C 132 19.46 0.46 -3.13
CA ASP C 132 19.06 1.75 -2.60
C ASP C 132 17.93 1.71 -1.60
N GLU C 133 17.23 0.59 -1.47
CA GLU C 133 16.04 0.52 -0.64
C GLU C 133 16.34 0.21 0.82
N PHE C 134 17.60 0.11 1.20
CA PHE C 134 18.01 -0.29 2.53
C PHE C 134 18.26 0.94 3.41
N LEU C 135 18.80 0.71 4.59
CA LEU C 135 19.16 1.79 5.51
C LEU C 135 20.65 1.76 5.74
N ASN C 136 21.28 2.94 5.69
CA ASN C 136 22.74 2.99 5.70
C ASN C 136 23.35 2.49 7.00
N ILE C 137 22.61 2.50 8.11
CA ILE C 137 23.18 2.00 9.36
C ILE C 137 23.38 0.50 9.30
N SER C 138 22.46 -0.22 8.65
CA SER C 138 22.65 -1.65 8.43
C SER C 138 23.91 -1.89 7.61
N TRP C 139 24.13 -1.06 6.61
CA TRP C 139 25.34 -1.14 5.81
C TRP C 139 26.58 -0.88 6.67
N PHE C 140 26.50 0.08 7.60
CA PHE C 140 27.63 0.30 8.51
C PHE C 140 27.92 -0.96 9.31
N TYR C 141 26.88 -1.54 9.91
CA TYR C 141 27.05 -2.76 10.69
C TYR C 141 27.77 -3.81 9.87
N ILE C 142 27.28 -4.07 8.65
CA ILE C 142 27.84 -5.16 7.89
C ILE C 142 29.21 -4.81 7.34
N SER C 143 29.45 -3.55 7.02
CA SER C 143 30.73 -3.15 6.46
C SER C 143 31.84 -3.28 7.49
N ASN C 144 31.59 -2.86 8.72
CA ASN C 144 32.61 -3.01 9.74
C ASN C 144 32.59 -4.37 10.39
N GLY C 145 31.61 -5.21 10.06
CA GLY C 145 31.45 -6.46 10.77
C GLY C 145 31.14 -6.27 12.23
N ILE C 146 30.65 -5.10 12.62
CA ILE C 146 30.40 -4.80 14.03
C ILE C 146 29.07 -5.41 14.43
N SER C 147 29.12 -6.43 15.26
CA SER C 147 27.92 -7.05 15.75
C SER C 147 27.15 -6.05 16.64
N PRO C 148 25.84 -5.98 16.52
CA PRO C 148 25.08 -4.99 17.27
C PRO C 148 25.25 -5.10 18.78
N ASP C 149 24.86 -6.22 19.36
CA ASP C 149 24.99 -6.42 20.79
C ASP C 149 26.32 -7.01 21.17
N GLY C 150 27.21 -7.19 20.19
CA GLY C 150 28.45 -7.90 20.45
C GLY C 150 29.35 -7.13 21.39
N CYS C 151 29.98 -7.86 22.30
CA CYS C 151 30.94 -7.30 23.23
C CYS C 151 32.32 -7.47 22.62
N TYR C 152 33.03 -6.37 22.44
CA TYR C 152 34.32 -6.40 21.77
C TYR C 152 35.38 -5.73 22.63
N SER C 153 36.61 -6.22 22.50
CA SER C 153 37.76 -5.62 23.18
C SER C 153 38.27 -4.49 22.32
N LEU C 154 37.83 -3.28 22.62
CA LEU C 154 38.18 -2.12 21.80
C LEU C 154 39.66 -1.82 21.93
N ASP C 155 40.18 -1.08 20.96
CA ASP C 155 41.61 -0.75 20.89
C ASP C 155 41.80 0.72 21.25
N GLU C 156 42.61 0.98 22.28
CA GLU C 156 42.90 2.35 22.68
C GLU C 156 43.64 3.09 21.57
N GLN C 157 44.58 2.43 20.89
CA GLN C 157 45.27 3.06 19.78
C GLN C 157 44.30 3.43 18.67
N TYR C 158 43.16 2.74 18.59
CA TYR C 158 42.08 3.09 17.69
C TYR C 158 40.98 3.87 18.39
N LEU C 159 41.20 4.29 19.63
CA LEU C 159 40.23 5.08 20.39
C LEU C 159 40.94 6.31 20.94
N THR C 160 40.80 7.44 20.27
CA THR C 160 41.36 8.69 20.74
C THR C 160 40.34 9.42 21.60
N LYS C 161 40.72 9.77 22.83
CA LYS C 161 39.79 10.41 23.74
C LYS C 161 39.51 11.83 23.27
N ILE C 162 38.23 12.14 23.09
CA ILE C 162 37.79 13.47 22.70
C ILE C 162 37.08 14.18 23.85
N ASN C 163 36.15 13.50 24.49
CA ASN C 163 35.43 14.04 25.64
C ASN C 163 35.62 13.11 26.82
N ASN C 164 35.10 13.53 27.97
CA ASN C 164 35.09 12.66 29.15
C ASN C 164 34.02 11.61 28.95
N GLY C 165 34.45 10.42 28.52
CA GLY C 165 33.53 9.35 28.18
C GLY C 165 33.32 9.15 26.71
N CYS C 166 33.72 10.10 25.87
CA CYS C 166 33.58 10.00 24.42
C CYS C 166 34.95 9.88 23.79
N TYR C 167 35.04 9.07 22.75
CA TYR C 167 36.33 8.76 22.14
C TYR C 167 36.21 8.79 20.64
N HIS C 168 37.32 9.12 19.98
CA HIS C 168 37.36 9.21 18.52
C HIS C 168 37.77 7.86 17.97
N CYS C 169 36.85 7.20 17.25
CA CYS C 169 37.10 5.92 16.61
C CYS C 169 36.97 6.10 15.10
N ASP C 170 38.10 6.34 14.44
CA ASP C 170 38.08 6.57 13.01
C ASP C 170 37.92 5.27 12.22
N ASP C 171 38.47 4.17 12.72
CA ASP C 171 38.49 2.90 12.00
C ASP C 171 37.74 1.85 12.81
N PRO C 172 36.43 1.72 12.62
CA PRO C 172 35.67 0.71 13.39
C PRO C 172 36.11 -0.72 13.13
N ARG C 173 36.60 -1.03 11.93
CA ARG C 173 37.00 -2.40 11.64
C ARG C 173 38.20 -2.80 12.49
N ASN C 174 39.25 -1.99 12.49
CA ASN C 174 40.41 -2.30 13.31
C ASN C 174 40.22 -1.95 14.77
N CYS C 175 39.16 -1.23 15.11
CA CYS C 175 38.85 -0.99 16.52
C CYS C 175 38.11 -2.17 17.13
N PHE C 176 37.08 -2.65 16.44
CA PHE C 176 36.32 -3.82 16.91
C PHE C 176 37.03 -5.11 16.50
N ALA C 177 38.27 -5.22 16.96
CA ALA C 177 39.14 -6.32 16.54
C ALA C 177 38.81 -7.62 17.26
N LYS C 178 38.94 -7.63 18.59
CA LYS C 178 38.76 -8.83 19.38
C LYS C 178 37.39 -8.82 20.04
N LYS C 179 36.55 -9.79 19.68
CA LYS C 179 35.27 -9.98 20.33
C LYS C 179 35.43 -10.89 21.54
N ILE C 180 34.54 -10.72 22.51
CA ILE C 180 34.64 -11.45 23.77
C ILE C 180 33.28 -12.05 24.11
N PRO C 181 33.23 -13.13 24.88
CA PRO C 181 31.94 -13.78 25.15
C PRO C 181 30.99 -12.87 25.90
N ARG C 182 29.69 -13.11 25.71
CA ARG C 182 28.68 -12.31 26.38
C ARG C 182 28.78 -12.48 27.89
N PHE C 183 28.84 -11.34 28.59
CA PHE C 183 28.69 -11.27 30.04
C PHE C 183 27.59 -10.27 30.36
N ASP C 184 27.30 -10.11 31.64
CA ASP C 184 26.20 -9.24 32.05
C ASP C 184 26.72 -7.97 32.69
N ILE C 185 25.80 -7.01 32.85
CA ILE C 185 26.18 -5.66 33.26
C ILE C 185 25.07 -5.07 34.11
N PRO C 186 25.43 -4.12 34.98
CA PRO C 186 24.40 -3.39 35.73
C PRO C 186 23.80 -2.28 34.88
N ARG C 187 22.49 -2.36 34.64
CA ARG C 187 21.82 -1.40 33.77
C ARG C 187 20.79 -0.63 34.58
N SER C 188 20.72 0.68 34.35
CA SER C 188 19.91 1.59 35.17
C SER C 188 18.59 1.89 34.48
N TYR C 189 17.64 0.97 34.65
CA TYR C 189 16.33 1.12 34.05
C TYR C 189 15.53 2.09 34.87
N LEU C 190 15.48 3.34 34.44
CA LEU C 190 14.57 4.29 35.05
C LEU C 190 13.15 4.02 34.56
N PHE C 191 12.18 4.36 35.37
CA PHE C 191 10.81 4.33 34.95
C PHE C 191 10.16 5.62 35.44
N LEU C 192 8.95 5.90 34.97
CA LEU C 192 8.15 6.96 35.57
C LEU C 192 6.76 7.03 34.96
N ASP C 193 5.78 7.50 35.72
CA ASP C 193 4.44 7.73 35.20
C ASP C 193 3.69 8.56 36.21
N ILE C 194 2.85 9.47 35.71
CA ILE C 194 2.24 10.49 36.56
C ILE C 194 0.71 10.41 36.47
N GLU C 195 0.03 11.32 37.16
CA GLU C 195 -1.40 11.55 36.95
C GLU C 195 -1.68 13.04 37.02
N CYS C 196 -2.74 13.47 36.34
CA CYS C 196 -3.11 14.88 36.25
C CYS C 196 -4.60 15.04 36.47
N HIS C 197 -4.97 16.10 37.19
CA HIS C 197 -6.38 16.32 37.52
C HIS C 197 -7.11 16.82 36.30
N PHE C 198 -7.87 15.94 35.67
CA PHE C 198 -8.79 16.38 34.64
C PHE C 198 -10.09 16.84 35.29
N ASP C 199 -10.89 17.58 34.52
CA ASP C 199 -12.14 18.12 35.05
C ASP C 199 -13.32 17.20 34.75
N LYS C 200 -13.68 17.09 33.50
CA LYS C 200 -14.54 16.06 32.93
C LYS C 200 -13.97 15.49 31.65
N LYS C 201 -13.36 16.34 30.82
CA LYS C 201 -12.76 15.90 29.58
C LYS C 201 -11.31 15.49 29.84
N PHE C 202 -10.55 15.29 28.77
CA PHE C 202 -9.19 14.82 28.90
C PHE C 202 -8.33 15.88 29.58
N PRO C 203 -7.36 15.45 30.39
CA PRO C 203 -6.48 16.41 31.08
C PRO C 203 -5.56 17.11 30.08
N SER C 204 -5.69 18.43 30.01
CA SER C 204 -4.86 19.25 29.14
C SER C 204 -3.84 20.01 29.96
N VAL C 205 -2.68 20.27 29.36
CA VAL C 205 -1.59 20.93 30.08
C VAL C 205 -1.98 22.33 30.51
N PHE C 206 -2.75 23.02 29.66
CA PHE C 206 -3.06 24.42 29.94
C PHE C 206 -4.11 24.58 31.04
N ILE C 207 -4.98 23.59 31.22
CA ILE C 207 -6.16 23.77 32.07
C ILE C 207 -6.24 22.72 33.17
N ASN C 208 -5.67 21.55 32.92
CA ASN C 208 -5.77 20.45 33.87
C ASN C 208 -4.41 20.23 34.53
N PRO C 209 -4.26 20.48 35.82
CA PRO C 209 -2.95 20.45 36.45
C PRO C 209 -2.50 19.03 36.77
N ILE C 210 -1.23 18.92 37.16
CA ILE C 210 -0.66 17.64 37.56
C ILE C 210 -1.25 17.21 38.90
N SER C 211 -1.74 15.97 38.97
CA SER C 211 -2.26 15.47 40.23
C SER C 211 -1.16 14.92 41.12
N HIS C 212 -0.39 13.96 40.61
CA HIS C 212 0.85 13.53 41.24
C HIS C 212 1.64 12.67 40.28
N THR C 213 2.96 12.73 40.42
CA THR C 213 3.89 11.88 39.69
C THR C 213 4.38 10.77 40.61
N SER C 214 4.92 9.72 40.01
CA SER C 214 5.54 8.64 40.77
C SER C 214 6.57 7.96 39.91
N TYR C 215 7.80 7.92 40.38
CA TYR C 215 8.93 7.41 39.63
C TYR C 215 9.33 6.06 40.19
N CYS C 216 10.16 5.33 39.46
CA CYS C 216 10.57 4.00 39.88
C CYS C 216 12.06 3.85 39.62
N TYR C 217 12.82 4.87 39.99
CA TYR C 217 14.25 4.93 39.74
C TYR C 217 14.92 3.63 40.15
N ILE C 218 15.74 3.09 39.25
CA ILE C 218 16.59 1.94 39.52
C ILE C 218 17.99 2.32 39.06
N ASP C 219 18.89 2.57 40.00
CA ASP C 219 20.24 3.00 39.65
C ASP C 219 21.07 1.78 39.27
N LEU C 220 22.36 2.00 39.03
CA LEU C 220 23.27 0.89 38.76
C LEU C 220 23.37 -0.07 39.93
N SER C 221 23.15 0.42 41.14
CA SER C 221 23.23 -0.42 42.33
C SER C 221 22.13 -1.46 42.39
N GLY C 222 21.12 -1.36 41.55
CA GLY C 222 19.95 -2.18 41.68
C GLY C 222 18.99 -1.72 42.76
N LYS C 223 19.28 -0.59 43.40
CA LYS C 223 18.40 -0.06 44.43
C LYS C 223 17.07 0.33 43.81
N ARG C 224 16.00 -0.40 44.16
CA ARG C 224 14.67 -0.06 43.67
C ARG C 224 14.14 1.15 44.43
N LEU C 225 14.81 2.28 44.20
CA LEU C 225 14.42 3.54 44.83
C LEU C 225 13.02 3.94 44.41
N LEU C 226 12.32 4.60 45.31
CA LEU C 226 11.01 5.15 45.00
C LEU C 226 10.91 6.58 45.50
N PHE C 227 10.11 7.39 44.78
CA PHE C 227 9.58 8.62 45.35
C PHE C 227 8.35 9.01 44.56
N THR C 228 7.25 9.20 45.26
CA THR C 228 5.97 9.59 44.66
C THR C 228 5.67 11.04 45.06
N LEU C 229 5.96 11.98 44.16
CA LEU C 229 5.72 13.39 44.42
C LEU C 229 4.24 13.72 44.26
N ILE C 230 3.75 14.62 45.11
CA ILE C 230 2.34 15.01 45.13
C ILE C 230 2.24 16.53 44.97
N ASN C 231 1.25 16.97 44.19
CA ASN C 231 1.11 18.38 43.91
C ASN C 231 0.56 19.13 45.12
N GLU C 232 1.37 20.03 45.68
CA GLU C 232 0.88 20.90 46.74
C GLU C 232 -0.24 21.78 46.25
N GLU C 233 -0.12 22.28 45.00
CA GLU C 233 -0.98 23.36 44.53
C GLU C 233 -2.45 22.99 44.63
N MET C 234 -2.82 21.79 44.21
CA MET C 234 -4.22 21.41 44.28
C MET C 234 -4.63 20.93 45.67
N LEU C 235 -3.84 21.21 46.69
CA LEU C 235 -4.21 20.85 48.04
C LEU C 235 -3.98 22.03 48.97
N THR C 236 -4.59 21.93 50.15
CA THR C 236 -4.58 23.03 51.10
C THR C 236 -3.25 23.10 51.84
N GLU C 237 -2.81 24.33 52.12
CA GLU C 237 -1.60 24.52 52.90
C GLU C 237 -1.73 23.88 54.28
N GLN C 238 -2.91 24.01 54.90
CA GLN C 238 -3.18 23.29 56.14
C GLN C 238 -3.09 21.79 55.93
N GLU C 239 -3.65 21.27 54.83
CA GLU C 239 -3.51 19.86 54.51
C GLU C 239 -2.05 19.50 54.27
N ILE C 240 -1.28 20.40 53.65
CA ILE C 240 0.14 20.17 53.45
C ILE C 240 0.85 20.02 54.80
N GLN C 241 0.51 20.88 55.75
CA GLN C 241 1.09 20.76 57.08
C GLN C 241 0.68 19.45 57.74
N GLU C 242 -0.59 19.06 57.58
CA GLU C 242 -1.05 17.79 58.13
C GLU C 242 -0.23 16.63 57.57
N ALA C 243 -0.03 16.61 56.27
CA ALA C 243 0.73 15.52 55.65
C ALA C 243 2.18 15.55 56.08
N VAL C 244 2.78 16.74 56.20
CA VAL C 244 4.15 16.85 56.70
C VAL C 244 4.24 16.27 58.10
N ASP C 245 3.21 16.51 58.91
CA ASP C 245 3.16 15.92 60.24
C ASP C 245 2.87 14.43 60.23
N ARG C 246 2.29 13.91 59.13
CA ARG C 246 1.95 12.49 59.04
C ARG C 246 3.02 11.66 58.36
N GLY C 247 4.22 12.23 58.15
CA GLY C 247 5.34 11.48 57.60
C GLY C 247 5.99 12.13 56.39
N CYS C 248 5.24 12.95 55.66
CA CYS C 248 5.72 13.49 54.40
C CYS C 248 6.80 14.54 54.62
N LEU C 249 7.71 14.63 53.66
CA LEU C 249 8.76 15.63 53.64
C LEU C 249 8.45 16.64 52.56
N ARG C 250 8.56 17.92 52.89
CA ARG C 250 8.24 19.00 51.96
C ARG C 250 9.51 19.74 51.56
N ILE C 251 9.70 19.88 50.25
CA ILE C 251 10.76 20.70 49.69
C ILE C 251 10.14 21.62 48.66
N GLN C 252 10.73 22.80 48.49
CA GLN C 252 10.18 23.81 47.58
C GLN C 252 11.19 24.23 46.52
N SER C 253 12.18 23.40 46.23
CA SER C 253 13.19 23.76 45.24
C SER C 253 13.71 22.50 44.56
N LEU C 254 14.73 22.69 43.71
CA LEU C 254 15.42 21.59 43.05
C LEU C 254 16.63 21.12 43.85
N MET C 255 17.21 21.99 44.67
CA MET C 255 18.40 21.62 45.44
C MET C 255 18.07 20.82 46.68
N GLU C 256 16.84 20.93 47.20
CA GLU C 256 16.47 20.35 48.48
C GLU C 256 16.09 18.88 48.40
N MET C 257 16.09 18.28 47.21
CA MET C 257 15.50 16.97 47.03
C MET C 257 16.40 15.83 47.51
N ASP C 258 15.78 14.85 48.16
CA ASP C 258 16.41 13.59 48.51
C ASP C 258 15.56 12.45 47.96
N TYR C 259 16.22 11.45 47.38
CA TYR C 259 15.49 10.39 46.69
C TYR C 259 14.82 9.44 47.67
N GLU C 260 15.50 9.07 48.75
CA GLU C 260 15.14 7.88 49.50
C GLU C 260 13.75 7.95 50.08
N ARG C 261 13.21 9.13 50.32
CA ARG C 261 11.85 9.22 50.84
C ARG C 261 10.86 8.78 49.78
N GLU C 262 9.65 8.49 50.22
CA GLU C 262 8.59 8.07 49.33
C GLU C 262 7.67 9.21 48.96
N LEU C 263 7.08 9.88 49.94
CA LEU C 263 6.17 10.99 49.69
C LEU C 263 6.94 12.28 49.95
N VAL C 264 7.54 12.82 48.89
CA VAL C 264 8.13 14.16 48.93
C VAL C 264 7.12 15.11 48.31
N LEU C 265 6.82 16.20 49.02
CA LEU C 265 5.74 17.10 48.62
C LEU C 265 6.31 18.44 48.15
N CYS C 266 5.72 18.98 47.08
CA CYS C 266 6.19 20.21 46.48
C CYS C 266 5.10 20.73 45.55
N SER C 267 5.27 21.97 45.10
CA SER C 267 4.33 22.60 44.19
C SER C 267 4.73 22.33 42.74
N GLU C 268 3.88 22.78 41.82
CA GLU C 268 4.02 22.36 40.43
C GLU C 268 5.35 22.80 39.84
N ILE C 269 5.79 24.02 40.14
CA ILE C 269 7.08 24.48 39.64
C ILE C 269 8.21 23.58 40.15
N VAL C 270 8.17 23.27 41.44
CA VAL C 270 9.21 22.44 42.03
C VAL C 270 9.19 21.05 41.41
N LEU C 271 7.99 20.48 41.27
CA LEU C 271 7.87 19.15 40.69
C LEU C 271 8.45 19.10 39.29
N LEU C 272 8.12 20.09 38.47
CA LEU C 272 8.60 20.06 37.09
C LEU C 272 10.09 20.34 37.01
N ARG C 273 10.63 21.19 37.90
CA ARG C 273 12.08 21.41 37.92
C ARG C 273 12.81 20.12 38.28
N ILE C 274 12.30 19.40 39.28
CA ILE C 274 12.94 18.14 39.65
C ILE C 274 12.82 17.13 38.52
N ALA C 275 11.66 17.10 37.85
CA ALA C 275 11.50 16.18 36.72
C ALA C 275 12.51 16.50 35.63
N LYS C 276 12.74 17.78 35.35
CA LYS C 276 13.75 18.16 34.36
C LYS C 276 15.13 17.71 34.79
N GLN C 277 15.46 17.89 36.07
CA GLN C 277 16.71 17.35 36.58
C GLN C 277 16.78 15.85 36.37
N LEU C 278 15.64 15.18 36.37
CA LEU C 278 15.63 13.72 36.27
C LEU C 278 15.82 13.24 34.83
N LEU C 279 14.92 13.64 33.93
CA LEU C 279 14.96 13.13 32.56
C LEU C 279 16.25 13.46 31.84
N GLU C 280 16.93 14.52 32.26
CA GLU C 280 18.27 14.80 31.74
C GLU C 280 19.25 13.69 32.05
N LEU C 281 19.01 12.91 33.10
CA LEU C 281 20.06 12.05 33.62
C LEU C 281 20.44 10.98 32.61
N THR C 282 21.74 10.68 32.55
CA THR C 282 22.28 9.80 31.54
C THR C 282 21.80 8.38 31.79
N PHE C 283 20.49 8.18 31.63
CA PHE C 283 19.91 6.89 31.93
C PHE C 283 20.15 5.91 30.79
N ASP C 284 20.06 4.63 31.11
CA ASP C 284 20.23 3.58 30.11
C ASP C 284 18.93 3.25 29.43
N TYR C 285 17.87 3.12 30.20
CA TYR C 285 16.56 2.94 29.62
C TYR C 285 15.62 3.90 30.31
N VAL C 286 14.46 4.09 29.71
CA VAL C 286 13.35 4.79 30.34
C VAL C 286 12.10 4.17 29.79
N VAL C 287 11.16 3.89 30.66
CA VAL C 287 9.98 3.14 30.27
C VAL C 287 8.75 3.92 30.70
N THR C 288 7.69 3.79 29.93
CA THR C 288 6.42 4.38 30.30
C THR C 288 5.31 3.65 29.58
N PHE C 289 4.13 3.65 30.18
CA PHE C 289 2.92 3.25 29.50
C PHE C 289 2.26 4.50 28.94
N ASN C 290 2.03 4.54 27.63
CA ASN C 290 1.36 5.62 26.92
C ASN C 290 2.20 6.89 26.90
N GLY C 291 3.41 6.85 27.46
CA GLY C 291 4.05 8.08 27.92
C GLY C 291 4.42 9.06 26.83
N HIS C 292 5.01 8.57 25.74
CA HIS C 292 5.54 9.51 24.77
C HIS C 292 4.45 10.29 24.05
N ASN C 293 3.19 9.91 24.20
CA ASN C 293 2.09 10.66 23.59
C ASN C 293 1.45 11.63 24.57
N PHE C 294 1.04 11.15 25.74
CA PHE C 294 0.30 11.99 26.68
C PHE C 294 1.20 12.56 27.77
N ASP C 295 1.92 11.69 28.48
CA ASP C 295 2.51 12.09 29.76
C ASP C 295 3.82 12.84 29.60
N LEU C 296 4.79 12.29 28.87
CA LEU C 296 6.07 12.99 28.76
C LEU C 296 5.91 14.32 28.04
N ARG C 297 5.13 14.33 26.96
CA ARG C 297 4.77 15.60 26.35
C ARG C 297 4.05 16.50 27.35
N TYR C 298 3.28 15.91 28.27
CA TYR C 298 2.57 16.71 29.26
C TYR C 298 3.55 17.43 30.19
N ILE C 299 4.59 16.73 30.64
CA ILE C 299 5.63 17.41 31.39
C ILE C 299 6.23 18.51 30.54
N THR C 300 6.51 18.21 29.26
CA THR C 300 7.12 19.22 28.41
C THR C 300 6.29 20.49 28.36
N ASN C 301 5.01 20.35 28.06
CA ASN C 301 4.17 21.52 27.83
C ASN C 301 3.87 22.23 29.13
N ARG C 302 3.61 21.49 30.22
CA ARG C 302 3.32 22.17 31.47
C ARG C 302 4.54 22.89 32.02
N LEU C 303 5.73 22.34 31.84
CA LEU C 303 6.92 23.01 32.32
C LEU C 303 7.26 24.20 31.46
N GLU C 304 6.90 24.19 30.16
CA GLU C 304 7.08 25.41 29.36
C GLU C 304 6.04 26.46 29.69
N LEU C 305 4.82 26.05 29.99
CA LEU C 305 3.78 27.00 30.32
C LEU C 305 4.03 27.69 31.66
N LEU C 306 4.62 26.99 32.63
CA LEU C 306 4.89 27.65 33.90
C LEU C 306 6.31 28.18 34.01
N THR C 307 7.29 27.46 33.49
CA THR C 307 8.67 27.92 33.47
C THR C 307 9.12 28.07 32.02
N GLY C 308 10.28 28.69 31.84
CA GLY C 308 10.81 28.89 30.50
C GLY C 308 11.84 27.89 30.05
N GLU C 309 12.01 26.78 30.76
CA GLU C 309 13.10 25.85 30.51
C GLU C 309 12.55 24.60 29.85
N LYS C 310 12.71 24.49 28.55
CA LYS C 310 12.41 23.24 27.87
C LYS C 310 13.35 22.15 28.36
N ILE C 311 12.88 20.91 28.31
CA ILE C 311 13.68 19.78 28.78
C ILE C 311 14.87 19.61 27.84
N ILE C 312 16.07 19.65 28.40
CA ILE C 312 17.30 19.81 27.63
C ILE C 312 18.07 18.50 27.60
N PHE C 313 18.00 17.79 26.48
CA PHE C 313 18.86 16.64 26.26
C PHE C 313 20.14 17.08 25.57
N ARG C 314 21.23 16.37 25.83
CA ARG C 314 22.51 16.74 25.24
C ARG C 314 23.26 15.51 24.76
N SER C 315 24.05 15.69 23.71
CA SER C 315 24.94 14.64 23.28
C SER C 315 26.04 14.44 24.30
N PRO C 316 26.49 13.20 24.47
CA PRO C 316 27.60 12.95 25.40
C PRO C 316 28.87 13.72 25.07
N ASP C 317 29.15 13.96 23.79
CA ASP C 317 30.35 14.69 23.44
C ASP C 317 30.19 16.20 23.54
N LYS C 318 29.00 16.68 23.92
CA LYS C 318 28.73 18.10 24.16
C LYS C 318 28.97 18.93 22.90
N LYS C 319 28.35 18.50 21.80
CA LYS C 319 28.41 19.23 20.56
C LYS C 319 27.04 19.51 19.96
N GLU C 320 26.00 18.87 20.44
CA GLU C 320 24.62 19.22 20.09
C GLU C 320 23.85 19.41 21.38
N ALA C 321 22.67 20.03 21.25
CA ALA C 321 21.74 20.08 22.37
C ALA C 321 20.34 20.24 21.77
N VAL C 322 19.66 19.13 21.57
CA VAL C 322 18.29 19.19 21.06
C VAL C 322 17.38 19.47 22.23
N HIS C 323 16.12 19.75 21.95
CA HIS C 323 15.11 19.86 22.99
C HIS C 323 14.05 18.80 22.76
N LEU C 324 13.17 18.62 23.74
CA LEU C 324 12.25 17.49 23.68
C LEU C 324 11.33 17.61 22.48
N CYS C 325 11.22 16.52 21.73
CA CYS C 325 10.57 16.50 20.43
C CYS C 325 9.63 15.31 20.36
N ILE C 326 8.34 15.59 20.20
CA ILE C 326 7.33 14.57 20.02
C ILE C 326 7.00 14.49 18.53
N TYR C 327 7.23 13.33 17.93
CA TYR C 327 6.80 13.09 16.56
C TYR C 327 6.32 11.66 16.43
N GLU C 328 5.40 11.43 15.50
CA GLU C 328 4.73 10.15 15.34
C GLU C 328 4.92 9.61 13.94
N ARG C 329 5.19 8.31 13.84
CA ARG C 329 5.49 7.66 12.58
C ARG C 329 4.42 6.61 12.29
N ASN C 330 3.86 6.67 11.08
CA ASN C 330 2.77 5.79 10.69
C ASN C 330 3.28 4.48 10.13
N GLN C 331 2.37 3.51 10.04
CA GLN C 331 2.66 2.22 9.45
C GLN C 331 1.38 1.62 8.90
N SER C 332 1.55 0.68 7.98
CA SER C 332 0.40 0.04 7.34
C SER C 332 0.80 -1.36 6.89
N SER C 333 -0.05 -2.34 7.19
CA SER C 333 0.18 -3.72 6.78
C SER C 333 -1.11 -4.52 6.89
N MET C 340 -7.13 -1.60 10.26
CA MET C 340 -6.37 -1.18 11.43
C MET C 340 -5.44 -0.03 11.09
N ALA C 341 -5.78 1.17 11.55
CA ALA C 341 -4.96 2.36 11.38
C ALA C 341 -4.31 2.70 12.71
N ASN C 342 -2.98 2.74 12.73
CA ASN C 342 -2.24 2.92 13.97
C ASN C 342 -1.17 3.98 13.79
N THR C 343 -0.79 4.58 14.92
CA THR C 343 0.24 5.61 14.95
C THR C 343 1.10 5.39 16.19
N THR C 344 2.40 5.61 16.04
CA THR C 344 3.36 5.35 17.11
C THR C 344 4.18 6.60 17.39
N PHE C 345 4.13 7.08 18.62
CA PHE C 345 4.87 8.26 19.03
C PHE C 345 6.29 7.88 19.41
N HIS C 346 7.19 8.85 19.31
CA HIS C 346 8.59 8.64 19.64
C HIS C 346 9.20 9.98 20.03
N VAL C 347 10.43 9.93 20.53
CA VAL C 347 11.19 11.14 20.85
C VAL C 347 12.63 10.97 20.37
N ASN C 348 13.14 11.96 19.65
CA ASN C 348 14.48 11.83 19.07
C ASN C 348 15.53 12.57 19.91
N ASN C 349 15.38 12.44 21.21
CA ASN C 349 16.45 12.78 22.13
C ASN C 349 17.71 11.98 21.77
N ASN C 350 18.87 12.59 21.94
CA ASN C 350 20.11 11.87 21.67
C ASN C 350 21.06 11.94 22.88
N ASN C 351 20.50 11.78 24.08
CA ASN C 351 21.34 11.72 25.28
C ASN C 351 22.06 10.38 25.40
N GLY C 352 21.35 9.29 25.15
CA GLY C 352 21.88 7.96 25.39
C GLY C 352 20.85 6.96 25.87
N THR C 353 19.63 7.40 26.09
CA THR C 353 18.63 6.57 26.73
C THR C 353 17.54 6.19 25.74
N ILE C 354 17.33 4.90 25.58
CA ILE C 354 16.41 4.43 24.56
C ILE C 354 15.02 4.73 25.05
N PHE C 355 14.53 5.90 24.74
CA PHE C 355 13.34 6.39 25.42
C PHE C 355 12.16 5.52 25.05
N PHE C 356 12.06 4.40 25.72
CA PHE C 356 11.16 3.33 25.34
C PHE C 356 9.71 3.73 25.62
N ASP C 357 8.81 2.78 25.41
CA ASP C 357 7.41 2.91 25.74
C ASP C 357 6.85 1.49 25.80
N LEU C 358 5.71 1.35 26.48
CA LEU C 358 5.08 0.04 26.57
C LEU C 358 3.85 -0.09 25.69
N TYR C 359 3.07 0.98 25.54
CA TYR C 359 1.84 0.91 24.78
C TYR C 359 2.09 0.48 23.34
N SER C 360 2.88 1.26 22.61
CA SER C 360 3.06 1.00 21.19
C SER C 360 3.77 -0.32 20.95
N PHE C 361 4.86 -0.58 21.67
CA PHE C 361 5.61 -1.81 21.44
C PHE C 361 4.77 -3.04 21.77
N ILE C 362 4.03 -2.99 22.87
CA ILE C 362 3.19 -4.12 23.22
C ILE C 362 2.11 -4.32 22.17
N GLN C 363 1.48 -3.24 21.70
CA GLN C 363 0.50 -3.40 20.64
C GLN C 363 1.12 -3.94 19.36
N LYS C 364 2.42 -3.70 19.15
CA LYS C 364 3.10 -4.33 18.02
C LYS C 364 3.26 -5.82 18.24
N SER C 365 3.61 -6.23 19.46
CA SER C 365 3.81 -7.66 19.72
C SER C 365 2.50 -8.41 19.91
N GLU C 366 1.40 -7.72 20.13
CA GLU C 366 0.19 -8.38 20.60
C GLU C 366 -1.00 -8.13 19.69
N LYS C 367 -1.82 -9.17 19.52
CA LYS C 367 -3.11 -9.09 18.86
C LYS C 367 -4.14 -9.51 19.91
N LEU C 368 -4.57 -8.54 20.72
CA LEU C 368 -5.37 -8.83 21.91
C LEU C 368 -6.75 -8.19 21.82
N ASP C 369 -7.64 -8.66 22.69
CA ASP C 369 -8.99 -8.08 22.75
C ASP C 369 -8.92 -6.62 23.15
N SER C 370 -8.07 -6.29 24.11
CA SER C 370 -7.84 -4.90 24.50
C SER C 370 -6.38 -4.73 24.90
N TYR C 371 -5.87 -3.52 24.75
CA TYR C 371 -4.54 -3.17 25.22
C TYR C 371 -4.60 -2.16 26.36
N LYS C 372 -5.75 -2.04 27.01
CA LYS C 372 -5.83 -1.31 28.26
C LYS C 372 -4.92 -1.98 29.29
N LEU C 373 -4.25 -1.15 30.09
CA LEU C 373 -3.27 -1.68 31.04
C LEU C 373 -3.89 -2.71 31.97
N ASP C 374 -5.17 -2.57 32.28
CA ASP C 374 -5.87 -3.57 33.07
C ASP C 374 -5.76 -4.95 32.43
N SER C 375 -6.04 -5.04 31.13
CA SER C 375 -6.04 -6.33 30.46
C SER C 375 -4.63 -6.90 30.35
N ILE C 376 -3.64 -6.04 30.10
CA ILE C 376 -2.26 -6.51 29.98
C ILE C 376 -1.77 -7.04 31.31
N SER C 377 -2.11 -6.37 32.41
CA SER C 377 -1.75 -6.91 33.71
C SER C 377 -2.50 -8.20 34.00
N LYS C 378 -3.77 -8.28 33.60
CA LYS C 378 -4.55 -9.49 33.83
C LYS C 378 -3.91 -10.68 33.15
N ASN C 379 -3.38 -10.50 31.95
CA ASN C 379 -2.77 -11.58 31.18
C ASN C 379 -1.25 -11.54 31.24
N ALA C 380 -0.68 -10.95 32.29
CA ALA C 380 0.75 -11.06 32.55
C ALA C 380 1.03 -11.72 33.90
N PHE C 381 0.43 -11.23 34.98
CA PHE C 381 0.56 -11.83 36.29
C PHE C 381 -0.81 -12.35 36.70
N SER C 382 -0.93 -13.66 36.84
CA SER C 382 -2.20 -14.28 37.23
C SER C 382 -1.87 -15.61 37.91
N CYS C 383 -1.94 -15.63 39.24
CA CYS C 383 -1.59 -16.82 40.00
C CYS C 383 -2.81 -17.34 40.75
N MET C 384 -2.85 -18.65 40.94
CA MET C 384 -3.99 -19.28 41.57
C MET C 384 -3.92 -19.12 43.08
N GLY C 385 -5.09 -19.15 43.72
CA GLY C 385 -5.16 -18.95 45.14
C GLY C 385 -5.64 -20.17 45.90
N LYS C 386 -5.27 -20.23 47.18
CA LYS C 386 -5.75 -21.27 48.09
C LYS C 386 -6.33 -20.57 49.31
N VAL C 387 -7.58 -20.86 49.63
CA VAL C 387 -8.28 -20.13 50.68
C VAL C 387 -7.68 -20.47 52.03
N LEU C 388 -7.38 -19.43 52.82
CA LEU C 388 -6.85 -19.61 54.16
C LEU C 388 -7.87 -19.22 55.23
N ASN C 389 -8.35 -17.99 55.19
CA ASN C 389 -9.25 -17.48 56.21
C ASN C 389 -10.57 -17.08 55.56
N ARG C 390 -11.66 -17.41 56.24
CA ARG C 390 -13.00 -17.13 55.75
C ARG C 390 -13.81 -16.44 56.85
N GLY C 391 -14.78 -15.64 56.43
CA GLY C 391 -15.55 -14.84 57.35
C GLY C 391 -15.40 -13.36 57.04
N VAL C 392 -16.48 -12.59 57.23
CA VAL C 392 -16.55 -11.16 56.97
C VAL C 392 -16.12 -10.84 55.53
N ARG C 393 -16.04 -9.57 55.19
CA ARG C 393 -15.68 -9.17 53.83
C ARG C 393 -14.18 -9.19 53.58
N GLU C 394 -13.38 -9.51 54.59
CA GLU C 394 -11.93 -9.58 54.46
C GLU C 394 -11.51 -11.04 54.56
N MET C 395 -10.90 -11.56 53.50
CA MET C 395 -10.41 -12.93 53.47
C MET C 395 -8.91 -12.92 53.19
N THR C 396 -8.19 -13.76 53.93
CA THR C 396 -6.75 -13.88 53.79
C THR C 396 -6.41 -15.08 52.93
N PHE C 397 -5.55 -14.87 51.94
CA PHE C 397 -5.16 -15.93 51.02
C PHE C 397 -3.65 -16.03 50.94
N ILE C 398 -3.15 -17.25 50.80
CA ILE C 398 -1.74 -17.51 50.64
C ILE C 398 -1.53 -18.26 49.34
N GLY C 399 -0.39 -18.03 48.70
CA GLY C 399 0.06 -18.85 47.60
C GLY C 399 1.53 -19.14 47.74
N ASP C 400 1.88 -20.42 47.86
CA ASP C 400 3.29 -20.80 47.88
C ASP C 400 3.75 -21.11 46.46
N ASP C 401 5.01 -21.50 46.33
CA ASP C 401 5.54 -21.86 45.03
C ASP C 401 4.80 -23.05 44.41
N THR C 402 4.22 -23.90 45.25
CA THR C 402 3.50 -25.06 44.78
C THR C 402 1.99 -24.85 44.70
N THR C 403 1.50 -23.64 44.99
CA THR C 403 0.06 -23.40 44.96
C THR C 403 -0.50 -23.60 43.56
N ASP C 404 0.11 -22.95 42.56
CA ASP C 404 -0.28 -23.15 41.17
C ASP C 404 0.86 -23.75 40.36
N ALA C 405 2.02 -23.12 40.34
CA ALA C 405 3.15 -23.60 39.56
C ALA C 405 4.42 -23.01 40.14
N LYS C 406 5.52 -23.72 39.93
CA LYS C 406 6.83 -23.20 40.33
C LYS C 406 7.19 -22.07 39.38
N GLY C 407 6.97 -20.84 39.84
CA GLY C 407 7.26 -19.66 39.04
C GLY C 407 6.15 -18.62 39.01
N LYS C 408 4.88 -19.04 39.00
CA LYS C 408 3.81 -18.06 39.09
C LYS C 408 3.85 -17.35 40.43
N ALA C 409 4.10 -18.09 41.50
CA ALA C 409 4.08 -17.50 42.83
C ALA C 409 5.16 -16.45 43.00
N ALA C 410 6.36 -16.72 42.51
CA ALA C 410 7.47 -15.79 42.72
C ALA C 410 7.21 -14.44 42.07
N ALA C 411 6.87 -14.44 40.78
CA ALA C 411 6.59 -13.19 40.09
C ALA C 411 5.34 -12.51 40.64
N PHE C 412 4.30 -13.28 40.94
CA PHE C 412 3.08 -12.65 41.43
C PHE C 412 3.30 -12.01 42.79
N ALA C 413 4.09 -12.65 43.65
CA ALA C 413 4.46 -12.02 44.91
C ALA C 413 5.34 -10.80 44.67
N LYS C 414 6.17 -10.83 43.63
CA LYS C 414 6.95 -9.64 43.31
C LYS C 414 6.06 -8.47 42.94
N VAL C 415 4.97 -8.72 42.22
CA VAL C 415 4.06 -7.67 41.78
C VAL C 415 2.94 -7.49 42.78
N LEU C 416 3.03 -8.16 43.92
CA LEU C 416 2.13 -7.84 45.02
C LEU C 416 2.80 -7.02 46.10
N THR C 417 3.94 -6.42 45.80
CA THR C 417 4.51 -5.45 46.74
C THR C 417 3.76 -4.13 46.69
N THR C 418 3.36 -3.69 45.50
CA THR C 418 2.80 -2.35 45.32
C THR C 418 1.30 -2.32 45.10
N GLY C 419 0.75 -3.23 44.32
CA GLY C 419 -0.62 -3.11 43.85
C GLY C 419 -1.62 -3.07 44.99
N ASN C 420 -2.82 -2.61 44.65
CA ASN C 420 -3.87 -2.38 45.62
C ASN C 420 -5.12 -3.20 45.40
N TYR C 421 -5.49 -3.50 44.15
CA TYR C 421 -6.72 -4.20 43.84
C TYR C 421 -6.41 -5.51 43.13
N VAL C 422 -7.17 -6.54 43.45
CA VAL C 422 -6.99 -7.86 42.84
C VAL C 422 -8.32 -8.33 42.29
N THR C 423 -8.28 -8.88 41.07
CA THR C 423 -9.46 -9.45 40.43
C THR C 423 -9.53 -10.91 40.82
N VAL C 424 -10.34 -11.22 41.81
CA VAL C 424 -10.54 -12.58 42.27
C VAL C 424 -11.56 -13.25 41.39
N ASP C 425 -11.30 -14.52 41.04
CA ASP C 425 -12.17 -15.31 40.18
C ASP C 425 -12.43 -14.62 38.85
N GLU C 426 -11.53 -13.71 38.46
CA GLU C 426 -11.55 -12.92 37.23
C GLU C 426 -12.73 -11.97 37.15
N ASP C 427 -13.55 -11.86 38.19
CA ASP C 427 -14.60 -10.86 38.24
C ASP C 427 -14.68 -10.13 39.56
N ILE C 428 -14.21 -10.71 40.66
CA ILE C 428 -14.27 -10.07 41.97
C ILE C 428 -13.04 -9.16 42.08
N ILE C 429 -13.23 -7.88 41.79
CA ILE C 429 -12.16 -6.90 41.84
C ILE C 429 -12.15 -6.32 43.25
N CYS C 430 -11.28 -6.85 44.10
CA CYS C 430 -11.22 -6.48 45.50
C CYS C 430 -9.89 -5.81 45.82
N LYS C 431 -9.93 -4.93 46.81
CA LYS C 431 -8.80 -4.11 47.20
C LYS C 431 -7.95 -4.82 48.25
N VAL C 432 -6.63 -4.70 48.11
CA VAL C 432 -5.71 -5.31 49.06
C VAL C 432 -5.86 -4.62 50.41
N ILE C 433 -6.02 -5.42 51.45
CA ILE C 433 -6.11 -4.90 52.81
C ILE C 433 -4.79 -5.07 53.55
N ARG C 434 -4.16 -6.23 53.42
CA ARG C 434 -2.86 -6.48 54.05
C ARG C 434 -2.14 -7.57 53.29
N LYS C 435 -0.93 -7.29 52.86
CA LYS C 435 -0.15 -8.20 52.06
C LYS C 435 1.11 -8.62 52.80
N ASP C 436 1.35 -9.92 52.89
CA ASP C 436 2.53 -10.47 53.52
C ASP C 436 3.23 -11.36 52.52
N ILE C 437 4.48 -11.03 52.20
CA ILE C 437 5.27 -11.72 51.20
C ILE C 437 6.65 -11.95 51.77
N TRP C 438 7.18 -13.16 51.62
CA TRP C 438 8.48 -13.47 52.21
C TRP C 438 9.57 -13.63 51.15
N GLU C 439 9.59 -14.72 50.40
CA GLU C 439 10.27 -14.69 49.11
C GLU C 439 9.44 -15.35 48.03
N ASN C 440 9.18 -16.64 48.21
CA ASN C 440 8.53 -17.48 47.21
C ASN C 440 7.06 -17.66 47.50
N GLY C 441 6.34 -16.56 47.68
CA GLY C 441 4.93 -16.66 47.96
C GLY C 441 4.45 -15.47 48.75
N PHE C 442 3.13 -15.36 48.81
CA PHE C 442 2.50 -14.19 49.41
C PHE C 442 1.35 -14.63 50.30
N LYS C 443 1.03 -13.79 51.28
CA LYS C 443 -0.20 -13.91 52.04
C LYS C 443 -0.90 -12.55 52.02
N VAL C 444 -2.15 -12.53 51.59
CA VAL C 444 -2.84 -11.28 51.30
C VAL C 444 -4.23 -11.31 51.92
N VAL C 445 -4.62 -10.21 52.55
CA VAL C 445 -5.97 -10.01 53.02
C VAL C 445 -6.69 -9.13 52.01
N LEU C 446 -7.77 -9.65 51.44
CA LEU C 446 -8.50 -8.95 50.38
C LEU C 446 -9.91 -8.65 50.82
N LEU C 447 -10.44 -7.52 50.36
CA LEU C 447 -11.81 -7.13 50.67
C LEU C 447 -12.76 -7.79 49.67
N CYS C 448 -12.86 -9.11 49.79
CA CYS C 448 -13.81 -9.88 49.02
C CYS C 448 -14.73 -10.64 49.96
N PRO C 449 -16.03 -10.69 49.66
CA PRO C 449 -16.98 -11.31 50.59
C PRO C 449 -16.64 -12.75 50.86
N THR C 450 -16.85 -13.17 52.11
CA THR C 450 -16.57 -14.56 52.48
C THR C 450 -17.47 -15.51 51.71
N LEU C 451 -16.87 -16.56 51.18
CA LEU C 451 -17.61 -17.61 50.48
C LEU C 451 -16.78 -18.88 50.50
N PRO C 452 -17.34 -19.99 50.98
CA PRO C 452 -16.56 -21.23 51.01
C PRO C 452 -16.32 -21.78 49.62
N ASN C 453 -15.09 -21.64 49.15
CA ASN C 453 -14.70 -22.10 47.83
C ASN C 453 -13.36 -22.79 47.94
N ASP C 454 -13.11 -23.73 47.02
CA ASP C 454 -11.87 -24.49 47.05
C ASP C 454 -10.67 -23.59 46.77
N THR C 455 -10.79 -22.70 45.78
CA THR C 455 -9.66 -21.91 45.32
C THR C 455 -10.18 -20.68 44.61
N TYR C 456 -9.26 -19.83 44.18
CA TYR C 456 -9.60 -18.62 43.44
C TYR C 456 -8.45 -18.25 42.52
N LYS C 457 -8.77 -17.47 41.51
CA LYS C 457 -7.79 -16.93 40.58
C LYS C 457 -7.59 -15.45 40.87
N LEU C 458 -6.38 -15.09 41.29
CA LEU C 458 -6.04 -13.70 41.60
C LEU C 458 -5.53 -13.01 40.34
N SER C 459 -6.05 -11.82 40.08
CA SER C 459 -5.74 -11.14 38.84
C SER C 459 -5.69 -9.65 39.08
N PHE C 460 -5.01 -8.95 38.19
CA PHE C 460 -4.99 -7.49 38.14
C PHE C 460 -5.76 -7.09 36.88
N GLY C 461 -7.08 -6.99 37.01
CA GLY C 461 -7.95 -6.61 35.91
C GLY C 461 -8.27 -5.13 35.93
N LYS C 462 -9.52 -4.81 35.63
CA LYS C 462 -9.97 -3.42 35.70
C LYS C 462 -9.89 -2.94 37.14
N ASP C 463 -9.34 -1.74 37.33
CA ASP C 463 -9.21 -1.19 38.66
C ASP C 463 -10.51 -0.54 39.10
N ASP C 464 -10.78 -0.61 40.40
CA ASP C 464 -12.08 -0.21 40.95
C ASP C 464 -12.05 1.17 41.58
N VAL C 465 -11.09 2.02 41.19
CA VAL C 465 -10.98 3.37 41.74
C VAL C 465 -11.45 4.36 40.69
N ASP C 466 -12.38 5.23 41.09
CA ASP C 466 -12.84 6.32 40.23
C ASP C 466 -11.97 7.53 40.49
N LEU C 467 -10.90 7.66 39.70
CA LEU C 467 -10.03 8.82 39.83
C LEU C 467 -10.79 10.11 39.57
N ALA C 468 -11.73 10.09 38.64
CA ALA C 468 -12.54 11.27 38.38
C ALA C 468 -13.32 11.70 39.61
N GLN C 469 -13.93 10.74 40.30
CA GLN C 469 -14.68 11.07 41.51
C GLN C 469 -13.75 11.61 42.59
N MET C 470 -12.60 10.97 42.77
CA MET C 470 -11.67 11.41 43.80
C MET C 470 -11.11 12.79 43.50
N TYR C 471 -10.91 13.10 42.22
CA TYR C 471 -10.48 14.44 41.83
C TYR C 471 -11.58 15.45 42.07
N LYS C 472 -12.82 15.09 41.75
CA LYS C 472 -13.95 15.99 41.99
C LYS C 472 -14.06 16.33 43.47
N ASP C 473 -13.57 15.45 44.34
CA ASP C 473 -13.58 15.67 45.78
C ASP C 473 -12.17 15.53 46.33
N TYR C 474 -11.21 16.18 45.69
CA TYR C 474 -9.80 16.06 46.06
C TYR C 474 -9.58 16.54 47.49
N ASN C 475 -8.76 15.79 48.23
CA ASN C 475 -8.43 16.12 49.61
C ASN C 475 -7.03 15.56 49.90
N LEU C 476 -6.71 15.39 51.18
CA LEU C 476 -5.39 14.88 51.55
C LEU C 476 -5.32 13.36 51.48
N ASN C 477 -6.24 12.68 52.17
CA ASN C 477 -6.20 11.23 52.22
C ASN C 477 -6.34 10.64 50.83
N ILE C 478 -7.25 11.21 50.03
CA ILE C 478 -7.37 10.83 48.63
C ILE C 478 -6.05 11.07 47.90
N ALA C 479 -5.37 12.17 48.22
CA ALA C 479 -4.10 12.46 47.55
C ALA C 479 -3.07 11.38 47.83
N LEU C 480 -2.96 10.96 49.09
CA LEU C 480 -2.00 9.92 49.43
C LEU C 480 -2.37 8.58 48.78
N ASP C 481 -3.65 8.21 48.83
CA ASP C 481 -4.05 6.93 48.25
C ASP C 481 -3.85 6.91 46.74
N MET C 482 -4.14 8.02 46.07
CA MET C 482 -3.91 8.08 44.63
C MET C 482 -2.43 8.18 44.30
N ALA C 483 -1.63 8.73 45.22
CA ALA C 483 -0.19 8.65 45.07
C ALA C 483 0.29 7.21 45.07
N ARG C 484 -0.26 6.39 45.98
CA ARG C 484 0.08 4.97 45.94
C ARG C 484 -0.46 4.32 44.66
N TYR C 485 -1.65 4.70 44.22
CA TYR C 485 -2.16 4.18 42.96
C TYR C 485 -1.17 4.45 41.84
N CYS C 486 -0.66 5.67 41.77
CA CYS C 486 0.25 6.01 40.68
C CYS C 486 1.60 5.32 40.84
N ILE C 487 2.07 5.15 42.08
CA ILE C 487 3.34 4.44 42.21
C ILE C 487 3.16 3.01 41.74
N HIS C 488 1.98 2.44 41.97
CA HIS C 488 1.68 1.12 41.41
C HIS C 488 1.69 1.17 39.89
N ASP C 489 1.03 2.17 39.30
CA ASP C 489 0.94 2.28 37.86
C ASP C 489 2.30 2.50 37.21
N ALA C 490 3.28 3.00 37.95
CA ALA C 490 4.60 3.25 37.37
C ALA C 490 5.65 2.23 37.77
N CYS C 491 5.40 1.42 38.79
CA CYS C 491 6.25 0.27 39.07
C CYS C 491 5.79 -0.98 38.35
N LEU C 492 4.55 -1.02 37.86
CA LEU C 492 4.17 -2.09 36.93
C LEU C 492 5.07 -2.10 35.71
N CYS C 493 5.68 -0.96 35.38
CA CYS C 493 6.53 -0.88 34.21
C CYS C 493 7.76 -1.77 34.34
N GLN C 494 8.40 -1.79 35.50
CA GLN C 494 9.56 -2.67 35.66
C GLN C 494 9.15 -4.14 35.65
N TYR C 495 8.00 -4.45 36.23
CA TYR C 495 7.51 -5.81 36.24
C TYR C 495 7.21 -6.31 34.82
N LEU C 496 6.48 -5.52 34.03
CA LEU C 496 6.27 -5.91 32.65
C LEU C 496 7.57 -5.89 31.87
N TRP C 497 8.51 -5.05 32.26
CA TRP C 497 9.77 -4.97 31.55
C TRP C 497 10.61 -6.20 31.74
N GLU C 498 10.43 -6.91 32.84
CA GLU C 498 11.12 -8.19 32.96
C GLU C 498 10.21 -9.39 32.68
N TYR C 499 8.90 -9.19 32.59
CA TYR C 499 7.99 -10.26 32.17
C TYR C 499 8.04 -10.44 30.66
N TYR C 500 7.71 -9.39 29.93
CA TYR C 500 7.83 -9.44 28.48
C TYR C 500 9.23 -9.45 28.04
N GLY C 501 10.19 -9.54 28.96
CA GLY C 501 11.59 -9.73 28.62
C GLY C 501 12.12 -8.72 27.63
N VAL C 502 11.51 -7.54 27.63
CA VAL C 502 11.70 -6.59 26.54
C VAL C 502 13.17 -6.19 26.41
N GLU C 503 13.92 -6.21 27.50
CA GLU C 503 15.36 -6.00 27.35
C GLU C 503 15.99 -7.12 26.55
N THR C 504 15.63 -8.36 26.86
CA THR C 504 16.18 -9.49 26.13
C THR C 504 15.67 -9.55 24.69
N LYS C 505 14.38 -9.30 24.48
CA LYS C 505 13.86 -9.27 23.11
C LYS C 505 14.49 -8.16 22.31
N THR C 506 14.75 -7.00 22.93
CA THR C 506 15.40 -5.90 22.25
C THR C 506 16.82 -6.25 21.88
N ASP C 507 17.58 -6.81 22.82
CA ASP C 507 18.93 -7.22 22.47
C ASP C 507 18.91 -8.32 21.43
N ALA C 508 17.83 -9.09 21.35
CA ALA C 508 17.68 -10.07 20.27
C ALA C 508 17.46 -9.37 18.93
N GLY C 509 16.59 -8.36 18.93
CA GLY C 509 16.35 -7.61 17.73
C GLY C 509 17.59 -6.92 17.21
N ALA C 510 18.48 -6.51 18.12
CA ALA C 510 19.69 -5.82 17.72
C ALA C 510 20.53 -6.69 16.80
N SER C 511 20.83 -7.91 17.22
CA SER C 511 21.67 -8.80 16.42
C SER C 511 20.90 -9.58 15.38
N THR C 512 19.57 -9.55 15.42
CA THR C 512 18.79 -10.20 14.37
C THR C 512 18.57 -9.28 13.18
N TYR C 513 17.88 -8.16 13.40
CA TYR C 513 17.55 -7.28 12.29
C TYR C 513 18.71 -6.40 11.89
N VAL C 514 19.84 -6.49 12.58
CA VAL C 514 21.04 -5.69 12.31
C VAL C 514 20.69 -4.22 12.35
N LEU C 515 20.05 -3.78 13.43
CA LEU C 515 19.62 -2.41 13.67
C LEU C 515 20.27 -1.91 14.95
N PRO C 516 20.20 -0.62 15.25
CA PRO C 516 20.44 -0.19 16.63
C PRO C 516 19.33 -0.67 17.55
N GLN C 517 19.70 -0.90 18.82
CA GLN C 517 18.70 -1.28 19.80
C GLN C 517 17.62 -0.21 19.92
N SER C 518 17.97 1.04 19.63
CA SER C 518 17.01 2.13 19.73
C SER C 518 15.78 1.87 18.86
N MET C 519 15.96 1.22 17.71
CA MET C 519 14.91 1.11 16.69
C MET C 519 14.56 -0.35 16.40
N VAL C 520 14.66 -1.23 17.39
CA VAL C 520 14.27 -2.62 17.13
C VAL C 520 12.77 -2.74 16.97
N PHE C 521 12.01 -1.99 17.74
CA PHE C 521 10.56 -2.03 17.62
C PHE C 521 9.99 -0.73 17.07
N GLU C 522 10.82 0.12 16.47
CA GLU C 522 10.36 1.40 15.95
C GLU C 522 9.99 1.34 14.48
N TYR C 523 10.74 0.60 13.67
CA TYR C 523 10.53 0.56 12.24
C TYR C 523 9.30 -0.29 11.90
N ARG C 524 9.09 -0.48 10.61
CA ARG C 524 8.09 -1.42 10.10
C ARG C 524 8.78 -2.64 9.52
N ALA C 525 7.99 -3.71 9.33
CA ALA C 525 8.56 -5.02 9.07
C ALA C 525 9.34 -5.05 7.75
N SER C 526 8.77 -4.46 6.70
CA SER C 526 9.45 -4.46 5.41
C SER C 526 10.76 -3.70 5.45
N THR C 527 10.93 -2.83 6.44
CA THR C 527 12.23 -2.17 6.60
C THR C 527 13.20 -3.06 7.37
N VAL C 528 12.75 -3.67 8.46
CA VAL C 528 13.68 -4.39 9.31
C VAL C 528 14.19 -5.64 8.62
N ILE C 529 13.34 -6.32 7.84
CA ILE C 529 13.77 -7.55 7.20
C ILE C 529 14.99 -7.34 6.32
N LYS C 530 15.29 -6.10 5.97
CA LYS C 530 16.34 -5.83 5.01
C LYS C 530 17.73 -6.12 5.54
N GLY C 531 17.90 -6.26 6.86
CA GLY C 531 19.20 -6.56 7.41
C GLY C 531 19.73 -7.93 7.03
N PRO C 532 19.08 -8.98 7.52
CA PRO C 532 19.54 -10.32 7.15
C PRO C 532 19.45 -10.57 5.67
N LEU C 533 18.46 -9.97 4.98
CA LEU C 533 18.41 -10.12 3.54
C LEU C 533 19.69 -9.61 2.91
N LEU C 534 20.17 -8.45 3.37
CA LEU C 534 21.42 -7.91 2.84
C LEU C 534 22.60 -8.78 3.20
N LYS C 535 22.62 -9.36 4.40
CA LYS C 535 23.70 -10.28 4.74
C LYS C 535 23.73 -11.44 3.76
N LEU C 536 22.56 -12.05 3.51
CA LEU C 536 22.49 -13.17 2.60
C LEU C 536 22.92 -12.77 1.20
N LEU C 537 22.47 -11.60 0.75
CA LEU C 537 22.83 -11.15 -0.60
C LEU C 537 24.32 -10.91 -0.71
N LEU C 538 24.94 -10.32 0.32
CA LEU C 538 26.38 -10.17 0.32
C LEU C 538 27.10 -11.51 0.36
N GLU C 539 26.41 -12.56 0.81
CA GLU C 539 27.03 -13.87 0.74
C GLU C 539 26.88 -14.50 -0.65
N THR C 540 25.66 -14.53 -1.19
CA THR C 540 25.41 -15.16 -2.48
C THR C 540 25.73 -14.25 -3.65
N LYS C 541 26.12 -13.00 -3.40
CA LYS C 541 26.51 -12.06 -4.45
C LYS C 541 25.38 -11.85 -5.45
N THR C 542 24.16 -11.83 -4.93
CA THR C 542 22.95 -11.67 -5.72
C THR C 542 22.33 -10.32 -5.43
N ILE C 543 22.09 -9.54 -6.48
CA ILE C 543 21.48 -8.22 -6.33
C ILE C 543 20.11 -8.26 -6.99
N LEU C 544 19.10 -7.78 -6.30
CA LEU C 544 17.75 -7.72 -6.85
C LEU C 544 17.49 -6.31 -7.34
N VAL C 545 17.24 -6.16 -8.63
CA VAL C 545 16.94 -4.86 -9.23
C VAL C 545 15.55 -4.91 -9.82
N ARG C 546 14.96 -3.74 -9.98
CA ARG C 546 13.74 -3.58 -10.76
C ARG C 546 13.88 -2.35 -11.64
N SER C 547 13.54 -2.51 -12.91
CA SER C 547 13.49 -1.39 -13.83
C SER C 547 12.08 -1.06 -14.29
N GLU C 548 11.12 -1.94 -14.03
CA GLU C 548 9.73 -1.73 -14.41
C GLU C 548 8.91 -1.32 -13.20
N THR C 549 7.78 -0.68 -13.48
CA THR C 549 6.90 -0.22 -12.43
C THR C 549 5.99 -1.35 -11.96
N LYS C 550 5.70 -1.35 -10.66
CA LYS C 550 4.80 -2.33 -10.09
C LYS C 550 3.37 -2.09 -10.62
N GLN C 551 2.48 -3.01 -10.29
CA GLN C 551 1.09 -2.90 -10.68
C GLN C 551 0.21 -2.95 -9.45
N LYS C 552 -1.02 -2.46 -9.61
CA LYS C 552 -1.89 -2.17 -8.48
C LYS C 552 -2.86 -3.34 -8.26
N PHE C 553 -2.36 -4.35 -7.56
CA PHE C 553 -3.19 -5.42 -7.01
C PHE C 553 -2.49 -5.97 -5.78
N PRO C 554 -3.24 -6.30 -4.73
CA PRO C 554 -2.61 -6.87 -3.54
C PRO C 554 -2.37 -8.37 -3.67
N TYR C 555 -1.95 -8.99 -2.57
CA TYR C 555 -1.65 -10.42 -2.57
C TYR C 555 -2.83 -11.29 -2.14
N GLU C 556 -3.80 -10.73 -1.45
CA GLU C 556 -4.89 -11.51 -0.87
C GLU C 556 -6.17 -11.35 -1.69
N GLY C 557 -7.00 -12.39 -1.66
CA GLY C 557 -8.27 -12.38 -2.34
C GLY C 557 -9.47 -12.42 -1.41
N GLY C 558 -9.23 -12.45 -0.10
CA GLY C 558 -10.30 -12.50 0.87
C GLY C 558 -10.88 -13.88 1.08
N LYS C 559 -10.05 -14.80 1.58
CA LYS C 559 -10.48 -16.19 1.80
C LYS C 559 -11.24 -16.30 3.11
N VAL C 560 -12.38 -16.99 3.07
CA VAL C 560 -13.26 -17.15 4.22
C VAL C 560 -13.36 -18.64 4.56
N PHE C 561 -13.18 -18.96 5.84
CA PHE C 561 -13.22 -20.33 6.34
C PHE C 561 -14.48 -20.54 7.16
N ALA C 562 -15.20 -21.63 6.89
CA ALA C 562 -16.40 -21.97 7.62
C ALA C 562 -16.26 -23.35 8.26
N PRO C 563 -16.48 -23.46 9.57
CA PRO C 563 -16.36 -24.77 10.23
C PRO C 563 -17.46 -25.71 9.79
N LYS C 564 -17.14 -27.02 9.81
CA LYS C 564 -18.14 -28.02 9.45
C LYS C 564 -19.29 -28.06 10.45
N GLN C 565 -18.98 -28.00 11.74
CA GLN C 565 -20.01 -27.99 12.76
C GLN C 565 -19.49 -27.24 13.98
N LYS C 566 -20.41 -26.88 14.86
CA LYS C 566 -20.11 -26.06 16.02
C LYS C 566 -19.94 -26.89 17.29
N MET C 567 -20.92 -27.72 17.62
CA MET C 567 -20.84 -28.57 18.80
C MET C 567 -20.32 -29.95 18.41
N PHE C 568 -19.29 -30.41 19.12
CA PHE C 568 -18.62 -31.66 18.82
C PHE C 568 -18.83 -32.65 19.95
N SER C 569 -19.29 -33.86 19.59
CA SER C 569 -19.60 -34.89 20.57
C SER C 569 -18.47 -35.89 20.76
N ASN C 570 -17.29 -35.61 20.21
CA ASN C 570 -16.16 -36.51 20.33
C ASN C 570 -14.91 -35.67 20.58
N ASN C 571 -13.76 -36.34 20.58
CA ASN C 571 -12.47 -35.67 20.75
C ASN C 571 -11.95 -35.19 19.41
N VAL C 572 -11.31 -34.02 19.42
CA VAL C 572 -10.78 -33.40 18.22
C VAL C 572 -9.27 -33.34 18.35
N LEU C 573 -8.57 -34.10 17.52
CA LEU C 573 -7.11 -34.09 17.51
C LEU C 573 -6.64 -32.86 16.75
N ILE C 574 -6.00 -31.93 17.46
CA ILE C 574 -5.53 -30.70 16.85
C ILE C 574 -4.14 -30.95 16.30
N PHE C 575 -3.99 -30.80 14.99
CA PHE C 575 -2.70 -30.94 14.33
C PHE C 575 -2.29 -29.60 13.73
N ASP C 576 -1.05 -29.19 13.99
CA ASP C 576 -0.53 -27.94 13.50
C ASP C 576 0.41 -28.20 12.32
N TYR C 577 1.03 -27.13 11.84
CA TYR C 577 2.03 -27.20 10.77
C TYR C 577 3.26 -26.45 11.22
N ASN C 578 4.42 -27.09 11.10
CA ASN C 578 5.66 -26.42 11.46
C ASN C 578 6.04 -25.40 10.38
N SER C 579 5.59 -24.16 10.55
CA SER C 579 5.96 -23.05 9.66
C SER C 579 5.58 -23.37 8.21
N LEU C 580 4.26 -23.44 8.00
CA LEU C 580 3.68 -23.80 6.71
C LEU C 580 4.36 -23.07 5.56
N TYR C 581 4.19 -21.75 5.48
CA TYR C 581 4.79 -20.97 4.39
C TYR C 581 6.30 -20.85 4.53
N PRO C 582 6.84 -20.61 5.73
CA PRO C 582 8.29 -20.53 5.87
C PRO C 582 9.02 -21.80 5.47
N ASN C 583 8.35 -22.95 5.41
CA ASN C 583 8.93 -24.18 4.89
C ASN C 583 8.58 -24.40 3.42
N VAL C 584 7.35 -24.06 3.04
CA VAL C 584 6.96 -24.17 1.64
C VAL C 584 7.93 -23.39 0.77
N CYS C 585 8.30 -22.19 1.19
CA CYS C 585 9.26 -21.42 0.41
C CYS C 585 10.62 -22.06 0.36
N ILE C 586 10.89 -23.09 1.17
CA ILE C 586 12.11 -23.86 0.97
C ILE C 586 11.88 -24.99 -0.02
N PHE C 587 10.70 -25.60 0.03
CA PHE C 587 10.44 -26.77 -0.81
C PHE C 587 10.42 -26.40 -2.29
N GLY C 588 9.50 -25.54 -2.70
CA GLY C 588 9.35 -25.18 -4.10
C GLY C 588 10.31 -24.14 -4.61
N ASN C 589 11.21 -23.65 -3.77
CA ASN C 589 12.19 -22.63 -4.14
C ASN C 589 11.54 -21.39 -4.75
N LEU C 590 10.29 -21.13 -4.37
CA LEU C 590 9.60 -19.95 -4.86
C LEU C 590 10.35 -18.69 -4.45
N SER C 591 10.50 -17.77 -5.38
CA SER C 591 11.39 -16.63 -5.18
C SER C 591 11.16 -15.62 -6.30
N PRO C 592 11.88 -14.51 -6.32
CA PRO C 592 11.87 -13.68 -7.52
C PRO C 592 12.88 -14.11 -8.58
N GLU C 593 13.96 -14.80 -8.23
CA GLU C 593 14.93 -15.19 -9.24
C GLU C 593 14.81 -16.64 -9.70
N THR C 594 13.87 -17.40 -9.16
CA THR C 594 13.53 -18.72 -9.68
C THR C 594 12.10 -18.78 -10.18
N LEU C 595 11.56 -17.63 -10.58
CA LEU C 595 10.26 -17.55 -11.25
C LEU C 595 10.56 -17.25 -12.71
N VAL C 596 10.48 -18.28 -13.56
CA VAL C 596 10.89 -18.13 -14.95
C VAL C 596 9.77 -17.61 -15.84
N GLY C 597 8.52 -17.77 -15.45
CA GLY C 597 7.43 -17.17 -16.21
C GLY C 597 6.11 -17.52 -15.59
N VAL C 598 5.09 -16.80 -16.04
CA VAL C 598 3.71 -17.07 -15.64
C VAL C 598 2.87 -17.11 -16.90
N VAL C 599 2.21 -18.23 -17.15
CA VAL C 599 1.56 -18.48 -18.43
C VAL C 599 0.05 -18.46 -18.23
N VAL C 600 -0.64 -17.71 -19.09
CA VAL C 600 -2.09 -17.63 -19.06
C VAL C 600 -2.63 -17.81 -20.48
N SER C 601 -3.91 -18.12 -20.56
CA SER C 601 -4.58 -18.15 -21.85
C SER C 601 -6.05 -17.82 -21.61
N THR C 602 -6.63 -17.07 -22.54
CA THR C 602 -7.96 -16.52 -22.32
C THR C 602 -9.07 -17.54 -22.50
N ASN C 603 -8.80 -18.67 -23.14
CA ASN C 603 -9.87 -19.59 -23.52
C ASN C 603 -9.45 -21.01 -23.23
N ARG C 604 -10.44 -21.90 -23.21
CA ARG C 604 -10.20 -23.28 -22.79
C ARG C 604 -9.26 -24.02 -23.73
N LEU C 605 -9.38 -23.80 -25.03
CA LEU C 605 -8.53 -24.50 -25.98
C LEU C 605 -7.07 -24.09 -25.79
N GLU C 606 -6.80 -22.79 -25.79
CA GLU C 606 -5.43 -22.36 -25.55
C GLU C 606 -5.00 -22.71 -24.14
N GLU C 607 -5.95 -22.73 -23.19
CA GLU C 607 -5.67 -23.22 -21.85
C GLU C 607 -5.03 -24.59 -21.89
N GLU C 608 -5.74 -25.56 -22.48
CA GLU C 608 -5.25 -26.94 -22.50
C GLU C 608 -4.01 -27.06 -23.37
N ILE C 609 -3.94 -26.30 -24.47
CA ILE C 609 -2.76 -26.35 -25.33
C ILE C 609 -1.53 -25.95 -24.54
N ASN C 610 -1.60 -24.82 -23.85
CA ASN C 610 -0.47 -24.38 -23.04
C ASN C 610 -0.22 -25.38 -21.91
N ASN C 611 -1.28 -25.94 -21.34
CA ASN C 611 -1.12 -26.90 -20.26
C ASN C 611 -0.23 -28.06 -20.68
N GLN C 612 -0.60 -28.73 -21.78
CA GLN C 612 0.18 -29.87 -22.24
C GLN C 612 1.56 -29.43 -22.72
N LEU C 613 1.62 -28.28 -23.42
CA LEU C 613 2.91 -27.79 -23.89
C LEU C 613 3.88 -27.62 -22.74
N LEU C 614 3.43 -26.98 -21.66
CA LEU C 614 4.28 -26.76 -20.50
C LEU C 614 4.64 -28.07 -19.83
N LEU C 615 3.66 -28.97 -19.69
CA LEU C 615 3.96 -30.25 -19.09
C LEU C 615 4.99 -31.02 -19.90
N GLN C 616 5.12 -30.70 -21.18
CA GLN C 616 6.17 -31.34 -21.98
C GLN C 616 7.51 -30.62 -21.85
N LYS C 617 7.51 -29.29 -22.02
CA LYS C 617 8.76 -28.56 -22.19
C LYS C 617 9.60 -28.57 -20.91
N TYR C 618 8.98 -28.23 -19.78
CA TYR C 618 9.70 -28.09 -18.51
C TYR C 618 9.39 -29.30 -17.65
N PRO C 619 10.22 -30.34 -17.69
CA PRO C 619 9.85 -31.61 -17.10
C PRO C 619 10.13 -31.64 -15.61
N PRO C 620 9.26 -32.25 -14.82
CA PRO C 620 9.62 -32.59 -13.44
C PRO C 620 10.81 -33.55 -13.43
N PRO C 621 11.56 -33.62 -12.33
CA PRO C 621 11.36 -32.93 -11.06
C PRO C 621 12.00 -31.55 -11.01
N ARG C 622 12.76 -31.14 -12.01
CA ARG C 622 13.48 -29.88 -11.90
C ARG C 622 12.54 -28.70 -11.72
N TYR C 623 11.47 -28.65 -12.49
CA TYR C 623 10.51 -27.56 -12.40
C TYR C 623 9.38 -27.96 -11.48
N ILE C 624 8.30 -27.17 -11.50
CA ILE C 624 7.05 -27.56 -10.87
C ILE C 624 5.94 -26.73 -11.46
N THR C 625 4.85 -27.38 -11.88
CA THR C 625 3.72 -26.67 -12.44
C THR C 625 2.75 -26.33 -11.32
N VAL C 626 2.51 -25.04 -11.11
CA VAL C 626 1.69 -24.56 -10.01
C VAL C 626 0.49 -23.82 -10.56
N HIS C 627 -0.68 -24.09 -10.01
CA HIS C 627 -1.88 -23.36 -10.37
C HIS C 627 -2.14 -22.25 -9.37
N CYS C 628 -2.40 -21.05 -9.89
CA CYS C 628 -2.67 -19.86 -9.10
C CYS C 628 -4.09 -19.38 -9.39
N GLU C 629 -4.40 -18.19 -8.89
CA GLU C 629 -5.65 -17.58 -9.31
C GLU C 629 -5.43 -16.66 -10.51
N PRO C 630 -6.31 -16.70 -11.49
CA PRO C 630 -6.20 -15.77 -12.63
C PRO C 630 -6.31 -14.32 -12.15
N ARG C 631 -5.25 -13.56 -12.42
CA ARG C 631 -5.17 -12.19 -11.91
C ARG C 631 -6.19 -11.26 -12.56
N LEU C 632 -6.65 -11.57 -13.76
CA LEU C 632 -7.53 -10.68 -14.50
C LEU C 632 -8.84 -11.38 -14.83
N PRO C 633 -9.93 -10.63 -14.98
CA PRO C 633 -11.23 -11.28 -15.25
C PRO C 633 -11.27 -12.08 -16.54
N ASN C 634 -10.55 -11.64 -17.57
CA ASN C 634 -10.59 -12.35 -18.84
C ASN C 634 -9.79 -13.65 -18.81
N LEU C 635 -8.85 -13.79 -17.89
CA LEU C 635 -8.04 -15.00 -17.80
C LEU C 635 -8.74 -16.04 -16.94
N ILE C 636 -8.48 -17.31 -17.23
CA ILE C 636 -9.04 -18.40 -16.43
C ILE C 636 -8.00 -19.38 -15.91
N SER C 637 -6.80 -19.45 -16.48
CA SER C 637 -5.75 -20.33 -15.99
C SER C 637 -4.41 -19.63 -16.07
N GLU C 638 -3.71 -19.57 -14.93
CA GLU C 638 -2.49 -18.78 -14.77
C GLU C 638 -1.40 -19.69 -14.21
N ILE C 639 -0.72 -20.41 -15.10
CA ILE C 639 0.32 -21.33 -14.67
C ILE C 639 1.54 -20.53 -14.21
N ALA C 640 2.03 -20.84 -13.03
CA ALA C 640 3.31 -20.32 -12.57
C ALA C 640 4.32 -21.45 -12.65
N ILE C 641 5.47 -21.17 -13.26
CA ILE C 641 6.50 -22.17 -13.44
C ILE C 641 7.75 -21.73 -12.71
N PHE C 642 8.15 -22.51 -11.70
CA PHE C 642 9.31 -22.22 -10.86
C PHE C 642 10.35 -23.31 -11.02
N ASP C 643 11.62 -22.91 -11.00
CA ASP C 643 12.72 -23.85 -11.14
C ASP C 643 13.40 -24.03 -9.79
N ARG C 644 13.51 -25.27 -9.35
CA ARG C 644 14.22 -25.63 -8.14
C ARG C 644 15.65 -26.05 -8.44
N SER C 645 16.22 -25.56 -9.54
CA SER C 645 17.57 -25.94 -9.91
C SER C 645 18.56 -25.52 -8.84
N ILE C 646 18.50 -24.26 -8.44
CA ILE C 646 19.32 -23.72 -7.37
C ILE C 646 18.40 -23.18 -6.30
N GLU C 647 18.71 -23.45 -5.04
CA GLU C 647 18.05 -22.74 -3.96
C GLU C 647 18.39 -21.26 -4.10
N GLY C 648 17.37 -20.44 -4.29
CA GLY C 648 17.59 -19.04 -4.61
C GLY C 648 18.05 -18.22 -3.42
N THR C 649 17.54 -16.99 -3.30
CA THR C 649 17.85 -16.17 -2.14
C THR C 649 16.77 -16.29 -1.06
N ILE C 650 15.51 -16.04 -1.41
CA ILE C 650 14.45 -16.11 -0.41
C ILE C 650 14.31 -17.52 0.18
N PRO C 651 14.24 -18.59 -0.61
CA PRO C 651 14.21 -19.92 0.01
C PRO C 651 15.42 -20.19 0.89
N ARG C 652 16.60 -19.78 0.45
CA ARG C 652 17.79 -20.04 1.26
C ARG C 652 17.70 -19.34 2.59
N LEU C 653 17.27 -18.08 2.56
CA LEU C 653 17.11 -17.35 3.81
C LEU C 653 16.08 -18.01 4.71
N LEU C 654 14.98 -18.49 4.15
CA LEU C 654 13.95 -19.07 4.99
C LEU C 654 14.42 -20.39 5.61
N ARG C 655 15.18 -21.19 4.86
CA ARG C 655 15.78 -22.38 5.48
C ARG C 655 16.74 -21.99 6.58
N THR C 656 17.54 -20.95 6.35
CA THR C 656 18.45 -20.50 7.41
C THR C 656 17.67 -20.09 8.65
N PHE C 657 16.55 -19.39 8.47
CA PHE C 657 15.78 -18.96 9.62
C PHE C 657 15.23 -20.13 10.42
N LEU C 658 14.56 -21.07 9.75
CA LEU C 658 13.98 -22.16 10.53
C LEU C 658 15.07 -23.05 11.13
N ALA C 659 16.19 -23.23 10.43
CA ALA C 659 17.28 -24.02 10.99
C ALA C 659 17.86 -23.36 12.22
N GLU C 660 18.08 -22.05 12.18
CA GLU C 660 18.66 -21.38 13.35
C GLU C 660 17.69 -21.30 14.51
N ARG C 661 16.40 -21.16 14.23
CA ARG C 661 15.42 -21.25 15.30
C ARG C 661 15.45 -22.62 15.95
N ALA C 662 15.55 -23.68 15.16
CA ALA C 662 15.68 -25.01 15.75
C ALA C 662 16.96 -25.10 16.59
N ARG C 663 18.07 -24.53 16.09
CA ARG C 663 19.31 -24.59 16.84
C ARG C 663 19.19 -23.89 18.18
N TYR C 664 18.58 -22.71 18.20
CA TYR C 664 18.49 -21.99 19.46
C TYR C 664 17.48 -22.65 20.40
N LYS C 665 16.38 -23.18 19.87
CA LYS C 665 15.46 -23.87 20.76
C LYS C 665 16.07 -25.13 21.32
N LYS C 666 17.05 -25.71 20.63
CA LYS C 666 17.82 -26.80 21.22
C LYS C 666 18.74 -26.27 22.32
N MET C 667 19.45 -25.18 22.06
CA MET C 667 20.34 -24.60 23.06
C MET C 667 19.58 -24.04 24.26
N LEU C 668 18.26 -23.88 24.15
CA LEU C 668 17.45 -23.48 25.29
C LEU C 668 17.34 -24.60 26.33
N LYS C 669 17.50 -25.85 25.93
CA LYS C 669 17.48 -26.94 26.90
C LYS C 669 18.80 -27.69 26.87
N GLN C 670 19.89 -26.93 26.81
CA GLN C 670 21.23 -27.44 27.04
C GLN C 670 21.96 -26.65 28.11
N ALA C 671 21.42 -25.51 28.54
CA ALA C 671 22.09 -24.60 29.45
C ALA C 671 21.28 -24.43 30.70
N THR C 672 21.96 -24.08 31.78
CA THR C 672 21.34 -23.97 33.09
C THR C 672 21.34 -22.56 33.66
N SER C 673 22.29 -21.70 33.26
CA SER C 673 22.30 -20.34 33.74
C SER C 673 21.02 -19.62 33.36
N SER C 674 20.37 -19.00 34.34
CA SER C 674 19.09 -18.36 34.09
C SER C 674 19.20 -17.28 33.02
N THR C 675 20.33 -16.57 33.00
CA THR C 675 20.55 -15.58 31.94
C THR C 675 20.47 -16.24 30.56
N GLU C 676 20.98 -17.47 30.44
CA GLU C 676 20.82 -18.20 29.19
C GLU C 676 19.34 -18.47 28.93
N LYS C 677 18.62 -18.88 29.94
CA LYS C 677 17.20 -19.13 29.73
C LYS C 677 16.45 -17.87 29.53
N ALA C 678 17.17 -16.76 29.48
CA ALA C 678 16.61 -15.50 28.99
C ALA C 678 17.01 -15.21 27.56
N ILE C 679 18.32 -15.18 27.29
CA ILE C 679 18.83 -14.79 25.99
C ILE C 679 18.32 -15.75 24.91
N TYR C 680 18.35 -17.04 25.19
CA TYR C 680 18.01 -18.00 24.15
C TYR C 680 16.51 -18.03 23.90
N ASP C 681 15.70 -17.84 24.94
CA ASP C 681 14.28 -17.65 24.70
C ASP C 681 14.02 -16.44 23.82
N SER C 682 14.70 -15.33 24.08
CA SER C 682 14.44 -14.14 23.28
C SER C 682 14.87 -14.33 21.83
N MET C 683 16.05 -14.90 21.60
CA MET C 683 16.49 -15.11 20.23
C MET C 683 15.58 -16.08 19.50
N GLN C 684 15.16 -17.16 20.15
CA GLN C 684 14.22 -18.07 19.52
C GLN C 684 12.93 -17.36 19.12
N TYR C 685 12.39 -16.53 20.02
CA TYR C 685 11.12 -15.91 19.67
C TYR C 685 11.27 -14.87 18.59
N THR C 686 12.37 -14.11 18.60
CA THR C 686 12.58 -13.14 17.54
C THR C 686 12.74 -13.82 16.18
N TYR C 687 13.43 -14.97 16.12
CA TYR C 687 13.48 -15.68 14.86
C TYR C 687 12.09 -16.12 14.43
N LYS C 688 11.29 -16.62 15.37
CA LYS C 688 9.94 -17.01 14.97
C LYS C 688 9.19 -15.84 14.36
N ILE C 689 9.29 -14.67 14.99
CA ILE C 689 8.54 -13.51 14.49
C ILE C 689 9.03 -13.10 13.11
N VAL C 690 10.35 -13.07 12.90
CA VAL C 690 10.87 -12.58 11.62
C VAL C 690 10.62 -13.58 10.50
N ALA C 691 10.83 -14.87 10.75
CA ALA C 691 10.64 -15.87 9.70
C ALA C 691 9.16 -16.01 9.34
N ASN C 692 8.28 -15.99 10.34
CA ASN C 692 6.86 -16.19 10.03
C ASN C 692 6.31 -15.12 9.09
N SER C 693 6.91 -13.93 9.07
CA SER C 693 6.34 -12.80 8.34
C SER C 693 6.73 -12.75 6.87
N VAL C 694 7.63 -13.60 6.41
CA VAL C 694 8.19 -13.44 5.08
C VAL C 694 7.10 -13.54 4.02
N TYR C 695 6.11 -14.41 4.24
CA TYR C 695 5.04 -14.53 3.26
C TYR C 695 4.36 -13.20 3.02
N GLY C 696 4.25 -12.36 4.04
CA GLY C 696 3.66 -11.05 3.84
C GLY C 696 4.54 -10.13 3.01
N LEU C 697 5.83 -10.05 3.36
CA LEU C 697 6.75 -9.16 2.68
C LEU C 697 7.07 -9.61 1.26
N MET C 698 6.69 -10.83 0.88
CA MET C 698 6.80 -11.20 -0.53
C MET C 698 5.70 -10.54 -1.36
N GLY C 699 4.47 -10.54 -0.87
CA GLY C 699 3.35 -9.99 -1.59
C GLY C 699 3.04 -8.54 -1.31
N PHE C 700 3.83 -7.87 -0.47
CA PHE C 700 3.61 -6.48 -0.10
C PHE C 700 4.33 -5.60 -1.12
N ARG C 701 3.55 -4.83 -1.89
CA ARG C 701 4.11 -4.06 -2.98
C ARG C 701 5.21 -3.12 -2.49
N ASN C 702 5.13 -2.68 -1.25
CA ASN C 702 6.11 -1.77 -0.66
C ASN C 702 7.13 -2.53 0.18
N SER C 703 7.53 -3.72 -0.27
CA SER C 703 8.53 -4.52 0.42
C SER C 703 9.65 -4.87 -0.57
N ALA C 704 10.85 -5.07 -0.03
CA ALA C 704 12.01 -5.37 -0.87
C ALA C 704 12.00 -6.79 -1.42
N LEU C 705 11.04 -7.61 -1.01
CA LEU C 705 10.95 -9.01 -1.43
C LEU C 705 9.79 -9.24 -2.39
N TYR C 706 9.46 -8.26 -3.22
CA TYR C 706 8.21 -8.32 -3.97
C TYR C 706 8.36 -9.16 -5.24
N SER C 707 7.54 -10.19 -5.36
CA SER C 707 7.42 -10.96 -6.59
C SER C 707 6.00 -11.54 -6.57
N TYR C 708 5.11 -10.94 -7.36
CA TYR C 708 3.68 -11.22 -7.20
C TYR C 708 3.38 -12.70 -7.38
N ALA C 709 3.97 -13.32 -8.40
CA ALA C 709 3.78 -14.75 -8.58
C ALA C 709 4.34 -15.54 -7.40
N SER C 710 5.41 -15.05 -6.77
CA SER C 710 5.96 -15.77 -5.62
C SER C 710 4.93 -15.87 -4.52
N ALA C 711 4.32 -14.75 -4.15
CA ALA C 711 3.30 -14.78 -3.12
C ALA C 711 2.08 -15.59 -3.58
N LYS C 712 1.66 -15.40 -4.82
CA LYS C 712 0.47 -16.11 -5.30
C LYS C 712 0.68 -17.62 -5.24
N SER C 713 1.85 -18.08 -5.68
CA SER C 713 2.11 -19.51 -5.70
C SER C 713 2.40 -20.05 -4.31
N CYS C 714 2.98 -19.24 -3.42
CA CYS C 714 3.14 -19.68 -2.05
C CYS C 714 1.79 -19.93 -1.41
N THR C 715 0.87 -19.00 -1.59
CA THR C 715 -0.49 -19.22 -1.09
C THR C 715 -1.11 -20.43 -1.75
N SER C 716 -0.91 -20.60 -3.05
CA SER C 716 -1.51 -21.75 -3.74
C SER C 716 -0.95 -23.07 -3.22
N ILE C 717 0.37 -23.14 -3.02
CA ILE C 717 0.97 -24.36 -2.51
C ILE C 717 0.44 -24.67 -1.12
N GLY C 718 0.34 -23.63 -0.28
CA GLY C 718 -0.26 -23.83 1.02
C GLY C 718 -1.68 -24.38 0.93
N ARG C 719 -2.46 -23.82 0.00
CA ARG C 719 -3.84 -24.28 -0.18
C ARG C 719 -3.86 -25.75 -0.60
N ARG C 720 -2.97 -26.13 -1.51
CA ARG C 720 -2.92 -27.51 -1.97
C ARG C 720 -2.53 -28.44 -0.84
N MET C 721 -1.56 -28.04 0.00
CA MET C 721 -1.18 -28.88 1.13
C MET C 721 -2.34 -29.04 2.10
N ILE C 722 -3.06 -27.96 2.39
CA ILE C 722 -4.18 -28.04 3.32
C ILE C 722 -5.25 -28.98 2.79
N LEU C 723 -5.65 -28.80 1.53
CA LEU C 723 -6.66 -29.69 0.95
C LEU C 723 -6.16 -31.13 0.93
N TYR C 724 -4.88 -31.32 0.66
CA TYR C 724 -4.30 -32.65 0.61
C TYR C 724 -4.40 -33.34 1.96
N LEU C 725 -4.01 -32.64 3.02
CA LEU C 725 -4.08 -33.23 4.34
C LEU C 725 -5.53 -33.50 4.75
N GLU C 726 -6.44 -32.58 4.43
CA GLU C 726 -7.85 -32.81 4.76
C GLU C 726 -8.38 -34.05 4.06
N SER C 727 -8.03 -34.21 2.78
CA SER C 727 -8.42 -35.41 2.06
C SER C 727 -7.80 -36.66 2.67
N VAL C 728 -6.57 -36.54 3.16
CA VAL C 728 -5.90 -37.68 3.78
C VAL C 728 -6.64 -38.12 5.03
N LEU C 729 -7.02 -37.18 5.88
CA LEU C 729 -7.60 -37.56 7.16
C LEU C 729 -9.10 -37.80 7.09
N ASN C 730 -9.82 -37.11 6.22
CA ASN C 730 -11.25 -37.32 6.09
C ASN C 730 -11.51 -38.64 5.36
N GLY C 731 -12.41 -39.44 5.91
CA GLY C 731 -12.68 -40.76 5.35
C GLY C 731 -11.70 -41.82 5.75
N ALA C 732 -10.71 -41.49 6.58
CA ALA C 732 -9.71 -42.47 7.00
C ALA C 732 -10.26 -43.29 8.16
N GLU C 733 -10.11 -44.61 8.06
CA GLU C 733 -10.55 -45.53 9.09
C GLU C 733 -9.44 -46.50 9.43
N LEU C 734 -9.27 -46.79 10.72
CA LEU C 734 -8.25 -47.73 11.17
C LEU C 734 -8.82 -49.14 11.05
N SER C 735 -8.23 -49.94 10.16
CA SER C 735 -8.68 -51.31 9.91
C SER C 735 -7.79 -52.25 10.71
N ASN C 736 -8.26 -52.61 11.91
CA ASN C 736 -7.62 -53.63 12.73
C ASN C 736 -6.22 -53.21 13.18
N GLY C 737 -5.26 -53.28 12.26
CA GLY C 737 -3.90 -52.88 12.57
C GLY C 737 -3.30 -52.05 11.45
N MET C 738 -4.09 -51.82 10.41
CA MET C 738 -3.68 -51.04 9.26
C MET C 738 -4.59 -49.83 9.11
N LEU C 739 -4.00 -48.69 8.75
CA LEU C 739 -4.76 -47.47 8.54
C LEU C 739 -5.14 -47.35 7.08
N ARG C 740 -6.44 -47.36 6.80
CA ARG C 740 -6.98 -47.31 5.44
C ARG C 740 -7.61 -45.94 5.22
N PHE C 741 -6.96 -45.13 4.40
CA PHE C 741 -7.43 -43.78 4.13
C PHE C 741 -8.45 -43.78 3.01
N ALA C 742 -9.17 -42.65 2.90
CA ALA C 742 -10.09 -42.47 1.79
C ALA C 742 -9.33 -42.28 0.48
N ASN C 743 -8.17 -41.64 0.53
CA ASN C 743 -7.39 -41.31 -0.65
C ASN C 743 -5.96 -41.82 -0.50
N PRO C 744 -5.29 -42.12 -1.61
CA PRO C 744 -3.91 -42.63 -1.53
C PRO C 744 -2.92 -41.56 -1.12
N LEU C 745 -1.72 -42.01 -0.76
CA LEU C 745 -0.65 -41.12 -0.31
C LEU C 745 0.26 -40.73 -1.48
N SER C 746 -0.33 -40.07 -2.46
CA SER C 746 0.39 -39.65 -3.66
C SER C 746 0.77 -38.19 -3.57
N ASN C 747 1.97 -37.87 -4.05
CA ASN C 747 2.39 -36.47 -4.06
C ASN C 747 1.47 -35.66 -4.95
N PRO C 748 1.12 -34.44 -4.56
CA PRO C 748 0.21 -33.62 -5.38
C PRO C 748 0.90 -32.77 -6.42
N PHE C 749 2.23 -32.75 -6.48
CA PHE C 749 2.93 -31.72 -7.22
C PHE C 749 3.69 -32.24 -8.43
N TYR C 750 4.44 -33.33 -8.29
CA TYR C 750 4.99 -34.00 -9.48
C TYR C 750 5.28 -35.44 -9.11
N MET C 751 5.84 -36.17 -10.08
CA MET C 751 5.90 -37.63 -9.98
C MET C 751 6.63 -38.06 -8.70
N ASP C 752 6.07 -39.07 -8.05
CA ASP C 752 6.44 -39.45 -6.69
C ASP C 752 6.88 -40.92 -6.65
N ASP C 753 7.90 -41.19 -5.84
CA ASP C 753 8.41 -42.55 -5.69
C ASP C 753 8.04 -43.19 -4.35
N ARG C 754 7.25 -42.51 -3.53
CA ARG C 754 6.86 -43.08 -2.25
C ARG C 754 5.80 -44.15 -2.44
N ASP C 755 5.60 -44.94 -1.38
CA ASP C 755 4.50 -45.90 -1.35
C ASP C 755 3.20 -45.13 -1.14
N ILE C 756 2.48 -44.89 -2.24
CA ILE C 756 1.28 -44.06 -2.20
C ILE C 756 0.11 -44.85 -1.65
N ASN C 757 0.37 -46.07 -1.19
CA ASN C 757 -0.68 -46.96 -0.71
C ASN C 757 -1.45 -46.31 0.42
N PRO C 758 -2.77 -46.19 0.31
CA PRO C 758 -3.57 -45.63 1.41
C PRO C 758 -3.78 -46.62 2.54
N ILE C 759 -3.03 -47.71 2.53
CA ILE C 759 -3.03 -48.68 3.62
C ILE C 759 -1.64 -48.65 4.25
N VAL C 760 -1.59 -48.24 5.52
CA VAL C 760 -0.33 -48.05 6.24
C VAL C 760 -0.38 -48.87 7.52
N LYS C 761 0.72 -49.57 7.80
CA LYS C 761 0.81 -50.36 9.03
C LYS C 761 0.79 -49.44 10.25
N THR C 762 -0.14 -49.70 11.15
CA THR C 762 -0.33 -48.90 12.34
C THR C 762 0.19 -49.67 13.55
N SER C 763 1.03 -49.01 14.36
CA SER C 763 1.62 -49.65 15.54
C SER C 763 0.65 -49.60 16.71
N LEU C 764 -0.51 -50.21 16.51
CA LEU C 764 -1.52 -50.36 17.54
C LEU C 764 -2.09 -51.77 17.48
N PRO C 765 -2.62 -52.27 18.60
CA PRO C 765 -3.17 -53.63 18.62
C PRO C 765 -4.36 -53.77 17.68
N ILE C 766 -4.58 -55.02 17.25
CA ILE C 766 -5.58 -55.32 16.24
C ILE C 766 -6.99 -54.95 16.71
N ASP C 767 -7.21 -54.95 18.02
CA ASP C 767 -8.54 -54.61 18.55
C ASP C 767 -8.94 -53.19 18.23
N TYR C 768 -8.00 -52.34 17.84
CA TYR C 768 -8.33 -50.97 17.46
C TYR C 768 -8.95 -50.92 16.07
N ARG C 769 -10.13 -50.33 15.97
CA ARG C 769 -10.78 -50.04 14.70
C ARG C 769 -11.50 -48.71 14.86
N PHE C 770 -10.91 -47.65 14.32
CA PHE C 770 -11.44 -46.30 14.51
C PHE C 770 -11.34 -45.53 13.21
N ARG C 771 -12.18 -44.52 13.08
CA ARG C 771 -12.33 -43.77 11.85
C ARG C 771 -12.11 -42.29 12.13
N PHE C 772 -11.55 -41.60 11.14
CA PHE C 772 -11.26 -40.18 11.24
C PHE C 772 -12.16 -39.39 10.30
N ARG C 773 -12.60 -38.23 10.77
CA ARG C 773 -13.45 -37.33 10.00
C ARG C 773 -12.88 -35.91 10.14
N SER C 774 -12.22 -35.42 9.11
CA SER C 774 -11.66 -34.08 9.15
C SER C 774 -12.78 -33.07 9.36
N VAL C 775 -12.53 -32.10 10.24
CA VAL C 775 -13.60 -31.18 10.62
C VAL C 775 -13.22 -29.72 10.42
N TYR C 776 -11.93 -29.39 10.50
CA TYR C 776 -11.54 -28.00 10.26
C TYR C 776 -10.03 -27.91 10.12
N GLY C 777 -9.59 -27.06 9.20
CA GLY C 777 -8.22 -26.60 9.15
C GLY C 777 -8.16 -25.29 8.39
N ASP C 778 -7.57 -24.26 8.97
CA ASP C 778 -7.59 -22.94 8.31
C ASP C 778 -6.35 -22.73 7.46
N THR C 779 -5.19 -22.64 8.10
CA THR C 779 -3.97 -22.39 7.34
C THR C 779 -2.83 -23.31 7.72
N ASP C 780 -2.66 -23.58 9.02
CA ASP C 780 -1.61 -24.46 9.50
C ASP C 780 -2.10 -25.45 10.54
N SER C 781 -3.20 -25.18 11.21
CA SER C 781 -3.77 -26.08 12.21
C SER C 781 -4.94 -26.81 11.59
N VAL C 782 -4.88 -28.14 11.61
CA VAL C 782 -5.93 -28.99 11.07
C VAL C 782 -6.57 -29.76 12.21
N PHE C 783 -7.89 -29.66 12.32
CA PHE C 783 -8.65 -30.36 13.34
C PHE C 783 -8.96 -31.78 12.86
N THR C 784 -8.72 -32.76 13.72
CA THR C 784 -8.97 -34.16 13.40
C THR C 784 -9.92 -34.75 14.43
N GLU C 785 -11.10 -35.16 13.99
CA GLU C 785 -12.07 -35.81 14.88
C GLU C 785 -11.79 -37.30 14.93
N ILE C 786 -11.90 -37.86 16.14
CA ILE C 786 -11.76 -39.29 16.36
C ILE C 786 -13.08 -39.84 16.86
N ASP C 787 -13.45 -41.03 16.39
CA ASP C 787 -14.77 -41.60 16.64
C ASP C 787 -14.87 -42.21 18.04
N SER C 788 -14.62 -41.38 19.05
CA SER C 788 -14.74 -41.75 20.45
C SER C 788 -14.58 -40.51 21.31
N GLN C 789 -14.86 -40.67 22.59
CA GLN C 789 -14.64 -39.61 23.58
C GLN C 789 -13.55 -39.96 24.57
N ASP C 790 -12.84 -41.07 24.37
CA ASP C 790 -11.74 -41.46 25.24
C ASP C 790 -10.53 -40.62 24.85
N VAL C 791 -10.26 -39.58 25.64
CA VAL C 791 -9.18 -38.66 25.29
C VAL C 791 -7.82 -39.35 25.40
N ASP C 792 -7.68 -40.31 26.31
CA ASP C 792 -6.42 -41.05 26.42
C ASP C 792 -6.13 -41.84 25.15
N LYS C 793 -7.14 -42.53 24.62
CA LYS C 793 -6.99 -43.19 23.34
C LYS C 793 -6.69 -42.19 22.24
N SER C 794 -7.30 -41.00 22.33
CA SER C 794 -7.01 -39.95 21.36
C SER C 794 -5.53 -39.59 21.39
N ILE C 795 -4.97 -39.45 22.58
CA ILE C 795 -3.56 -39.09 22.71
C ILE C 795 -2.66 -40.20 22.18
N GLU C 796 -2.98 -41.45 22.51
CA GLU C 796 -2.17 -42.56 22.03
C GLU C 796 -2.18 -42.62 20.50
N ILE C 797 -3.38 -42.54 19.92
CA ILE C 797 -3.51 -42.59 18.47
C ILE C 797 -2.80 -41.40 17.83
N ALA C 798 -2.85 -40.24 18.48
CA ALA C 798 -2.16 -39.07 17.95
C ALA C 798 -0.65 -39.24 17.99
N LYS C 799 -0.13 -39.85 19.06
CA LYS C 799 1.30 -40.12 19.13
C LYS C 799 1.73 -41.00 17.96
N GLU C 800 0.98 -42.06 17.69
CA GLU C 800 1.32 -42.87 16.51
C GLU C 800 1.10 -42.10 15.21
N LEU C 801 0.07 -41.25 15.19
CA LEU C 801 -0.33 -40.55 13.96
C LEU C 801 0.74 -39.56 13.53
N GLU C 802 1.40 -38.92 14.48
CA GLU C 802 2.43 -37.94 14.14
C GLU C 802 3.57 -38.61 13.38
N ARG C 803 4.05 -39.74 13.91
CA ARG C 803 5.07 -40.50 13.21
C ARG C 803 4.56 -41.02 11.88
N LEU C 804 3.30 -41.49 11.84
CA LEU C 804 2.72 -41.96 10.60
C LEU C 804 2.74 -40.88 9.53
N ILE C 805 2.26 -39.68 9.88
CA ILE C 805 2.23 -38.58 8.93
C ILE C 805 3.63 -38.24 8.47
N ASN C 806 4.54 -38.01 9.43
CA ASN C 806 5.89 -37.57 9.12
C ASN C 806 6.72 -38.61 8.39
N ASN C 807 6.29 -39.87 8.37
CA ASN C 807 7.09 -40.89 7.71
C ASN C 807 6.44 -41.46 6.46
N ARG C 808 5.13 -41.31 6.28
CA ARG C 808 4.45 -41.78 5.08
C ARG C 808 3.84 -40.63 4.29
N VAL C 809 2.98 -39.83 4.91
CA VAL C 809 2.09 -38.99 4.11
C VAL C 809 2.80 -37.73 3.64
N LEU C 810 3.48 -37.04 4.56
CA LEU C 810 4.25 -35.88 4.16
C LEU C 810 5.54 -36.32 3.49
N PHE C 811 6.35 -35.34 3.09
CA PHE C 811 7.47 -35.62 2.21
C PHE C 811 8.54 -34.55 2.39
N ASN C 812 9.73 -34.88 1.89
CA ASN C 812 10.82 -33.92 1.69
C ASN C 812 11.16 -33.17 2.98
N ASN C 813 10.63 -31.96 3.14
CA ASN C 813 10.89 -31.16 4.32
C ASN C 813 9.63 -30.83 5.12
N PHE C 814 8.45 -31.20 4.63
CA PHE C 814 7.23 -30.95 5.38
C PHE C 814 7.21 -31.77 6.67
N LYS C 815 6.90 -31.14 7.78
CA LYS C 815 6.83 -31.81 9.07
C LYS C 815 5.77 -31.13 9.92
N ILE C 816 5.01 -31.91 10.68
CA ILE C 816 4.01 -31.36 11.58
C ILE C 816 4.18 -31.96 12.96
N GLU C 817 3.51 -31.34 13.94
CA GLU C 817 3.53 -31.79 15.33
C GLU C 817 2.13 -31.61 15.91
N PHE C 818 1.65 -32.65 16.60
CA PHE C 818 0.30 -32.64 17.14
C PHE C 818 0.14 -31.58 18.22
N GLU C 819 -1.00 -30.89 18.19
CA GLU C 819 -1.22 -29.77 19.10
C GLU C 819 -1.99 -30.14 20.36
N ALA C 820 -3.23 -30.60 20.22
CA ALA C 820 -4.08 -30.79 21.40
C ALA C 820 -5.25 -31.69 21.05
N VAL C 821 -5.95 -32.12 22.09
CA VAL C 821 -7.17 -32.91 21.97
C VAL C 821 -8.30 -32.11 22.61
N TYR C 822 -9.37 -31.88 21.85
CA TYR C 822 -10.48 -31.05 22.30
C TYR C 822 -11.71 -31.94 22.46
N LYS C 823 -12.03 -32.27 23.70
CA LYS C 823 -13.28 -32.95 24.03
C LYS C 823 -14.32 -31.92 24.43
N ASN C 824 -15.57 -32.18 24.02
CA ASN C 824 -16.67 -31.22 24.19
C ASN C 824 -16.32 -29.88 23.54
N LEU C 825 -15.72 -29.96 22.34
CA LEU C 825 -15.32 -28.76 21.62
C LEU C 825 -16.57 -28.02 21.13
N ILE C 826 -16.69 -26.76 21.54
CA ILE C 826 -17.79 -25.91 21.12
C ILE C 826 -17.16 -24.69 20.45
N MET C 827 -17.01 -24.76 19.13
CA MET C 827 -16.39 -23.69 18.37
C MET C 827 -17.42 -23.03 17.46
N GLN C 828 -17.28 -21.72 17.28
CA GLN C 828 -18.09 -20.98 16.32
C GLN C 828 -17.29 -20.49 15.12
N SER C 829 -16.03 -20.12 15.32
CA SER C 829 -15.17 -19.67 14.23
C SER C 829 -13.72 -19.85 14.68
N LYS C 830 -12.80 -19.20 13.97
CA LYS C 830 -11.39 -19.32 14.30
C LYS C 830 -11.07 -18.72 15.66
N LYS C 831 -11.83 -17.70 16.08
CA LYS C 831 -11.53 -16.98 17.32
C LYS C 831 -12.46 -17.32 18.47
N LYS C 832 -13.76 -17.45 18.23
CA LYS C 832 -14.72 -17.76 19.28
C LYS C 832 -14.85 -19.27 19.35
N TYR C 833 -14.23 -19.87 20.37
CA TYR C 833 -14.31 -21.31 20.57
C TYR C 833 -13.93 -21.63 22.00
N THR C 834 -14.58 -22.66 22.56
CA THR C 834 -14.26 -23.17 23.88
C THR C 834 -14.28 -24.68 23.84
N THR C 835 -13.49 -25.30 24.71
CA THR C 835 -13.35 -26.74 24.76
C THR C 835 -12.61 -27.11 26.04
N MET C 836 -12.47 -28.41 26.26
CA MET C 836 -11.65 -28.95 27.33
C MET C 836 -10.42 -29.58 26.67
N LYS C 837 -9.32 -28.83 26.67
CA LYS C 837 -8.10 -29.28 26.00
C LYS C 837 -7.32 -30.24 26.90
N TYR C 838 -6.91 -31.37 26.33
CA TYR C 838 -6.12 -32.36 27.05
C TYR C 838 -4.70 -32.37 26.49
N SER C 839 -3.71 -32.31 27.37
CA SER C 839 -2.32 -32.34 26.96
C SER C 839 -1.87 -33.76 26.71
N ALA C 840 -0.92 -33.92 25.78
CA ALA C 840 -0.36 -35.23 25.50
C ALA C 840 0.43 -35.79 26.68
N SER C 841 0.92 -34.93 27.57
CA SER C 841 1.62 -35.37 28.77
C SER C 841 0.68 -35.85 29.85
N SER C 842 -0.63 -35.69 29.66
CA SER C 842 -1.64 -36.08 30.62
C SER C 842 -2.42 -37.29 30.10
N ASN C 843 -3.44 -37.67 30.85
CA ASN C 843 -4.31 -38.78 30.46
C ASN C 843 -5.75 -38.37 30.74
N SER C 844 -6.66 -39.35 30.66
CA SER C 844 -8.07 -39.08 30.96
C SER C 844 -8.26 -38.65 32.40
N LYS C 845 -7.54 -39.28 33.33
CA LYS C 845 -7.61 -38.93 34.75
C LYS C 845 -6.49 -37.93 35.07
N SER C 846 -6.70 -36.71 34.62
CA SER C 846 -5.70 -35.65 34.78
C SER C 846 -6.42 -34.31 34.89
N VAL C 847 -5.68 -33.22 34.72
CA VAL C 847 -6.20 -31.86 34.74
C VAL C 847 -6.22 -31.37 33.30
N PRO C 848 -7.37 -31.26 32.65
CA PRO C 848 -7.42 -30.73 31.28
C PRO C 848 -7.35 -29.21 31.26
N GLU C 849 -7.05 -28.68 30.08
CA GLU C 849 -6.94 -27.24 29.87
C GLU C 849 -8.30 -26.69 29.42
N ARG C 850 -8.91 -25.87 30.27
CA ARG C 850 -10.20 -25.27 29.96
C ARG C 850 -9.96 -23.93 29.28
N ILE C 851 -10.31 -23.84 28.00
CA ILE C 851 -10.08 -22.66 27.17
C ILE C 851 -11.41 -21.98 26.91
N ASN C 852 -11.45 -20.66 27.10
CA ASN C 852 -12.66 -19.89 26.81
C ASN C 852 -12.20 -18.51 26.34
N LYS C 853 -12.21 -18.30 25.02
CA LYS C 853 -11.80 -17.05 24.42
C LYS C 853 -12.99 -16.39 23.73
N GLY C 854 -13.05 -15.07 23.80
CA GLY C 854 -14.19 -14.33 23.29
C GLY C 854 -15.37 -14.23 24.24
N THR C 855 -15.14 -14.37 25.54
CA THR C 855 -16.20 -14.31 26.54
C THR C 855 -16.27 -12.89 27.11
N SER C 856 -17.47 -12.30 27.08
CA SER C 856 -17.65 -10.93 27.54
C SER C 856 -18.66 -10.85 28.68
#